data_4ALJ
#
_entry.id   4ALJ
#
_cell.length_a   90.240
_cell.length_b   94.756
_cell.length_c   94.803
_cell.angle_alpha   97.95
_cell.angle_beta   112.35
_cell.angle_gamma   97.36
#
_symmetry.space_group_name_H-M   'P 1'
#
loop_
_entity.id
_entity.type
_entity.pdbx_description
1 polymer 'ENOYL-[ACYL-CARRIER-PROTEIN] REDUCTASE [NADPH]'
2 non-polymer 'NADP NICOTINAMIDE-ADENINE-DINUCLEOTIDE PHOSPHATE'
3 non-polymer 'GLUTAMIC ACID'
4 non-polymer 5-CHLORO-2-PHENOXYPHENOL
5 water water
#
_entity_poly.entity_id   1
_entity_poly.type   'polypeptide(L)'
_entity_poly.pdbx_seq_one_letter_code
;MKHHHHHHPMSDYDIPTTENLYFQGAMVNLENKTYVIMGIANKRSIAFGVAKVLDQLGAKLVFTYRKERSRKELEKLLEQ
LNQPEAHLYQIDVQSDEEVINGFEQIGKDVGNIDGVYHSIAFANMEDLRGRFSETSREGFLLAQDISSYSLTIVAHEAKK
LMPEGGSIVATTYLGGEFAVQNYNVMGVAKASLEANVKYLALDLGPDNIRVNAISAGPIRTLSAKGVGGFNTILKEIEER
APLKRNVDQVEVGKTAAYLLSDLSSGVTGENIHVDSGFHAIK
;
_entity_poly.pdbx_strand_id   A,B,C,D,E,F,G,H
#
loop_
_chem_comp.id
_chem_comp.type
_chem_comp.name
_chem_comp.formula
CH8 non-polymer 5-CHLORO-2-PHENOXYPHENOL 'C12 H9 Cl O2'
NAP non-polymer 'NADP NICOTINAMIDE-ADENINE-DINUCLEOTIDE PHOSPHATE' 'C21 H28 N7 O17 P3'
#
# COMPACT_ATOMS: atom_id res chain seq x y z
N ASN A 29 17.64 27.90 -19.84
CA ASN A 29 18.51 27.99 -18.63
C ASN A 29 17.88 28.76 -17.47
N LEU A 30 18.02 28.25 -16.25
CA LEU A 30 17.25 28.72 -15.11
C LEU A 30 18.14 29.24 -13.99
N GLU A 31 19.36 29.63 -14.35
CA GLU A 31 20.26 30.35 -13.47
C GLU A 31 19.64 31.65 -13.00
N ASN A 32 19.92 31.99 -11.74
CA ASN A 32 19.34 33.16 -11.09
C ASN A 32 17.84 33.04 -10.87
N LYS A 33 17.29 31.86 -11.15
CA LYS A 33 15.89 31.56 -10.84
C LYS A 33 15.75 30.73 -9.56
N THR A 34 14.72 31.01 -8.77
CA THR A 34 14.55 30.24 -7.56
C THR A 34 13.17 29.61 -7.57
N TYR A 35 13.07 28.30 -7.29
CA TYR A 35 11.78 27.59 -7.24
C TYR A 35 11.53 26.86 -5.92
N VAL A 36 10.30 26.90 -5.40
CA VAL A 36 9.95 26.10 -4.24
C VAL A 36 9.33 24.78 -4.71
N ILE A 37 9.93 23.66 -4.30
CA ILE A 37 9.42 22.35 -4.68
C ILE A 37 8.81 21.66 -3.44
N MET A 38 7.52 21.38 -3.53
CA MET A 38 6.80 20.89 -2.37
C MET A 38 6.48 19.43 -2.62
N GLY A 39 6.84 18.55 -1.69
CA GLY A 39 6.32 17.18 -1.71
C GLY A 39 7.25 16.10 -2.22
N ILE A 40 8.53 16.24 -1.95
CA ILE A 40 9.45 15.09 -1.98
C ILE A 40 9.37 14.22 -0.71
N ALA A 41 9.06 12.94 -0.86
CA ALA A 41 9.21 11.99 0.25
C ALA A 41 10.51 11.21 0.15
N ASN A 42 10.91 10.91 -1.10
CA ASN A 42 12.04 10.01 -1.33
C ASN A 42 12.43 9.98 -2.80
N LYS A 43 13.41 9.17 -3.16
CA LYS A 43 14.00 9.25 -4.50
C LYS A 43 13.03 8.91 -5.64
N ARG A 44 11.92 8.24 -5.34
CA ARG A 44 10.99 7.93 -6.40
C ARG A 44 9.96 9.06 -6.56
N SER A 45 9.92 9.99 -5.62
CA SER A 45 8.86 11.01 -5.71
C SER A 45 8.89 11.66 -7.08
N ILE A 46 7.70 12.04 -7.57
CA ILE A 46 7.66 12.82 -8.80
C ILE A 46 8.40 14.15 -8.62
N ALA A 47 8.21 14.82 -7.47
CA ALA A 47 8.94 16.07 -7.17
C ALA A 47 10.46 15.98 -7.19
N PHE A 48 11.03 14.80 -6.94
CA PHE A 48 12.48 14.63 -7.08
C PHE A 48 12.93 14.54 -8.55
N GLY A 49 12.06 14.01 -9.43
CA GLY A 49 12.24 14.18 -10.89
C GLY A 49 12.35 15.65 -11.30
N VAL A 50 11.38 16.44 -10.85
CA VAL A 50 11.36 17.89 -11.04
C VAL A 50 12.65 18.52 -10.53
N ALA A 51 13.00 18.23 -9.26
CA ALA A 51 14.24 18.73 -8.66
C ALA A 51 15.50 18.41 -9.47
N LYS A 52 15.72 17.16 -9.84
CA LYS A 52 16.84 16.80 -10.72
C LYS A 52 16.87 17.66 -11.97
N VAL A 53 15.74 17.85 -12.63
CA VAL A 53 15.79 18.61 -13.89
C VAL A 53 16.10 20.10 -13.63
N LEU A 54 15.39 20.74 -12.69
CA LEU A 54 15.61 22.16 -12.45
C LEU A 54 17.02 22.40 -11.91
N ASP A 55 17.55 21.45 -11.16
CA ASP A 55 18.89 21.61 -10.59
C ASP A 55 19.94 21.56 -11.71
N GLN A 56 19.74 20.65 -12.66
CA GLN A 56 20.61 20.49 -13.83
C GLN A 56 20.63 21.75 -14.72
N LEU A 57 19.49 22.43 -14.78
CA LEU A 57 19.37 23.66 -15.56
C LEU A 57 19.85 24.91 -14.78
N GLY A 58 20.27 24.71 -13.52
CA GLY A 58 21.00 25.75 -12.80
C GLY A 58 20.20 26.53 -11.77
N ALA A 59 18.96 26.15 -11.54
CA ALA A 59 18.09 26.86 -10.59
C ALA A 59 18.58 26.73 -9.15
N LYS A 60 18.25 27.73 -8.31
CA LYS A 60 18.35 27.53 -6.87
C LYS A 60 17.06 26.89 -6.41
N LEU A 61 17.11 25.88 -5.54
CA LEU A 61 15.89 25.21 -5.05
C LEU A 61 15.62 25.34 -3.56
N VAL A 62 14.34 25.37 -3.17
CA VAL A 62 13.92 25.36 -1.78
C VAL A 62 12.95 24.20 -1.67
N PHE A 63 12.99 23.42 -0.58
CA PHE A 63 12.17 22.23 -0.47
C PHE A 63 11.25 22.29 0.75
N THR A 64 10.03 21.82 0.58
CA THR A 64 9.14 21.74 1.72
C THR A 64 8.77 20.29 1.98
N TYR A 65 8.55 19.91 3.24
CA TYR A 65 8.23 18.53 3.60
C TYR A 65 7.21 18.52 4.75
N ARG A 66 6.45 17.43 4.87
CA ARG A 66 5.62 17.17 6.06
C ARG A 66 6.40 16.33 7.08
N LYS A 67 6.68 15.08 6.73
CA LYS A 67 7.16 14.09 7.69
C LYS A 67 8.65 14.25 7.96
N GLU A 68 9.06 14.02 9.20
CA GLU A 68 10.48 13.98 9.61
CA GLU A 68 10.48 14.06 9.54
C GLU A 68 11.30 13.08 8.67
N ARG A 69 10.77 11.91 8.41
CA ARG A 69 11.44 10.99 7.48
C ARG A 69 11.72 11.62 6.12
N SER A 70 10.87 12.50 5.63
CA SER A 70 11.09 13.16 4.35
C SER A 70 12.20 14.24 4.35
N ARG A 71 12.32 14.99 5.44
CA ARG A 71 13.49 15.81 5.65
C ARG A 71 14.78 14.96 5.58
N LYS A 72 14.78 13.81 6.24
CA LYS A 72 15.98 12.96 6.23
C LYS A 72 16.27 12.56 4.78
N GLU A 73 15.26 12.04 4.07
CA GLU A 73 15.46 11.68 2.66
C GLU A 73 15.96 12.90 1.85
N LEU A 74 15.41 14.08 2.13
CA LEU A 74 15.83 15.28 1.43
C LEU A 74 17.29 15.64 1.68
N GLU A 75 17.80 15.46 2.89
CA GLU A 75 19.21 15.73 3.17
C GLU A 75 20.19 14.79 2.46
N LYS A 76 19.80 13.53 2.32
CA LYS A 76 20.51 12.53 1.53
C LYS A 76 20.50 12.83 0.01
N LEU A 77 19.35 13.21 -0.55
CA LEU A 77 19.23 13.44 -2.01
C LEU A 77 19.87 14.73 -2.48
N LEU A 78 20.01 15.68 -1.56
CA LEU A 78 20.74 16.92 -1.86
C LEU A 78 22.19 16.68 -2.29
N GLU A 79 22.84 15.62 -1.80
CA GLU A 79 24.20 15.28 -2.26
C GLU A 79 24.31 14.91 -3.75
N GLN A 80 23.24 14.38 -4.34
CA GLN A 80 23.10 14.24 -5.79
C GLN A 80 22.85 15.54 -6.52
N LEU A 81 22.57 16.63 -5.80
CA LEU A 81 22.16 17.83 -6.52
C LEU A 81 23.35 18.78 -6.52
N ASN A 82 23.24 19.91 -7.22
CA ASN A 82 24.34 20.87 -7.17
C ASN A 82 23.93 22.08 -6.36
N GLN A 83 22.90 21.94 -5.54
CA GLN A 83 22.49 23.05 -4.71
C GLN A 83 23.60 23.22 -3.70
N PRO A 84 24.26 24.39 -3.63
CA PRO A 84 25.31 24.57 -2.61
C PRO A 84 24.74 24.74 -1.19
N GLU A 85 23.45 25.05 -1.08
CA GLU A 85 22.83 25.21 0.22
C GLU A 85 21.56 24.39 0.31
N ALA A 86 21.41 23.65 1.39
CA ALA A 86 20.13 23.01 1.73
C ALA A 86 19.15 24.04 2.29
N HIS A 87 18.03 24.19 1.59
CA HIS A 87 16.94 25.06 2.04
C HIS A 87 15.68 24.21 2.29
N LEU A 88 15.43 23.79 3.54
CA LEU A 88 14.40 22.81 3.85
C LEU A 88 13.43 23.37 4.88
N TYR A 89 12.15 23.44 4.49
CA TYR A 89 11.12 23.94 5.36
C TYR A 89 10.03 22.90 5.60
N GLN A 90 9.65 22.67 6.86
CA GLN A 90 8.47 21.85 7.18
CA GLN A 90 8.46 21.85 7.14
C GLN A 90 7.18 22.64 6.94
N ILE A 91 6.35 22.14 6.02
CA ILE A 91 5.04 22.70 5.81
C ILE A 91 4.06 21.53 5.67
N ASP A 92 3.21 21.40 6.67
CA ASP A 92 2.00 20.58 6.54
C ASP A 92 0.86 21.45 5.95
N VAL A 93 0.46 21.19 4.71
CA VAL A 93 -0.55 22.01 4.05
C VAL A 93 -1.95 21.94 4.68
N GLN A 94 -2.11 21.07 5.68
CA GLN A 94 -3.34 21.09 6.49
C GLN A 94 -3.44 22.28 7.44
N SER A 95 -2.35 23.03 7.56
CA SER A 95 -2.29 24.11 8.53
C SER A 95 -2.02 25.42 7.83
N ASP A 96 -2.95 26.36 7.96
CA ASP A 96 -2.77 27.69 7.43
C ASP A 96 -1.47 28.30 7.94
N GLU A 97 -1.35 28.23 9.27
CA GLU A 97 -0.26 28.88 9.97
CA GLU A 97 -0.26 28.82 10.03
C GLU A 97 1.08 28.33 9.45
N GLU A 98 1.13 27.04 9.15
CA GLU A 98 2.36 26.46 8.64
C GLU A 98 2.72 26.94 7.24
N VAL A 99 1.73 27.06 6.36
CA VAL A 99 1.94 27.52 4.97
C VAL A 99 2.36 29.00 4.93
N ILE A 100 1.63 29.83 5.69
CA ILE A 100 1.93 31.26 5.84
C ILE A 100 3.30 31.51 6.44
N ASN A 101 3.59 30.91 7.59
CA ASN A 101 4.91 31.08 8.19
C ASN A 101 6.04 30.48 7.36
N GLY A 102 5.81 29.33 6.73
CA GLY A 102 6.82 28.70 5.86
C GLY A 102 7.28 29.56 4.69
N PHE A 103 6.31 30.04 3.91
CA PHE A 103 6.60 30.95 2.80
C PHE A 103 7.18 32.27 3.31
N GLU A 104 6.67 32.74 4.45
CA GLU A 104 7.17 34.00 4.96
C GLU A 104 8.65 33.79 5.26
N GLN A 105 8.99 32.65 5.85
CA GLN A 105 10.39 32.34 6.14
C GLN A 105 11.26 32.11 4.89
N ILE A 106 10.73 31.38 3.90
CA ILE A 106 11.41 31.26 2.62
C ILE A 106 11.78 32.65 2.08
N GLY A 107 10.80 33.54 1.99
CA GLY A 107 11.03 34.90 1.59
C GLY A 107 12.10 35.64 2.38
N LYS A 108 12.11 35.50 3.70
CA LYS A 108 13.21 36.02 4.53
C LYS A 108 14.55 35.37 4.24
N ASP A 109 14.59 34.10 3.85
CA ASP A 109 15.88 33.44 3.61
C ASP A 109 16.46 33.58 2.21
N VAL A 110 15.63 33.54 1.16
CA VAL A 110 16.15 33.47 -0.21
C VAL A 110 15.66 34.63 -1.08
N GLY A 111 14.73 35.42 -0.57
CA GLY A 111 14.19 36.53 -1.35
C GLY A 111 12.99 36.10 -2.19
N ASN A 112 12.79 36.83 -3.27
CA ASN A 112 11.69 36.53 -4.17
C ASN A 112 11.94 35.25 -4.94
N ILE A 113 10.89 34.53 -5.24
CA ILE A 113 10.99 33.27 -5.97
C ILE A 113 10.34 33.42 -7.33
N ASP A 114 10.58 32.44 -8.19
CA ASP A 114 10.03 32.44 -9.55
C ASP A 114 8.90 31.45 -9.77
N GLY A 115 8.70 30.49 -8.88
CA GLY A 115 7.51 29.63 -9.02
C GLY A 115 7.44 28.52 -8.01
N VAL A 116 6.39 27.71 -8.07
CA VAL A 116 6.17 26.67 -7.08
C VAL A 116 5.79 25.40 -7.84
N TYR A 117 6.49 24.30 -7.58
CA TYR A 117 6.03 23.00 -8.02
C TYR A 117 5.29 22.31 -6.86
N HIS A 118 3.97 22.12 -6.98
CA HIS A 118 3.12 21.45 -5.99
C HIS A 118 2.98 19.96 -6.37
N SER A 119 3.47 19.09 -5.50
CA SER A 119 3.47 17.66 -5.79
C SER A 119 2.93 16.94 -4.55
N ILE A 120 1.70 17.32 -4.13
CA ILE A 120 1.19 16.88 -2.84
C ILE A 120 -0.25 16.39 -2.93
N ALA A 121 -0.51 15.23 -2.33
CA ALA A 121 -1.86 14.70 -2.27
C ALA A 121 -1.91 13.64 -1.16
N PHE A 122 -3.10 13.34 -0.67
CA PHE A 122 -3.24 12.28 0.29
C PHE A 122 -4.67 11.79 0.21
N ALA A 123 -4.92 10.49 0.36
CA ALA A 123 -6.22 10.01 0.82
C ALA A 123 -6.03 8.73 1.69
N ASN A 124 -6.98 8.39 2.55
CA ASN A 124 -6.93 7.16 3.35
C ASN A 124 -6.91 5.97 2.40
N MET A 125 -6.04 4.99 2.61
N MET A 125 -6.03 5.02 2.67
CA MET A 125 -5.95 3.84 1.70
CA MET A 125 -6.21 3.65 2.23
C MET A 125 -7.31 3.25 1.29
C MET A 125 -7.67 3.22 2.40
N GLU A 126 -8.26 3.19 2.23
N GLU A 126 -8.26 3.55 3.54
CA GLU A 126 -9.52 2.51 1.96
CA GLU A 126 -9.60 3.08 3.93
C GLU A 126 -10.42 3.27 0.96
C GLU A 126 -10.70 3.56 2.99
N ASP A 127 -10.01 4.48 0.61
N ASP A 127 -10.60 4.80 2.53
CA ASP A 127 -10.71 5.31 -0.37
CA ASP A 127 -11.59 5.33 1.59
C ASP A 127 -10.07 5.25 -1.75
C ASP A 127 -11.27 4.93 0.15
N LEU A 128 -9.19 4.26 -1.98
N LEU A 128 -9.98 4.80 -0.17
CA LEU A 128 -8.49 4.08 -3.27
CA LEU A 128 -9.52 4.46 -1.52
C LEU A 128 -8.62 2.67 -3.86
C LEU A 128 -9.80 2.99 -1.88
N ARG A 129 -9.79 2.06 -3.63
N ARG A 129 -9.70 2.10 -0.90
CA ARG A 129 -10.13 0.67 -3.95
CA ARG A 129 -9.91 0.68 -1.13
C ARG A 129 -11.56 0.40 -3.47
C ARG A 129 -11.28 0.27 -0.60
N GLY A 130 -12.25 -0.60 -4.02
N GLY A 130 -12.27 1.10 -0.87
CA GLY A 130 -13.64 -0.88 -3.62
CA GLY A 130 -13.67 0.76 -0.70
C GLY A 130 -14.63 0.11 -4.20
C GLY A 130 -14.36 1.27 -1.94
N ARG A 131 -15.81 0.24 -3.57
N ARG A 131 -15.66 0.98 -2.08
CA ARG A 131 -16.89 1.16 -3.99
CA ARG A 131 -16.41 1.35 -3.31
C ARG A 131 -16.74 2.59 -3.49
C ARG A 131 -16.73 2.84 -3.31
N PHE A 132 -16.79 3.49 -4.46
CA PHE A 132 -16.77 4.94 -4.31
C PHE A 132 -17.94 5.41 -3.50
N SER A 133 -19.11 4.80 -3.75
CA SER A 133 -20.35 5.21 -3.10
C SER A 133 -20.28 5.09 -1.57
N GLU A 134 -19.25 4.41 -1.06
CA GLU A 134 -19.11 4.21 0.38
C GLU A 134 -18.08 5.15 1.03
N THR A 135 -17.48 6.06 0.27
CA THR A 135 -16.55 7.03 0.87
C THR A 135 -17.20 7.80 2.02
N SER A 136 -16.44 7.93 3.10
CA SER A 136 -16.86 8.64 4.30
C SER A 136 -16.72 10.12 3.98
N ARG A 137 -17.46 10.94 4.71
CA ARG A 137 -17.30 12.39 4.64
C ARG A 137 -15.89 12.89 4.99
N GLU A 138 -15.30 12.35 6.07
CA GLU A 138 -14.03 12.87 6.54
C GLU A 138 -12.92 12.49 5.55
N GLY A 139 -12.93 11.26 5.05
CA GLY A 139 -12.14 10.83 3.90
C GLY A 139 -12.22 11.68 2.64
N PHE A 140 -13.43 12.06 2.24
CA PHE A 140 -13.62 12.90 1.05
C PHE A 140 -13.04 14.28 1.29
N LEU A 141 -13.25 14.77 2.51
CA LEU A 141 -12.90 16.14 2.82
C LEU A 141 -11.41 16.27 3.10
N LEU A 142 -10.78 15.24 3.70
CA LEU A 142 -9.32 15.12 3.82
C LEU A 142 -8.60 15.11 2.46
N ALA A 143 -9.02 14.24 1.54
CA ALA A 143 -8.56 14.29 0.15
C ALA A 143 -8.60 15.68 -0.47
N GLN A 144 -9.77 16.33 -0.39
CA GLN A 144 -9.97 17.71 -0.87
C GLN A 144 -9.05 18.72 -0.21
N ASP A 145 -9.03 18.69 1.12
CA ASP A 145 -8.16 19.55 1.87
C ASP A 145 -6.69 19.47 1.37
N ILE A 146 -6.08 18.27 1.39
CA ILE A 146 -4.66 18.19 1.13
C ILE A 146 -4.33 18.31 -0.34
N SER A 147 -5.18 17.73 -1.17
CA SER A 147 -4.90 17.49 -2.57
C SER A 147 -5.36 18.64 -3.47
N SER A 148 -6.35 19.40 -3.00
CA SER A 148 -6.84 20.51 -3.79
C SER A 148 -6.81 21.87 -3.08
N TYR A 149 -7.45 21.99 -1.92
CA TYR A 149 -7.34 23.27 -1.25
C TYR A 149 -5.89 23.73 -1.05
N SER A 150 -4.99 22.83 -0.70
CA SER A 150 -3.58 23.23 -0.42
C SER A 150 -2.99 24.13 -1.48
N LEU A 151 -3.41 23.93 -2.72
CA LEU A 151 -2.93 24.73 -3.84
C LEU A 151 -3.41 26.18 -3.79
N THR A 152 -4.64 26.38 -3.33
CA THR A 152 -5.17 27.75 -3.24
C THR A 152 -4.39 28.57 -2.21
N ILE A 153 -4.21 28.01 -1.02
CA ILE A 153 -3.48 28.67 0.08
C ILE A 153 -2.00 28.83 -0.24
N VAL A 154 -1.41 27.80 -0.87
CA VAL A 154 0.00 27.92 -1.32
C VAL A 154 0.17 29.05 -2.32
N ALA A 155 -0.73 29.12 -3.31
CA ALA A 155 -0.70 30.17 -4.32
C ALA A 155 -0.88 31.52 -3.65
N HIS A 156 -1.86 31.63 -2.77
CA HIS A 156 -2.04 32.91 -2.04
C HIS A 156 -0.80 33.39 -1.30
N GLU A 157 -0.06 32.47 -0.67
CA GLU A 157 1.13 32.86 0.09
C GLU A 157 2.37 33.03 -0.78
N ALA A 158 2.51 32.18 -1.79
CA ALA A 158 3.64 32.24 -2.73
C ALA A 158 3.62 33.51 -3.60
N LYS A 159 2.43 34.03 -3.87
CA LYS A 159 2.23 35.26 -4.61
C LYS A 159 2.88 36.48 -3.96
N LYS A 160 3.01 36.47 -2.62
CA LYS A 160 3.73 37.49 -1.88
C LYS A 160 5.23 37.55 -2.19
N LEU A 161 5.79 36.45 -2.68
CA LEU A 161 7.20 36.39 -3.11
C LEU A 161 7.40 36.43 -4.65
N MET A 162 6.34 36.79 -5.39
CA MET A 162 6.42 36.91 -6.86
C MET A 162 5.89 38.25 -7.36
N PRO A 163 6.49 39.36 -6.88
CA PRO A 163 5.83 40.63 -7.15
C PRO A 163 5.87 40.95 -8.65
N GLU A 164 6.84 40.39 -9.35
CA GLU A 164 7.11 40.57 -10.78
C GLU A 164 6.56 39.42 -11.62
N GLY A 165 5.72 38.56 -11.02
CA GLY A 165 5.19 37.41 -11.73
C GLY A 165 5.91 36.11 -11.48
N GLY A 166 5.34 35.03 -11.96
CA GLY A 166 6.00 33.75 -11.86
C GLY A 166 5.09 32.63 -12.32
N SER A 167 5.40 31.42 -11.86
CA SER A 167 4.72 30.25 -12.42
C SER A 167 4.43 29.22 -11.35
N ILE A 168 3.22 28.67 -11.34
CA ILE A 168 2.86 27.63 -10.37
C ILE A 168 2.34 26.36 -11.06
N VAL A 169 2.95 25.21 -10.74
CA VAL A 169 2.56 23.97 -11.39
C VAL A 169 2.09 22.95 -10.33
N ALA A 170 1.02 22.25 -10.64
CA ALA A 170 0.48 21.19 -9.77
C ALA A 170 0.37 19.86 -10.56
N THR A 171 0.39 18.74 -9.85
CA THR A 171 0.51 17.42 -10.44
C THR A 171 -0.85 16.77 -10.36
N THR A 172 -1.42 16.45 -11.53
CA THR A 172 -2.72 15.80 -11.47
C THR A 172 -2.71 14.43 -12.17
N TYR A 173 -3.87 13.81 -12.31
CA TYR A 173 -3.95 12.48 -12.89
C TYR A 173 -5.25 12.39 -13.67
N LEU A 174 -5.18 11.64 -14.75
CA LEU A 174 -6.27 11.36 -15.67
C LEU A 174 -7.56 10.95 -14.97
N GLY A 175 -7.46 10.35 -13.77
CA GLY A 175 -8.62 10.07 -12.90
C GLY A 175 -9.44 11.26 -12.41
N GLY A 176 -8.87 12.47 -12.58
CA GLY A 176 -9.62 13.73 -12.43
C GLY A 176 -10.47 14.15 -13.62
N GLU A 177 -10.31 13.48 -14.77
CA GLU A 177 -11.05 13.81 -16.00
C GLU A 177 -12.02 12.70 -16.35
N PHE A 178 -11.76 11.51 -15.86
CA PHE A 178 -12.58 10.36 -16.17
C PHE A 178 -12.58 9.47 -14.95
N ALA A 179 -13.67 8.77 -14.71
CA ALA A 179 -13.76 7.74 -13.72
C ALA A 179 -12.85 6.56 -14.08
N VAL A 180 -11.76 6.39 -13.36
CA VAL A 180 -10.92 5.17 -13.47
C VAL A 180 -11.21 4.26 -12.27
N GLN A 181 -11.11 2.94 -12.47
CA GLN A 181 -11.39 2.06 -11.34
CA GLN A 181 -11.25 1.95 -11.39
C GLN A 181 -10.39 2.31 -10.18
N ASN A 182 -10.91 2.20 -8.96
CA ASN A 182 -10.10 2.33 -7.73
C ASN A 182 -9.55 3.71 -7.35
N TYR A 183 -9.34 4.59 -8.29
CA TYR A 183 -8.85 5.90 -7.91
C TYR A 183 -9.87 6.72 -7.08
N ASN A 184 -11.16 6.42 -7.21
CA ASN A 184 -12.20 6.93 -6.30
C ASN A 184 -12.08 8.37 -5.71
N VAL A 185 -11.92 8.51 -4.38
CA VAL A 185 -11.95 9.80 -3.72
C VAL A 185 -10.82 10.70 -4.29
N MET A 186 -9.76 10.10 -4.78
CA MET A 186 -8.67 10.94 -5.33
C MET A 186 -9.03 11.50 -6.73
N GLY A 187 -9.90 10.81 -7.46
CA GLY A 187 -10.37 11.35 -8.75
C GLY A 187 -11.20 12.61 -8.57
N VAL A 188 -12.10 12.59 -7.59
CA VAL A 188 -12.93 13.75 -7.30
C VAL A 188 -12.09 14.93 -6.79
N ALA A 189 -10.92 14.63 -6.23
CA ALA A 189 -10.05 15.63 -5.64
C ALA A 189 -9.06 16.15 -6.70
N LYS A 190 -8.65 15.28 -7.62
CA LYS A 190 -8.09 15.73 -8.89
C LYS A 190 -9.03 16.58 -9.76
N ALA A 191 -10.34 16.28 -9.86
CA ALA A 191 -11.25 17.13 -10.63
C ALA A 191 -11.28 18.54 -9.99
N SER A 192 -11.35 18.55 -8.67
CA SER A 192 -11.33 19.79 -7.90
C SER A 192 -10.02 20.60 -8.10
N LEU A 193 -8.88 19.93 -7.94
CA LEU A 193 -7.55 20.50 -8.27
C LEU A 193 -7.40 21.10 -9.68
N GLU A 194 -7.88 20.37 -10.68
CA GLU A 194 -7.72 20.84 -12.04
C GLU A 194 -8.55 22.12 -12.26
N ALA A 195 -9.78 22.18 -11.71
CA ALA A 195 -10.55 23.44 -11.69
C ALA A 195 -9.93 24.56 -10.84
N ASN A 196 -9.26 24.21 -9.74
CA ASN A 196 -8.58 25.13 -8.84
C ASN A 196 -7.44 25.86 -9.58
N VAL A 197 -6.70 25.09 -10.36
CA VAL A 197 -5.76 25.60 -11.36
C VAL A 197 -6.38 26.60 -12.36
N LYS A 198 -7.58 26.33 -12.86
CA LYS A 198 -8.18 27.26 -13.81
C LYS A 198 -8.70 28.54 -13.12
N TYR A 199 -9.27 28.42 -11.94
CA TYR A 199 -9.72 29.59 -11.18
C TYR A 199 -8.55 30.45 -10.71
N LEU A 200 -7.45 29.81 -10.32
CA LEU A 200 -6.22 30.50 -9.92
C LEU A 200 -5.58 31.21 -11.10
N ALA A 201 -5.51 30.53 -12.26
CA ALA A 201 -5.03 31.14 -13.48
C ALA A 201 -5.78 32.45 -13.82
N LEU A 202 -7.10 32.40 -13.72
CA LEU A 202 -7.95 33.57 -13.97
C LEU A 202 -7.65 34.61 -12.90
N ASP A 203 -7.62 34.21 -11.63
CA ASP A 203 -7.43 35.22 -10.57
C ASP A 203 -6.05 35.87 -10.65
N LEU A 204 -5.02 35.04 -10.83
CA LEU A 204 -3.65 35.49 -10.65
C LEU A 204 -3.02 35.97 -11.97
N GLY A 205 -3.70 35.74 -13.09
CA GLY A 205 -3.25 36.14 -14.42
C GLY A 205 -2.90 37.60 -14.56
N PRO A 206 -3.69 38.50 -13.95
CA PRO A 206 -3.31 39.91 -14.07
C PRO A 206 -2.12 40.29 -13.19
N ASP A 207 -1.69 39.39 -12.31
CA ASP A 207 -0.47 39.60 -11.52
C ASP A 207 0.76 39.01 -12.21
N ASN A 208 0.55 38.56 -13.44
CA ASN A 208 1.55 37.86 -14.25
C ASN A 208 2.05 36.54 -13.65
N ILE A 209 1.14 35.81 -13.00
CA ILE A 209 1.44 34.55 -12.38
C ILE A 209 0.61 33.53 -13.12
N ARG A 210 1.33 32.57 -13.72
CA ARG A 210 0.74 31.51 -14.54
C ARG A 210 0.52 30.29 -13.66
N VAL A 211 -0.59 29.58 -13.90
CA VAL A 211 -0.90 28.41 -13.07
C VAL A 211 -1.32 27.30 -14.04
N ASN A 212 -0.66 26.15 -13.93
CA ASN A 212 -0.90 25.05 -14.84
C ASN A 212 -0.79 23.71 -14.11
N ALA A 213 -1.19 22.64 -14.78
CA ALA A 213 -1.13 21.30 -14.20
C ALA A 213 -0.37 20.37 -15.14
N ILE A 214 0.40 19.45 -14.56
CA ILE A 214 1.00 18.38 -15.36
C ILE A 214 0.21 17.12 -14.99
N SER A 215 -0.43 16.46 -15.97
CA SER A 215 -1.12 15.17 -15.74
C SER A 215 -0.16 14.03 -16.07
N ALA A 216 0.50 13.50 -15.04
CA ALA A 216 1.50 12.47 -15.20
C ALA A 216 0.80 11.12 -15.33
N GLY A 217 1.35 10.28 -16.20
CA GLY A 217 0.96 8.88 -16.26
C GLY A 217 1.40 8.17 -14.99
N PRO A 218 1.03 6.89 -14.89
CA PRO A 218 1.34 6.19 -13.63
C PRO A 218 2.86 6.01 -13.45
N ILE A 219 3.38 6.18 -12.24
CA ILE A 219 4.79 6.02 -11.93
C ILE A 219 4.92 5.37 -10.57
N ARG A 220 5.80 4.38 -10.44
CA ARG A 220 5.97 3.71 -9.16
C ARG A 220 6.52 4.66 -8.11
N THR A 221 5.67 5.09 -7.19
CA THR A 221 6.09 5.93 -6.08
C THR A 221 5.55 5.37 -4.77
N LEU A 222 5.96 5.93 -3.63
CA LEU A 222 5.35 5.57 -2.37
C LEU A 222 3.81 5.70 -2.39
N SER A 223 3.27 6.84 -2.80
CA SER A 223 1.81 7.00 -2.88
C SER A 223 1.11 6.03 -3.83
N ALA A 224 1.79 5.61 -4.90
CA ALA A 224 1.12 4.70 -5.82
C ALA A 224 0.71 3.40 -5.14
N LYS A 225 1.37 3.03 -4.05
CA LYS A 225 1.02 1.80 -3.35
C LYS A 225 -0.40 1.84 -2.80
N GLY A 226 -0.99 3.03 -2.69
CA GLY A 226 -2.36 3.13 -2.21
C GLY A 226 -3.46 3.06 -3.27
N VAL A 227 -3.07 3.02 -4.54
CA VAL A 227 -4.02 2.90 -5.64
C VAL A 227 -4.31 1.43 -5.97
N GLY A 228 -5.47 0.91 -5.60
CA GLY A 228 -5.72 -0.47 -5.93
C GLY A 228 -5.46 -0.72 -7.40
N GLY A 229 -4.83 -1.84 -7.72
CA GLY A 229 -4.65 -2.26 -9.12
C GLY A 229 -3.61 -1.44 -9.86
N PHE A 230 -2.78 -0.71 -9.14
CA PHE A 230 -1.68 0.03 -9.80
C PHE A 230 -0.93 -0.77 -10.88
N ASN A 231 -0.51 -2.00 -10.60
CA ASN A 231 0.27 -2.72 -11.59
C ASN A 231 -0.48 -2.90 -12.90
N THR A 232 -1.77 -3.22 -12.82
CA THR A 232 -2.62 -3.27 -14.00
C THR A 232 -2.63 -1.99 -14.79
N ILE A 233 -2.67 -0.84 -14.10
CA ILE A 233 -2.63 0.45 -14.78
C ILE A 233 -1.35 0.64 -15.57
N LEU A 234 -0.23 0.28 -14.95
CA LEU A 234 1.09 0.40 -15.52
C LEU A 234 1.13 -0.31 -16.85
N LYS A 235 0.57 -1.51 -16.92
CA LYS A 235 0.80 -2.33 -18.09
C LYS A 235 -0.21 -1.98 -19.16
N GLU A 236 -1.38 -1.50 -18.76
CA GLU A 236 -2.32 -0.95 -19.73
C GLU A 236 -1.67 0.19 -20.52
N ILE A 237 -0.88 1.03 -19.86
CA ILE A 237 -0.12 2.04 -20.58
C ILE A 237 0.79 1.41 -21.61
N GLU A 238 1.57 0.40 -21.23
CA GLU A 238 2.59 -0.15 -22.12
C GLU A 238 1.90 -0.72 -23.32
N GLU A 239 0.70 -1.21 -23.08
CA GLU A 239 0.01 -2.01 -24.08
C GLU A 239 -0.79 -1.15 -25.06
N ARG A 240 -1.36 -0.04 -24.57
CA ARG A 240 -2.37 0.69 -25.32
C ARG A 240 -2.00 2.13 -25.64
N ALA A 241 -1.19 2.76 -24.81
CA ALA A 241 -0.92 4.19 -24.98
C ALA A 241 -0.08 4.34 -26.25
N PRO A 242 -0.22 5.45 -27.00
CA PRO A 242 0.56 5.70 -28.20
C PRO A 242 2.05 5.35 -28.13
N LEU A 243 2.76 5.75 -27.07
CA LEU A 243 4.20 5.51 -27.10
C LEU A 243 4.50 4.07 -26.68
N LYS A 244 3.48 3.31 -26.25
CA LYS A 244 3.68 1.93 -25.78
C LYS A 244 4.80 1.79 -24.72
N ARG A 245 4.90 2.72 -23.77
CA ARG A 245 5.87 2.60 -22.68
C ARG A 245 5.38 3.54 -21.61
N ASN A 246 5.78 3.31 -20.35
CA ASN A 246 5.44 4.18 -19.27
C ASN A 246 6.39 5.38 -19.31
N VAL A 247 5.98 6.50 -18.73
CA VAL A 247 6.83 7.66 -18.50
C VAL A 247 7.61 7.51 -17.18
N ASP A 248 8.66 8.30 -16.96
CA ASP A 248 9.23 8.41 -15.61
C ASP A 248 9.28 9.85 -15.01
N GLN A 249 9.69 9.97 -13.74
CA GLN A 249 9.73 11.23 -13.00
C GLN A 249 10.51 12.33 -13.70
N VAL A 250 11.56 11.92 -14.41
CA VAL A 250 12.39 12.94 -15.08
C VAL A 250 11.59 13.51 -16.26
N GLU A 251 10.64 12.74 -16.80
CA GLU A 251 9.91 13.26 -17.97
C GLU A 251 8.92 14.30 -17.49
N VAL A 252 8.38 14.07 -16.29
CA VAL A 252 7.48 15.02 -15.68
C VAL A 252 8.28 16.26 -15.37
N GLY A 253 9.48 16.09 -14.87
CA GLY A 253 10.34 17.24 -14.53
C GLY A 253 10.74 18.07 -15.72
N LYS A 254 10.87 17.47 -16.90
CA LYS A 254 11.23 18.23 -18.11
C LYS A 254 10.05 19.09 -18.58
N THR A 255 8.82 18.58 -18.46
CA THR A 255 7.62 19.39 -18.68
C THR A 255 7.43 20.48 -17.61
N ALA A 256 7.67 20.18 -16.33
CA ALA A 256 7.75 21.17 -15.26
C ALA A 256 8.76 22.27 -15.60
N ALA A 257 9.95 21.91 -16.06
CA ALA A 257 10.91 22.93 -16.47
C ALA A 257 10.31 23.87 -17.52
N TYR A 258 9.65 23.34 -18.55
CA TYR A 258 9.00 24.19 -19.55
C TYR A 258 7.95 25.12 -18.94
N LEU A 259 7.01 24.56 -18.19
CA LEU A 259 5.99 25.36 -17.50
C LEU A 259 6.49 26.43 -16.49
N LEU A 260 7.63 26.18 -15.87
CA LEU A 260 8.15 27.07 -14.82
C LEU A 260 9.02 28.16 -15.42
N SER A 261 9.41 27.97 -16.67
CA SER A 261 10.35 28.85 -17.34
C SER A 261 9.60 29.81 -18.26
N ASP A 262 10.34 30.69 -18.91
CA ASP A 262 9.77 31.64 -19.86
C ASP A 262 9.49 30.96 -21.21
N LEU A 263 9.97 29.73 -21.41
CA LEU A 263 9.53 28.94 -22.57
C LEU A 263 8.03 28.87 -22.70
N SER A 264 7.30 28.95 -21.58
CA SER A 264 5.84 28.79 -21.64
C SER A 264 4.99 30.02 -21.27
N SER A 265 5.44 31.21 -21.66
N SER A 265 5.49 31.20 -21.61
CA SER A 265 4.87 32.45 -21.11
CA SER A 265 4.66 32.39 -21.50
C SER A 265 3.41 32.70 -21.50
C SER A 265 3.60 32.24 -22.59
N GLY A 266 2.99 32.15 -22.64
N GLY A 266 2.45 32.84 -22.37
CA GLY A 266 1.66 32.41 -23.17
CA GLY A 266 1.29 32.53 -23.17
C GLY A 266 0.63 31.46 -22.60
C GLY A 266 0.53 31.31 -22.70
N VAL A 267 1.12 30.49 -21.83
CA VAL A 267 0.43 29.28 -21.38
C VAL A 267 0.01 29.40 -19.91
N THR A 268 -1.29 29.49 -19.69
CA THR A 268 -1.78 29.43 -18.31
C THR A 268 -3.11 28.71 -18.32
N GLY A 269 -3.49 28.16 -17.18
CA GLY A 269 -4.78 27.50 -17.06
C GLY A 269 -4.81 26.18 -17.81
N GLU A 270 -3.65 25.64 -18.15
CA GLU A 270 -3.53 24.45 -18.97
C GLU A 270 -3.18 23.16 -18.19
N ASN A 271 -3.51 22.02 -18.78
CA ASN A 271 -3.27 20.69 -18.20
C ASN A 271 -2.51 19.89 -19.25
N ILE A 272 -1.20 19.70 -19.05
CA ILE A 272 -0.37 19.03 -20.02
C ILE A 272 -0.15 17.57 -19.64
N HIS A 273 -0.48 16.64 -20.52
CA HIS A 273 -0.45 15.24 -20.12
C HIS A 273 0.92 14.68 -20.46
N VAL A 274 1.63 14.21 -19.45
CA VAL A 274 2.87 13.51 -19.67
C VAL A 274 2.66 12.03 -19.32
N ASP A 275 2.05 11.33 -20.28
CA ASP A 275 1.45 10.05 -20.10
C ASP A 275 1.55 9.17 -21.35
N SER A 276 2.54 9.38 -22.20
CA SER A 276 2.70 8.60 -23.43
C SER A 276 1.54 8.65 -24.43
N GLY A 277 0.68 9.66 -24.35
CA GLY A 277 -0.49 9.80 -25.22
C GLY A 277 -1.76 9.14 -24.72
N PHE A 278 -1.73 8.56 -23.53
CA PHE A 278 -2.84 7.73 -23.08
C PHE A 278 -4.14 8.53 -23.06
N HIS A 279 -4.07 9.79 -22.64
CA HIS A 279 -5.25 10.67 -22.54
C HIS A 279 -5.98 10.86 -23.88
N ALA A 280 -5.35 10.56 -25.01
CA ALA A 280 -5.89 10.91 -26.30
C ALA A 280 -6.57 9.70 -26.91
N ILE A 281 -6.52 8.59 -26.21
CA ILE A 281 -7.05 7.37 -26.81
C ILE A 281 -8.21 6.82 -25.99
N LYS A 282 -8.93 5.90 -26.61
CA LYS A 282 -10.03 5.18 -25.98
C LYS A 282 -10.15 3.78 -26.62
N VAL B 28 -42.81 12.16 -21.75
CA VAL B 28 -42.59 10.76 -21.33
C VAL B 28 -43.90 10.02 -20.93
N ASN B 29 -43.82 9.11 -19.93
CA ASN B 29 -44.97 8.46 -19.22
C ASN B 29 -44.63 7.89 -17.81
N LEU B 30 -44.87 8.63 -16.72
CA LEU B 30 -44.28 8.30 -15.41
C LEU B 30 -45.22 7.93 -14.24
N GLU B 31 -46.44 7.51 -14.51
CA GLU B 31 -47.31 7.02 -13.42
C GLU B 31 -46.75 5.72 -12.84
N ASN B 32 -46.80 5.55 -11.52
CA ASN B 32 -46.19 4.37 -10.91
C ASN B 32 -44.71 4.51 -10.58
N LYS B 33 -44.13 5.66 -10.96
CA LYS B 33 -42.78 6.01 -10.56
C LYS B 33 -42.84 6.94 -9.35
N THR B 34 -41.88 6.79 -8.44
CA THR B 34 -41.74 7.69 -7.29
C THR B 34 -40.35 8.33 -7.27
N TYR B 35 -40.29 9.67 -7.23
CA TYR B 35 -38.98 10.37 -7.24
C TYR B 35 -38.78 11.21 -6.00
N VAL B 36 -37.59 11.13 -5.39
CA VAL B 36 -37.25 12.04 -4.31
C VAL B 36 -36.64 13.34 -4.91
N ILE B 37 -37.18 14.50 -4.51
CA ILE B 37 -36.69 15.77 -5.03
C ILE B 37 -36.08 16.58 -3.88
N MET B 38 -34.79 16.86 -3.99
CA MET B 38 -34.07 17.52 -2.91
C MET B 38 -33.75 18.95 -3.34
N GLY B 39 -34.07 19.93 -2.49
CA GLY B 39 -33.59 21.29 -2.72
C GLY B 39 -34.61 22.30 -3.25
N ILE B 40 -35.91 22.10 -2.97
CA ILE B 40 -36.88 23.19 -3.16
C ILE B 40 -36.85 24.17 -1.95
N ALA B 41 -36.50 25.44 -2.22
CA ALA B 41 -36.64 26.52 -1.24
C ALA B 41 -37.90 27.35 -1.47
N ASN B 42 -38.23 27.66 -2.73
CA ASN B 42 -39.33 28.55 -3.07
C ASN B 42 -39.77 28.25 -4.49
N LYS B 43 -40.67 29.08 -5.00
CA LYS B 43 -41.29 28.87 -6.30
C LYS B 43 -40.32 29.05 -7.46
N ARG B 44 -39.19 29.70 -7.21
CA ARG B 44 -38.17 29.93 -8.25
CA ARG B 44 -38.19 29.91 -8.26
C ARG B 44 -37.10 28.83 -8.26
N SER B 45 -37.15 27.93 -7.29
CA SER B 45 -36.10 26.92 -7.29
C SER B 45 -36.10 26.08 -8.57
N ILE B 46 -34.94 25.81 -9.16
CA ILE B 46 -34.80 24.80 -10.22
C ILE B 46 -35.51 23.47 -9.94
N ALA B 47 -35.40 22.98 -8.71
CA ALA B 47 -36.14 21.80 -8.25
C ALA B 47 -37.66 21.92 -8.38
N PHE B 48 -38.20 23.13 -8.28
CA PHE B 48 -39.65 23.23 -8.42
C PHE B 48 -40.09 23.05 -9.88
N GLY B 49 -39.27 23.54 -10.81
CA GLY B 49 -39.43 23.18 -12.20
C GLY B 49 -39.33 21.69 -12.50
N VAL B 50 -38.32 21.00 -11.98
CA VAL B 50 -38.28 19.55 -12.04
C VAL B 50 -39.62 19.01 -11.55
N ALA B 51 -40.07 19.48 -10.41
CA ALA B 51 -41.22 18.84 -9.77
C ALA B 51 -42.51 19.08 -10.55
N LYS B 52 -42.72 20.30 -11.08
CA LYS B 52 -43.85 20.53 -11.99
C LYS B 52 -43.83 19.61 -13.21
N VAL B 53 -42.69 19.37 -13.83
CA VAL B 53 -42.68 18.46 -14.97
C VAL B 53 -42.99 17.02 -14.56
N LEU B 54 -42.34 16.51 -13.51
CA LEU B 54 -42.60 15.14 -13.02
C LEU B 54 -44.05 14.90 -12.59
N ASP B 55 -44.58 15.81 -11.76
CA ASP B 55 -45.97 15.81 -11.35
C ASP B 55 -46.93 15.79 -12.54
N GLN B 56 -46.68 16.61 -13.55
CA GLN B 56 -47.54 16.62 -14.74
C GLN B 56 -47.45 15.30 -15.50
N LEU B 57 -46.36 14.57 -15.32
CA LEU B 57 -46.15 13.29 -16.00
C LEU B 57 -46.67 12.05 -15.24
N GLY B 58 -47.31 12.32 -14.10
CA GLY B 58 -47.90 11.27 -13.27
C GLY B 58 -47.10 10.75 -12.10
N ALA B 59 -45.82 11.14 -11.96
CA ALA B 59 -44.96 10.63 -10.87
C ALA B 59 -45.49 10.97 -9.47
N LYS B 60 -45.26 10.06 -8.52
CA LYS B 60 -45.35 10.40 -7.09
C LYS B 60 -44.07 11.08 -6.65
N LEU B 61 -44.19 12.15 -5.88
CA LEU B 61 -43.04 12.93 -5.46
C LEU B 61 -42.89 13.01 -3.94
N VAL B 62 -41.64 12.95 -3.53
CA VAL B 62 -41.22 13.05 -2.14
C VAL B 62 -40.28 14.22 -2.15
N PHE B 63 -40.42 15.10 -1.18
CA PHE B 63 -39.62 16.33 -1.16
C PHE B 63 -38.75 16.34 0.10
N THR B 64 -37.50 16.77 -0.03
CA THR B 64 -36.67 17.01 1.15
C THR B 64 -36.16 18.45 1.19
N TYR B 65 -36.08 18.98 2.42
CA TYR B 65 -35.83 20.42 2.65
C TYR B 65 -34.87 20.50 3.83
N ARG B 66 -34.15 21.63 3.91
CA ARG B 66 -33.36 21.94 5.11
C ARG B 66 -34.04 22.94 6.09
N LYS B 67 -34.34 24.16 5.65
CA LYS B 67 -34.88 25.22 6.50
C LYS B 67 -36.39 25.09 6.68
N GLU B 68 -36.86 25.36 7.89
CA GLU B 68 -38.30 25.35 8.12
CA GLU B 68 -38.29 25.47 8.21
C GLU B 68 -39.07 26.22 7.13
N ARG B 69 -38.51 27.33 6.69
CA ARG B 69 -39.22 28.21 5.77
C ARG B 69 -39.39 27.55 4.39
N SER B 70 -38.45 26.70 4.02
CA SER B 70 -38.55 25.92 2.80
C SER B 70 -39.73 24.92 2.92
N ARG B 71 -39.89 24.30 4.09
CA ARG B 71 -41.00 23.38 4.26
CA ARG B 71 -41.01 23.40 4.34
C ARG B 71 -42.26 24.20 4.00
N LYS B 72 -42.35 25.36 4.63
CA LYS B 72 -43.54 26.20 4.53
C LYS B 72 -43.88 26.54 3.07
N GLU B 73 -42.85 26.84 2.27
CA GLU B 73 -43.05 27.10 0.84
C GLU B 73 -43.54 25.86 0.08
N LEU B 74 -42.87 24.72 0.29
CA LEU B 74 -43.32 23.41 -0.18
C LEU B 74 -44.82 23.17 0.04
N GLU B 75 -45.29 23.43 1.27
CA GLU B 75 -46.73 23.25 1.55
C GLU B 75 -47.64 24.19 0.74
N LYS B 76 -47.22 25.43 0.46
CA LYS B 76 -48.00 26.31 -0.42
CA LYS B 76 -48.02 26.29 -0.41
C LYS B 76 -47.92 25.80 -1.86
N LEU B 77 -46.75 25.32 -2.27
CA LEU B 77 -46.52 24.96 -3.66
C LEU B 77 -47.16 23.63 -4.05
N LEU B 78 -47.26 22.69 -3.11
CA LEU B 78 -47.90 21.39 -3.38
C LEU B 78 -49.31 21.56 -3.90
N GLU B 79 -49.85 22.75 -3.70
CA GLU B 79 -51.24 23.05 -4.05
C GLU B 79 -51.50 23.26 -5.53
N GLN B 80 -50.52 23.82 -6.27
CA GLN B 80 -50.48 23.69 -7.74
C GLN B 80 -50.17 22.31 -8.29
N LEU B 81 -49.85 21.36 -7.42
CA LEU B 81 -49.37 20.04 -7.83
C LEU B 81 -50.52 19.03 -7.77
N ASN B 82 -50.44 17.92 -8.51
CA ASN B 82 -51.51 16.95 -8.39
C ASN B 82 -51.15 15.92 -7.36
N GLN B 83 -50.23 16.23 -6.44
CA GLN B 83 -49.88 15.30 -5.37
C GLN B 83 -51.00 15.17 -4.33
N PRO B 84 -51.55 13.96 -4.18
CA PRO B 84 -52.58 13.87 -3.17
C PRO B 84 -51.99 13.83 -1.76
N GLU B 85 -50.72 13.48 -1.63
CA GLU B 85 -50.06 13.44 -0.33
C GLU B 85 -48.78 14.27 -0.40
N ALA B 86 -48.69 15.24 0.50
CA ALA B 86 -47.44 15.85 0.89
C ALA B 86 -46.53 14.81 1.55
N HIS B 87 -45.44 14.45 0.89
CA HIS B 87 -44.39 13.70 1.58
C HIS B 87 -43.15 14.58 1.74
N LEU B 88 -42.92 15.10 2.95
CA LEU B 88 -41.91 16.12 3.21
C LEU B 88 -41.00 15.64 4.31
N TYR B 89 -39.70 15.69 4.07
CA TYR B 89 -38.74 15.16 5.01
C TYR B 89 -37.64 16.19 5.15
N GLN B 90 -37.34 16.55 6.40
CA GLN B 90 -36.18 17.37 6.68
C GLN B 90 -34.87 16.62 6.57
N ILE B 91 -33.99 17.09 5.68
CA ILE B 91 -32.66 16.54 5.54
C ILE B 91 -31.67 17.65 5.22
N ASP B 92 -30.84 17.97 6.21
CA ASP B 92 -29.58 18.72 6.05
C ASP B 92 -28.41 17.81 5.62
N VAL B 93 -27.97 17.91 4.36
CA VAL B 93 -27.01 16.97 3.81
C VAL B 93 -25.64 17.13 4.46
N GLN B 94 -25.48 18.07 5.38
CA GLN B 94 -24.30 18.09 6.24
C GLN B 94 -24.20 16.98 7.28
N SER B 95 -25.33 16.37 7.56
CA SER B 95 -25.40 15.37 8.61
C SER B 95 -25.69 14.00 7.99
N ASP B 96 -24.76 13.05 8.12
CA ASP B 96 -24.97 11.65 7.73
C ASP B 96 -26.26 11.07 8.32
N GLU B 97 -26.41 11.26 9.62
CA GLU B 97 -27.55 10.66 10.29
CA GLU B 97 -27.56 10.77 10.39
C GLU B 97 -28.86 11.19 9.72
N GLU B 98 -28.92 12.45 9.28
CA GLU B 98 -30.11 12.98 8.63
C GLU B 98 -30.42 12.41 7.23
N VAL B 99 -29.40 12.26 6.41
CA VAL B 99 -29.55 11.59 5.12
C VAL B 99 -29.88 10.10 5.30
N ILE B 100 -29.20 9.45 6.23
CA ILE B 100 -29.41 8.03 6.48
C ILE B 100 -30.84 7.82 6.99
N ASN B 101 -31.25 8.51 8.06
CA ASN B 101 -32.60 8.38 8.61
C ASN B 101 -33.72 8.86 7.69
N GLY B 102 -33.52 9.97 6.98
CA GLY B 102 -34.54 10.49 6.06
C GLY B 102 -34.82 9.49 4.95
N PHE B 103 -33.78 8.91 4.37
CA PHE B 103 -34.06 7.94 3.29
C PHE B 103 -34.73 6.69 3.84
N GLU B 104 -34.28 6.21 4.98
CA GLU B 104 -34.88 5.06 5.66
C GLU B 104 -36.36 5.31 5.92
N GLN B 105 -36.67 6.55 6.28
CA GLN B 105 -38.04 6.94 6.61
C GLN B 105 -38.83 6.98 5.31
N ILE B 106 -38.19 7.52 4.27
CA ILE B 106 -38.83 7.57 2.97
C ILE B 106 -39.22 6.15 2.52
N GLY B 107 -38.30 5.21 2.77
CA GLY B 107 -38.52 3.81 2.45
C GLY B 107 -39.73 3.24 3.16
N LYS B 108 -39.87 3.46 4.46
CA LYS B 108 -41.06 3.04 5.22
C LYS B 108 -42.34 3.74 4.81
N ASP B 109 -42.24 4.90 4.19
CA ASP B 109 -43.45 5.68 3.88
C ASP B 109 -43.93 5.51 2.44
N VAL B 110 -43.03 5.54 1.44
CA VAL B 110 -43.44 5.28 0.04
C VAL B 110 -42.93 3.96 -0.53
N GLY B 111 -42.06 3.27 0.21
CA GLY B 111 -41.44 2.04 -0.31
C GLY B 111 -40.30 2.32 -1.27
N ASN B 112 -40.14 1.50 -2.31
CA ASN B 112 -39.07 1.69 -3.29
C ASN B 112 -39.34 2.84 -4.24
N ILE B 113 -38.25 3.48 -4.65
CA ILE B 113 -38.26 4.70 -5.44
C ILE B 113 -37.50 4.48 -6.75
N ASP B 114 -37.74 5.36 -7.70
CA ASP B 114 -37.22 5.19 -9.04
C ASP B 114 -36.05 6.13 -9.30
N GLY B 115 -35.90 7.17 -8.50
CA GLY B 115 -34.75 8.08 -8.76
C GLY B 115 -34.70 9.28 -7.85
N VAL B 116 -33.65 10.09 -7.95
CA VAL B 116 -33.45 11.22 -7.07
C VAL B 116 -33.01 12.39 -7.93
N TYR B 117 -33.67 13.54 -7.72
CA TYR B 117 -33.21 14.82 -8.27
C TYR B 117 -32.50 15.61 -7.18
N HIS B 118 -31.22 15.86 -7.38
CA HIS B 118 -30.45 16.55 -6.36
C HIS B 118 -30.19 17.96 -6.86
N SER B 119 -30.62 18.94 -6.08
CA SER B 119 -30.60 20.32 -6.50
C SER B 119 -30.13 21.14 -5.32
N ILE B 120 -29.01 20.73 -4.71
CA ILE B 120 -28.45 21.34 -3.50
C ILE B 120 -26.99 21.81 -3.67
N ALA B 121 -26.78 23.06 -3.28
CA ALA B 121 -25.45 23.58 -3.25
C ALA B 121 -25.46 24.65 -2.19
N PHE B 122 -24.27 25.07 -1.76
CA PHE B 122 -24.14 26.19 -0.83
C PHE B 122 -22.68 26.65 -0.79
N ALA B 123 -22.50 27.96 -0.69
CA ALA B 123 -21.20 28.52 -0.37
C ALA B 123 -21.42 29.86 0.34
N ASN B 124 -20.51 30.24 1.24
CA ASN B 124 -20.56 31.52 1.93
C ASN B 124 -20.49 32.68 0.95
N MET B 125 -21.18 33.78 1.26
N MET B 125 -21.36 33.66 1.15
CA MET B 125 -20.96 35.02 0.52
CA MET B 125 -21.53 34.79 0.26
C MET B 125 -19.55 35.55 0.71
C MET B 125 -20.21 35.30 -0.27
N GLU B 126 -18.95 35.27 1.87
N GLU B 126 -19.27 35.49 0.65
CA GLU B 126 -17.64 35.85 2.23
CA GLU B 126 -18.01 36.18 0.37
C GLU B 126 -16.52 35.28 1.36
C GLU B 126 -17.09 35.37 -0.56
N ASP B 127 -16.61 33.99 1.00
N ASP B 127 -17.48 34.13 -0.83
CA ASP B 127 -15.66 33.45 0.03
CA ASP B 127 -16.77 33.28 -1.75
C ASP B 127 -16.12 33.69 -1.44
C ASP B 127 -17.43 33.17 -3.14
N LEU B 128 -17.42 33.65 -1.71
N LEU B 128 -18.27 34.15 -3.50
CA LEU B 128 -17.90 33.83 -3.10
CA LEU B 128 -18.92 34.14 -4.81
C LEU B 128 -17.56 35.19 -3.69
C LEU B 128 -18.70 35.43 -5.60
N ARG B 129 -17.51 36.19 -2.83
N ARG B 129 -17.63 36.15 -5.20
CA ARG B 129 -17.38 37.58 -3.25
CA ARG B 129 -17.22 37.43 -5.77
C ARG B 129 -16.15 38.16 -2.58
C ARG B 129 -15.79 37.73 -5.33
N GLY B 130 -15.06 37.42 -2.74
N GLY B 130 -15.18 38.77 -5.90
CA GLY B 130 -13.71 37.92 -2.65
CA GLY B 130 -13.76 39.05 -5.68
C GLY B 130 -12.93 37.10 -3.66
C GLY B 130 -12.86 37.86 -5.98
N ARG B 131 -11.69 37.49 -3.92
N ARG B 131 -11.81 37.72 -5.18
CA ARG B 131 -10.83 36.82 -4.90
CA ARG B 131 -10.62 36.93 -5.55
C ARG B 131 -10.78 35.32 -4.71
C ARG B 131 -10.63 35.54 -4.92
N PHE B 132 -10.80 34.54 -5.79
CA PHE B 132 -10.66 33.10 -5.51
C PHE B 132 -9.42 32.72 -4.67
N SER B 133 -8.28 33.37 -4.89
CA SER B 133 -7.06 32.93 -4.23
C SER B 133 -7.09 33.23 -2.72
N GLU B 134 -8.06 34.02 -2.29
CA GLU B 134 -8.23 34.35 -0.89
C GLU B 134 -9.34 33.46 -0.25
N THR B 135 -9.93 32.50 -0.95
CA THR B 135 -10.90 31.55 -0.35
C THR B 135 -10.33 30.93 0.95
N SER B 136 -11.16 30.84 1.98
CA SER B 136 -10.67 30.35 3.27
C SER B 136 -10.86 28.83 3.21
N ARG B 137 -10.00 28.09 3.92
CA ARG B 137 -10.10 26.62 4.03
C ARG B 137 -11.53 26.18 4.40
N GLU B 138 -12.12 26.82 5.40
CA GLU B 138 -13.42 26.31 5.86
C GLU B 138 -14.49 26.59 4.79
N GLY B 139 -14.35 27.70 4.07
CA GLY B 139 -15.32 28.01 3.04
C GLY B 139 -15.29 27.04 1.87
N PHE B 140 -14.07 26.75 1.39
CA PHE B 140 -13.81 25.76 0.37
C PHE B 140 -14.39 24.41 0.76
N LEU B 141 -14.14 23.99 1.99
CA LEU B 141 -14.53 22.65 2.39
C LEU B 141 -16.04 22.58 2.67
N LEU B 142 -16.64 23.73 3.05
CA LEU B 142 -18.10 23.84 3.18
C LEU B 142 -18.80 23.60 1.84
N ALA B 143 -18.30 24.27 0.80
CA ALA B 143 -18.90 24.15 -0.50
C ALA B 143 -18.73 22.72 -1.04
N GLN B 144 -17.60 22.03 -0.79
CA GLN B 144 -17.38 20.64 -1.23
C GLN B 144 -18.35 19.69 -0.55
N ASP B 145 -18.44 19.87 0.75
CA ASP B 145 -19.23 19.05 1.61
C ASP B 145 -20.73 19.03 1.22
N ILE B 146 -21.37 20.20 1.24
CA ILE B 146 -22.75 20.42 0.81
C ILE B 146 -23.04 20.20 -0.69
N SER B 147 -22.17 20.71 -1.58
CA SER B 147 -22.40 20.75 -3.04
C SER B 147 -21.81 19.58 -3.86
N SER B 148 -20.87 18.82 -3.31
CA SER B 148 -20.35 17.59 -3.93
C SER B 148 -20.54 16.30 -3.11
N TYR B 149 -19.96 16.22 -1.91
CA TYR B 149 -20.06 15.05 -1.09
C TYR B 149 -21.53 14.64 -0.84
N SER B 150 -22.39 15.64 -0.65
CA SER B 150 -23.79 15.33 -0.44
C SER B 150 -24.36 14.34 -1.48
N LEU B 151 -23.84 14.33 -2.71
CA LEU B 151 -24.37 13.40 -3.72
C LEU B 151 -23.98 11.95 -3.45
N THR B 152 -22.76 11.74 -2.97
CA THR B 152 -22.21 10.42 -2.70
C THR B 152 -23.00 9.73 -1.61
N ILE B 153 -23.24 10.48 -0.53
CA ILE B 153 -23.98 9.89 0.59
C ILE B 153 -25.45 9.70 0.24
N VAL B 154 -26.08 10.68 -0.38
CA VAL B 154 -27.44 10.54 -0.92
C VAL B 154 -27.55 9.32 -1.85
N ALA B 155 -26.61 9.17 -2.78
CA ALA B 155 -26.57 8.00 -3.67
C ALA B 155 -26.47 6.66 -2.91
N HIS B 156 -25.60 6.63 -1.91
CA HIS B 156 -25.44 5.43 -1.08
C HIS B 156 -26.75 5.08 -0.36
N GLU B 157 -27.50 6.07 0.10
CA GLU B 157 -28.69 5.77 0.89
C GLU B 157 -29.89 5.53 -0.01
N ALA B 158 -29.94 6.28 -1.12
CA ALA B 158 -30.97 6.09 -2.15
C ALA B 158 -30.90 4.71 -2.78
N LYS B 159 -29.70 4.17 -2.97
CA LYS B 159 -29.55 2.87 -3.64
C LYS B 159 -30.31 1.73 -2.92
N LYS B 160 -30.29 1.75 -1.60
CA LYS B 160 -31.10 0.85 -0.80
C LYS B 160 -32.57 0.81 -1.18
N LEU B 161 -33.10 1.89 -1.76
CA LEU B 161 -34.49 1.94 -2.21
C LEU B 161 -34.64 1.71 -3.73
N MET B 162 -33.54 1.35 -4.38
CA MET B 162 -33.59 1.06 -5.81
C MET B 162 -33.08 -0.38 -6.06
N PRO B 163 -33.78 -1.40 -5.48
CA PRO B 163 -33.33 -2.78 -5.64
C PRO B 163 -33.17 -3.16 -7.11
N GLU B 164 -34.05 -2.63 -7.95
CA GLU B 164 -34.06 -3.00 -9.36
C GLU B 164 -33.54 -1.90 -10.29
N GLY B 165 -32.74 -0.97 -9.77
CA GLY B 165 -32.23 0.11 -10.58
C GLY B 165 -33.04 1.39 -10.40
N GLY B 166 -32.58 2.45 -11.06
CA GLY B 166 -32.96 3.80 -10.73
C GLY B 166 -32.08 4.80 -11.45
N SER B 167 -32.39 6.08 -11.22
CA SER B 167 -31.69 7.17 -11.88
C SER B 167 -31.48 8.33 -10.91
N ILE B 168 -30.28 8.88 -10.89
CA ILE B 168 -29.98 9.95 -9.97
C ILE B 168 -29.48 11.12 -10.80
N VAL B 169 -30.08 12.29 -10.61
CA VAL B 169 -29.71 13.47 -11.36
C VAL B 169 -29.28 14.60 -10.41
N ALA B 170 -28.16 15.22 -10.72
CA ALA B 170 -27.72 16.37 -9.96
C ALA B 170 -27.60 17.62 -10.85
N THR B 171 -27.58 18.79 -10.21
CA THR B 171 -27.60 20.05 -10.93
C THR B 171 -26.23 20.75 -10.91
N THR B 172 -25.64 20.99 -12.07
CA THR B 172 -24.32 21.61 -12.16
C THR B 172 -24.38 22.89 -12.99
N TYR B 173 -23.23 23.50 -13.20
CA TYR B 173 -23.16 24.76 -13.91
C TYR B 173 -21.83 24.86 -14.65
N LEU B 174 -21.88 25.33 -15.89
CA LEU B 174 -20.69 25.57 -16.70
C LEU B 174 -19.47 26.01 -15.88
N GLY B 175 -19.65 26.76 -14.80
CA GLY B 175 -18.58 27.09 -13.87
C GLY B 175 -17.71 25.93 -13.39
N GLY B 176 -18.23 24.70 -13.25
CA GLY B 176 -17.42 23.51 -13.07
C GLY B 176 -16.38 23.12 -14.13
N GLU B 177 -16.62 23.51 -15.38
CA GLU B 177 -15.75 23.15 -16.49
C GLU B 177 -14.77 24.26 -16.93
N PHE B 178 -15.10 25.53 -16.69
CA PHE B 178 -14.29 26.70 -17.02
C PHE B 178 -14.27 27.63 -15.81
N ALA B 179 -13.22 28.43 -15.72
CA ALA B 179 -13.18 29.47 -14.73
C ALA B 179 -14.03 30.63 -15.25
N VAL B 180 -15.20 30.87 -14.66
CA VAL B 180 -16.05 32.01 -14.97
C VAL B 180 -15.85 33.05 -13.87
N GLN B 181 -15.87 34.35 -14.17
CA GLN B 181 -15.74 35.37 -13.12
CA GLN B 181 -15.82 35.44 -13.17
C GLN B 181 -16.78 35.14 -12.00
N ASN B 182 -16.34 35.39 -10.77
CA ASN B 182 -17.14 35.44 -9.53
C ASN B 182 -17.61 34.13 -8.92
N TYR B 183 -17.92 33.15 -9.74
CA TYR B 183 -18.37 31.82 -9.30
C TYR B 183 -17.38 31.10 -8.38
N ASN B 184 -16.09 31.39 -8.57
CA ASN B 184 -15.03 31.05 -7.61
C ASN B 184 -15.08 29.64 -6.95
N VAL B 185 -15.29 29.60 -5.63
CA VAL B 185 -15.32 28.39 -4.82
C VAL B 185 -16.42 27.39 -5.24
N MET B 186 -17.48 27.90 -5.87
CA MET B 186 -18.55 27.02 -6.30
C MET B 186 -18.20 26.32 -7.64
N GLY B 187 -17.28 26.87 -8.43
CA GLY B 187 -16.89 26.22 -9.66
C GLY B 187 -15.97 25.03 -9.37
N VAL B 188 -15.12 25.16 -8.34
CA VAL B 188 -14.30 24.04 -7.88
C VAL B 188 -15.24 23.00 -7.22
N ALA B 189 -16.32 23.43 -6.56
CA ALA B 189 -17.25 22.46 -5.99
C ALA B 189 -18.01 21.75 -7.09
N LYS B 190 -18.35 22.44 -8.18
CA LYS B 190 -19.05 21.83 -9.32
C LYS B 190 -18.16 20.91 -10.13
N ALA B 191 -16.89 21.28 -10.27
CA ALA B 191 -15.94 20.38 -10.89
C ALA B 191 -15.90 19.02 -10.16
N SER B 192 -15.89 19.12 -8.84
CA SER B 192 -15.88 17.99 -7.92
C SER B 192 -17.20 17.20 -8.06
N LEU B 193 -18.32 17.92 -8.16
CA LEU B 193 -19.65 17.30 -8.31
C LEU B 193 -19.66 16.52 -9.65
N GLU B 194 -18.90 17.01 -10.61
CA GLU B 194 -19.11 16.49 -11.96
C GLU B 194 -18.28 15.21 -12.07
N ALA B 195 -17.19 15.14 -11.30
CA ALA B 195 -16.36 13.95 -11.20
C ALA B 195 -17.12 12.91 -10.40
N ASN B 196 -17.88 13.38 -9.41
CA ASN B 196 -18.69 12.57 -8.51
C ASN B 196 -19.78 11.79 -9.26
N VAL B 197 -20.55 12.46 -10.11
CA VAL B 197 -21.36 11.81 -11.14
C VAL B 197 -20.67 10.67 -11.89
N LYS B 198 -19.49 10.92 -12.49
CA LYS B 198 -18.79 9.91 -13.25
C LYS B 198 -18.40 8.72 -12.37
N TYR B 199 -17.87 9.01 -11.19
CA TYR B 199 -17.33 7.98 -10.33
C TYR B 199 -18.49 7.18 -9.75
N LEU B 200 -19.57 7.89 -9.43
CA LEU B 200 -20.81 7.20 -9.00
C LEU B 200 -21.45 6.40 -10.13
N ALA B 201 -21.48 6.93 -11.35
CA ALA B 201 -22.04 6.15 -12.45
C ALA B 201 -21.23 4.84 -12.62
N LEU B 202 -19.90 4.95 -12.56
CA LEU B 202 -19.04 3.77 -12.68
C LEU B 202 -19.31 2.76 -11.57
N ASP B 203 -19.31 3.19 -10.32
CA ASP B 203 -19.61 2.30 -9.18
C ASP B 203 -21.01 1.70 -9.23
N LEU B 204 -22.04 2.49 -9.57
CA LEU B 204 -23.45 2.00 -9.39
C LEU B 204 -24.11 1.40 -10.67
N GLY B 205 -23.49 1.64 -11.82
CA GLY B 205 -23.93 1.05 -13.07
C GLY B 205 -24.20 -0.45 -13.00
N PRO B 206 -23.32 -1.22 -12.28
CA PRO B 206 -23.65 -2.65 -12.24
C PRO B 206 -24.94 -2.90 -11.48
N ASP B 207 -25.46 -1.89 -10.79
CA ASP B 207 -26.69 -2.09 -9.99
C ASP B 207 -27.86 -1.53 -10.76
N ASN B 208 -27.62 -1.24 -12.03
CA ASN B 208 -28.56 -0.56 -12.93
C ASN B 208 -29.06 0.81 -12.43
N ILE B 209 -28.19 1.55 -11.78
CA ILE B 209 -28.54 2.88 -11.30
C ILE B 209 -27.67 3.83 -12.13
N ARG B 210 -28.33 4.76 -12.82
CA ARG B 210 -27.63 5.66 -13.71
C ARG B 210 -27.42 6.98 -12.99
N VAL B 211 -26.29 7.66 -13.23
CA VAL B 211 -26.06 8.91 -12.54
C VAL B 211 -25.62 9.90 -13.57
N ASN B 212 -26.29 11.04 -13.61
CA ASN B 212 -26.11 12.03 -14.63
C ASN B 212 -26.21 13.43 -14.01
N ALA B 213 -25.71 14.44 -14.74
CA ALA B 213 -25.84 15.82 -14.34
C ALA B 213 -26.63 16.62 -15.39
N ILE B 214 -27.39 17.63 -14.96
CA ILE B 214 -27.81 18.70 -15.88
C ILE B 214 -26.98 19.97 -15.63
N SER B 215 -26.32 20.47 -16.66
CA SER B 215 -25.65 21.77 -16.57
C SER B 215 -26.63 22.88 -16.97
N ALA B 216 -27.27 23.48 -15.98
CA ALA B 216 -28.27 24.48 -16.28
C ALA B 216 -27.61 25.81 -16.60
N GLY B 217 -28.22 26.56 -17.50
CA GLY B 217 -27.90 27.97 -17.63
C GLY B 217 -28.38 28.80 -16.45
N PRO B 218 -27.95 30.07 -16.40
CA PRO B 218 -28.33 30.96 -15.33
C PRO B 218 -29.85 31.15 -15.29
N ILE B 219 -30.38 31.10 -14.07
CA ILE B 219 -31.80 31.18 -13.78
C ILE B 219 -31.94 31.95 -12.50
N ARG B 220 -32.82 32.94 -12.45
CA ARG B 220 -32.91 33.77 -11.28
C ARG B 220 -33.62 33.05 -10.12
N THR B 221 -32.87 32.77 -9.06
CA THR B 221 -33.29 31.91 -7.95
C THR B 221 -32.77 32.61 -6.70
N LEU B 222 -33.17 32.16 -5.52
CA LEU B 222 -32.58 32.70 -4.27
C LEU B 222 -31.03 32.58 -4.22
N SER B 223 -30.50 31.39 -4.43
CA SER B 223 -29.06 31.19 -4.54
C SER B 223 -28.30 32.09 -5.51
N ALA B 224 -28.82 32.33 -6.71
CA ALA B 224 -28.18 33.24 -7.68
C ALA B 224 -27.89 34.64 -7.11
N LYS B 225 -28.61 35.02 -6.06
CA LYS B 225 -28.38 36.32 -5.46
C LYS B 225 -27.04 36.35 -4.76
N GLY B 226 -26.33 35.23 -4.81
CA GLY B 226 -25.08 35.10 -4.09
C GLY B 226 -23.90 35.21 -5.03
N VAL B 227 -24.17 35.04 -6.32
CA VAL B 227 -23.21 35.12 -7.43
C VAL B 227 -22.97 36.55 -8.00
N GLY B 228 -21.83 37.15 -7.69
CA GLY B 228 -21.48 38.46 -8.22
C GLY B 228 -21.80 38.50 -9.70
N GLY B 229 -22.17 39.68 -10.19
CA GLY B 229 -22.31 39.91 -11.61
C GLY B 229 -23.35 39.05 -12.30
N PHE B 230 -24.25 38.45 -11.52
CA PHE B 230 -25.23 37.53 -12.09
C PHE B 230 -26.04 38.10 -13.26
N ASN B 231 -26.36 39.39 -13.21
CA ASN B 231 -27.24 40.01 -14.20
C ASN B 231 -26.53 40.12 -15.53
N THR B 232 -25.25 40.47 -15.51
CA THR B 232 -24.52 40.48 -16.78
C THR B 232 -24.28 39.06 -17.33
N ILE B 233 -24.31 38.04 -16.48
CA ILE B 233 -24.29 36.65 -16.96
C ILE B 233 -25.57 36.31 -17.71
N LEU B 234 -26.72 36.62 -17.14
CA LEU B 234 -27.98 36.45 -17.86
C LEU B 234 -27.93 37.13 -19.22
N LYS B 235 -27.41 38.36 -19.25
CA LYS B 235 -27.37 39.14 -20.48
C LYS B 235 -26.38 38.57 -21.52
N GLU B 236 -25.29 37.96 -21.07
CA GLU B 236 -24.38 37.39 -22.05
C GLU B 236 -25.03 36.16 -22.71
N ILE B 237 -25.87 35.47 -21.98
CA ILE B 237 -26.58 34.36 -22.60
C ILE B 237 -27.53 34.85 -23.69
N GLU B 238 -28.32 35.87 -23.41
CA GLU B 238 -29.24 36.42 -24.41
C GLU B 238 -28.43 36.88 -25.61
N GLU B 239 -27.32 37.58 -25.37
CA GLU B 239 -26.56 38.13 -26.47
C GLU B 239 -25.72 37.10 -27.27
N ARG B 240 -25.20 36.04 -26.64
CA ARG B 240 -24.22 35.18 -27.31
C ARG B 240 -24.57 33.69 -27.53
N ALA B 241 -25.41 33.12 -26.67
CA ALA B 241 -25.85 31.72 -26.77
C ALA B 241 -26.55 31.49 -28.12
N PRO B 242 -26.28 30.35 -28.78
CA PRO B 242 -26.92 29.96 -30.03
C PRO B 242 -28.41 30.29 -30.05
N LEU B 243 -29.17 29.98 -28.99
CA LEU B 243 -30.63 30.25 -28.98
C LEU B 243 -30.98 31.71 -28.64
N LYS B 244 -30.02 32.49 -28.15
CA LYS B 244 -30.23 33.89 -27.91
C LYS B 244 -31.37 34.13 -26.93
N ARG B 245 -31.52 33.27 -25.94
CA ARG B 245 -32.45 33.54 -24.86
C ARG B 245 -31.91 32.78 -23.67
N ASN B 246 -32.45 33.04 -22.50
CA ASN B 246 -32.14 32.24 -21.34
C ASN B 246 -33.06 31.05 -21.25
N VAL B 247 -32.75 30.11 -20.35
CA VAL B 247 -33.58 28.94 -20.12
C VAL B 247 -34.35 29.21 -18.83
N ASP B 248 -35.36 28.39 -18.54
CA ASP B 248 -36.07 28.47 -17.27
C ASP B 248 -36.09 27.12 -16.55
N GLN B 249 -36.64 27.13 -15.34
CA GLN B 249 -36.64 25.95 -14.47
C GLN B 249 -37.35 24.77 -15.10
N VAL B 250 -38.33 25.01 -15.95
CA VAL B 250 -39.25 24.00 -16.54
C VAL B 250 -38.49 23.24 -17.60
N GLU B 251 -37.56 23.96 -18.22
CA GLU B 251 -36.72 23.35 -19.23
C GLU B 251 -35.75 22.40 -18.56
N VAL B 252 -35.23 22.79 -17.39
CA VAL B 252 -34.36 21.90 -16.67
C VAL B 252 -35.19 20.67 -16.27
N GLY B 253 -36.38 20.89 -15.72
CA GLY B 253 -37.31 19.80 -15.47
C GLY B 253 -37.59 18.87 -16.64
N LYS B 254 -37.72 19.38 -17.86
CA LYS B 254 -37.95 18.48 -19.02
C LYS B 254 -36.75 17.58 -19.30
N THR B 255 -35.54 18.14 -19.26
CA THR B 255 -34.37 17.31 -19.39
C THR B 255 -34.22 16.36 -18.21
N ALA B 256 -34.63 16.77 -17.01
CA ALA B 256 -34.59 15.85 -15.90
C ALA B 256 -35.60 14.69 -16.04
N ALA B 257 -36.81 14.96 -16.54
CA ALA B 257 -37.73 13.86 -16.81
C ALA B 257 -37.15 12.88 -17.81
N TYR B 258 -36.45 13.38 -18.83
CA TYR B 258 -35.82 12.47 -19.77
C TYR B 258 -34.81 11.61 -19.02
N LEU B 259 -33.96 12.23 -18.21
CA LEU B 259 -32.88 11.54 -17.45
C LEU B 259 -33.40 10.59 -16.39
N LEU B 260 -34.51 10.93 -15.76
CA LEU B 260 -35.07 10.07 -14.73
C LEU B 260 -35.94 8.93 -15.26
N SER B 261 -36.11 8.87 -16.57
CA SER B 261 -37.08 7.95 -17.12
C SER B 261 -36.31 6.95 -17.97
N ASP B 262 -36.99 5.88 -18.37
CA ASP B 262 -36.45 4.89 -19.30
C ASP B 262 -36.12 5.44 -20.70
N LEU B 263 -36.48 6.70 -20.99
CA LEU B 263 -36.02 7.30 -22.24
C LEU B 263 -34.49 7.32 -22.34
N SER B 264 -33.84 7.47 -21.20
CA SER B 264 -32.41 7.73 -21.21
C SER B 264 -31.61 6.48 -20.82
N SER B 265 -32.26 5.32 -20.87
N SER B 265 -32.19 5.30 -21.04
CA SER B 265 -31.53 4.07 -20.63
CA SER B 265 -31.67 4.05 -20.46
C SER B 265 -30.36 4.01 -21.59
C SER B 265 -30.18 3.78 -20.71
N GLY B 266 -29.23 3.51 -21.10
N GLY B 266 -29.71 4.10 -21.91
CA GLY B 266 -27.99 3.58 -21.85
CA GLY B 266 -28.31 3.83 -22.25
C GLY B 266 -27.25 4.88 -21.67
C GLY B 266 -27.37 4.95 -21.83
N VAL B 267 -27.87 5.84 -20.98
CA VAL B 267 -27.19 7.12 -20.68
C VAL B 267 -26.73 7.22 -19.23
N THR B 268 -25.42 7.33 -19.04
CA THR B 268 -24.93 7.41 -17.67
C THR B 268 -23.54 8.06 -17.65
N GLY B 269 -23.28 8.77 -16.55
CA GLY B 269 -22.04 9.50 -16.39
C GLY B 269 -22.09 10.73 -17.28
N GLU B 270 -23.28 11.17 -17.69
CA GLU B 270 -23.36 12.21 -18.71
C GLU B 270 -23.60 13.59 -18.09
N ASN B 271 -23.11 14.65 -18.75
CA ASN B 271 -23.43 16.02 -18.36
C ASN B 271 -24.31 16.68 -19.44
N ILE B 272 -25.62 16.77 -19.29
CA ILE B 272 -26.45 17.43 -20.34
C ILE B 272 -26.63 18.92 -20.11
N HIS B 273 -26.22 19.74 -21.09
CA HIS B 273 -26.26 21.22 -20.93
C HIS B 273 -27.61 21.81 -21.36
N VAL B 274 -28.33 22.36 -20.39
CA VAL B 274 -29.56 23.04 -20.69
C VAL B 274 -29.32 24.56 -20.53
N ASP B 275 -28.70 25.14 -21.55
CA ASP B 275 -28.13 26.47 -21.45
C ASP B 275 -28.22 27.20 -22.79
N SER B 276 -29.20 26.89 -23.63
CA SER B 276 -29.30 27.57 -24.90
C SER B 276 -28.11 27.35 -25.84
N GLY B 277 -27.33 26.30 -25.58
CA GLY B 277 -26.07 26.00 -26.29
C GLY B 277 -24.83 26.84 -26.00
N PHE B 278 -24.78 27.47 -24.83
CA PHE B 278 -23.77 28.47 -24.53
C PHE B 278 -22.48 27.71 -24.24
N HIS B 279 -22.63 26.54 -23.67
CA HIS B 279 -21.47 25.67 -23.55
C HIS B 279 -20.74 25.38 -24.87
N ALA B 280 -21.40 25.44 -26.02
CA ALA B 280 -20.73 24.96 -27.24
C ALA B 280 -19.95 26.05 -27.96
N ILE B 281 -19.98 27.27 -27.44
CA ILE B 281 -19.43 28.42 -28.16
C ILE B 281 -18.29 29.08 -27.41
N LYS B 282 -17.46 29.82 -28.14
CA LYS B 282 -16.39 30.61 -27.50
C LYS B 282 -16.38 32.05 -28.00
N VAL C 28 -43.58 11.48 -24.09
CA VAL C 28 -43.41 12.34 -25.30
C VAL C 28 -44.60 12.07 -26.24
N ASN C 29 -45.35 13.11 -26.61
CA ASN C 29 -46.37 13.02 -27.68
C ASN C 29 -45.94 13.63 -29.04
N LEU C 30 -45.75 12.79 -30.06
CA LEU C 30 -45.31 13.31 -31.35
C LEU C 30 -46.37 13.24 -32.46
N GLU C 31 -47.63 13.00 -32.07
CA GLU C 31 -48.78 13.25 -32.93
C GLU C 31 -48.70 14.66 -33.48
N ASN C 32 -49.00 14.82 -34.77
CA ASN C 32 -48.92 16.12 -35.42
C ASN C 32 -47.52 16.54 -35.86
N LYS C 33 -46.53 15.68 -35.67
CA LYS C 33 -45.17 16.02 -35.99
C LYS C 33 -44.71 15.15 -37.14
N THR C 34 -43.74 15.63 -37.94
CA THR C 34 -43.21 14.91 -39.10
C THR C 34 -41.70 14.96 -39.07
N TYR C 35 -41.02 13.84 -39.19
CA TYR C 35 -39.56 13.81 -39.19
C TYR C 35 -39.02 13.14 -40.44
N VAL C 36 -37.92 13.68 -40.96
CA VAL C 36 -37.19 13.02 -42.02
C VAL C 36 -36.06 12.22 -41.38
N ILE C 37 -36.06 10.91 -41.61
CA ILE C 37 -35.03 10.00 -41.14
C ILE C 37 -34.25 9.54 -42.37
N MET C 38 -32.96 9.84 -42.39
CA MET C 38 -32.04 9.57 -43.48
C MET C 38 -31.09 8.44 -43.07
N GLY C 39 -30.97 7.38 -43.84
CA GLY C 39 -29.85 6.43 -43.61
C GLY C 39 -30.28 5.05 -43.10
N ILE C 40 -31.52 4.67 -43.37
CA ILE C 40 -31.91 3.27 -43.24
C ILE C 40 -31.45 2.41 -44.43
N ALA C 41 -30.62 1.39 -44.16
CA ALA C 41 -30.35 0.32 -45.12
C ALA C 41 -31.07 -1.00 -44.82
N ASN C 42 -31.33 -1.32 -43.55
CA ASN C 42 -31.97 -2.62 -43.22
C ASN C 42 -32.52 -2.61 -41.79
N LYS C 43 -32.99 -3.75 -41.30
CA LYS C 43 -33.58 -3.82 -39.95
C LYS C 43 -32.61 -3.51 -38.78
N ARG C 44 -31.29 -3.61 -39.00
CA ARG C 44 -30.26 -3.38 -37.96
C ARG C 44 -29.76 -1.93 -37.99
N SER C 45 -30.22 -1.15 -38.96
CA SER C 45 -29.82 0.24 -39.00
C SER C 45 -30.16 0.96 -37.71
N ILE C 46 -29.25 1.79 -37.25
CA ILE C 46 -29.55 2.69 -36.13
C ILE C 46 -30.77 3.57 -36.44
N ALA C 47 -30.91 4.00 -37.70
CA ALA C 47 -32.05 4.85 -38.09
C ALA C 47 -33.37 4.07 -37.98
N PHE C 48 -33.30 2.77 -38.16
CA PHE C 48 -34.53 2.00 -38.00
C PHE C 48 -34.99 1.98 -36.53
N GLY C 49 -34.09 1.75 -35.58
CA GLY C 49 -34.30 2.06 -34.15
C GLY C 49 -34.98 3.41 -33.92
N VAL C 50 -34.40 4.47 -34.49
CA VAL C 50 -35.03 5.78 -34.41
C VAL C 50 -36.45 5.71 -34.95
N ALA C 51 -36.65 5.08 -36.12
CA ALA C 51 -37.93 5.06 -36.81
C ALA C 51 -39.01 4.37 -35.98
N LYS C 52 -38.74 3.22 -35.40
CA LYS C 52 -39.70 2.52 -34.51
C LYS C 52 -40.11 3.33 -33.27
N VAL C 53 -39.24 4.21 -32.77
CA VAL C 53 -39.62 4.91 -31.56
C VAL C 53 -40.52 6.07 -31.93
N LEU C 54 -40.08 6.89 -32.89
CA LEU C 54 -40.88 8.00 -33.38
C LEU C 54 -42.25 7.54 -33.88
N ASP C 55 -42.30 6.40 -34.56
CA ASP C 55 -43.53 5.85 -35.09
C ASP C 55 -44.44 5.47 -33.93
N GLN C 56 -43.88 4.79 -32.92
CA GLN C 56 -44.57 4.44 -31.68
C GLN C 56 -45.12 5.68 -30.93
N LEU C 57 -44.54 6.83 -31.22
CA LEU C 57 -44.82 8.02 -30.44
C LEU C 57 -45.85 8.89 -31.17
N GLY C 58 -46.45 8.34 -32.21
CA GLY C 58 -47.42 9.08 -33.01
C GLY C 58 -46.87 9.86 -34.22
N ALA C 59 -45.56 9.98 -34.38
CA ALA C 59 -45.01 10.81 -35.45
C ALA C 59 -45.24 10.28 -36.88
N LYS C 60 -45.45 11.20 -37.82
CA LYS C 60 -45.35 10.94 -39.26
C LYS C 60 -43.89 10.97 -39.76
N LEU C 61 -43.48 9.91 -40.45
CA LEU C 61 -42.12 9.76 -40.92
C LEU C 61 -41.94 9.71 -42.46
N VAL C 62 -40.87 10.36 -42.91
CA VAL C 62 -40.40 10.43 -44.28
C VAL C 62 -38.99 9.83 -44.25
N PHE C 63 -38.66 9.04 -45.27
CA PHE C 63 -37.42 8.24 -45.33
C PHE C 63 -36.61 8.52 -46.58
N THR C 64 -35.30 8.67 -46.42
CA THR C 64 -34.41 8.84 -47.58
C THR C 64 -33.33 7.75 -47.64
N TYR C 65 -33.00 7.28 -48.84
CA TYR C 65 -32.13 6.12 -48.98
C TYR C 65 -31.17 6.42 -50.12
N ARG C 66 -30.03 5.75 -50.20
CA ARG C 66 -29.23 5.96 -51.38
C ARG C 66 -29.47 4.82 -52.36
N LYS C 67 -29.31 3.59 -51.89
CA LYS C 67 -29.29 2.41 -52.74
C LYS C 67 -30.70 1.88 -52.94
N GLU C 68 -31.01 1.44 -54.16
CA GLU C 68 -32.31 0.82 -54.38
C GLU C 68 -32.56 -0.34 -53.43
N ARG C 69 -31.51 -1.10 -53.14
CA ARG C 69 -31.63 -2.19 -52.17
C ARG C 69 -32.13 -1.66 -50.82
N SER C 70 -31.80 -0.42 -50.48
CA SER C 70 -32.21 0.12 -49.20
C SER C 70 -33.69 0.51 -49.27
N ARG C 71 -34.09 1.02 -50.43
CA ARG C 71 -35.49 1.37 -50.62
C ARG C 71 -36.33 0.09 -50.51
N LYS C 72 -35.85 -1.01 -51.06
CA LYS C 72 -36.60 -2.26 -50.93
C LYS C 72 -36.71 -2.70 -49.47
N GLU C 73 -35.68 -2.47 -48.66
CA GLU C 73 -35.75 -2.80 -47.23
C GLU C 73 -36.77 -1.92 -46.50
N LEU C 74 -36.75 -0.62 -46.79
CA LEU C 74 -37.75 0.32 -46.30
C LEU C 74 -39.17 -0.13 -46.65
N GLU C 75 -39.40 -0.51 -47.91
CA GLU C 75 -40.71 -0.94 -48.36
C GLU C 75 -41.29 -2.02 -47.43
N LYS C 76 -40.49 -3.04 -47.11
CA LYS C 76 -40.94 -4.12 -46.22
C LYS C 76 -40.83 -3.82 -44.72
N LEU C 77 -39.84 -3.03 -44.31
CA LEU C 77 -39.73 -2.60 -42.90
C LEU C 77 -40.92 -1.72 -42.51
N LEU C 78 -41.50 -1.02 -43.49
CA LEU C 78 -42.70 -0.21 -43.24
C LEU C 78 -43.97 -0.97 -42.84
N GLU C 79 -44.12 -2.24 -43.21
CA GLU C 79 -45.23 -3.05 -42.69
C GLU C 79 -45.20 -3.24 -41.17
N GLN C 80 -44.01 -3.23 -40.58
CA GLN C 80 -43.80 -3.17 -39.12
C GLN C 80 -44.27 -1.89 -38.42
N LEU C 81 -44.41 -0.80 -39.16
CA LEU C 81 -44.72 0.51 -38.58
C LEU C 81 -46.20 0.87 -38.76
N ASN C 82 -46.61 2.01 -38.20
CA ASN C 82 -48.01 2.44 -38.19
C ASN C 82 -48.24 3.60 -39.15
N GLN C 83 -47.25 3.84 -39.99
CA GLN C 83 -47.33 4.86 -41.03
C GLN C 83 -48.42 4.50 -42.04
N PRO C 84 -49.43 5.38 -42.18
CA PRO C 84 -50.48 5.26 -43.17
C PRO C 84 -49.95 5.22 -44.60
N GLU C 85 -48.98 6.06 -44.94
CA GLU C 85 -48.32 5.93 -46.24
C GLU C 85 -46.80 6.09 -46.22
N ALA C 86 -46.20 5.54 -47.28
CA ALA C 86 -44.77 5.38 -47.45
C ALA C 86 -44.22 6.62 -48.16
N HIS C 87 -43.47 7.44 -47.42
CA HIS C 87 -42.83 8.59 -48.06
C HIS C 87 -41.35 8.30 -48.22
N LEU C 88 -40.92 7.95 -49.44
CA LEU C 88 -39.55 7.50 -49.67
C LEU C 88 -38.84 8.28 -50.78
N TYR C 89 -37.65 8.79 -50.49
CA TYR C 89 -36.96 9.67 -51.40
C TYR C 89 -35.52 9.18 -51.48
N GLN C 90 -35.05 9.01 -52.71
CA GLN C 90 -33.67 8.68 -52.97
C GLN C 90 -32.88 9.97 -52.81
N ILE C 91 -32.04 10.01 -51.78
CA ILE C 91 -31.07 11.10 -51.64
C ILE C 91 -29.67 10.57 -51.39
N ASP C 92 -28.85 10.63 -52.42
CA ASP C 92 -27.41 10.49 -52.28
C ASP C 92 -26.78 11.82 -51.84
N VAL C 93 -26.31 11.91 -50.59
CA VAL C 93 -25.82 13.19 -50.06
C VAL C 93 -24.52 13.71 -50.72
N GLN C 94 -23.91 12.92 -51.60
CA GLN C 94 -22.81 13.41 -52.41
C GLN C 94 -23.28 14.44 -53.45
N SER C 95 -24.58 14.41 -53.76
CA SER C 95 -25.13 15.30 -54.79
C SER C 95 -25.92 16.46 -54.18
N ASP C 96 -25.42 17.68 -54.40
CA ASP C 96 -26.16 18.91 -54.10
C ASP C 96 -27.56 18.87 -54.73
N GLU C 97 -27.65 18.59 -56.04
CA GLU C 97 -28.97 18.44 -56.68
C GLU C 97 -29.87 17.45 -55.95
N GLU C 98 -29.37 16.26 -55.62
CA GLU C 98 -30.28 15.29 -55.00
C GLU C 98 -30.78 15.74 -53.62
N VAL C 99 -29.92 16.32 -52.80
CA VAL C 99 -30.33 16.84 -51.49
C VAL C 99 -31.32 18.01 -51.68
N ILE C 100 -30.96 18.91 -52.59
CA ILE C 100 -31.79 20.10 -52.82
C ILE C 100 -33.17 19.72 -53.34
N ASN C 101 -33.24 18.89 -54.37
CA ASN C 101 -34.53 18.49 -54.93
C ASN C 101 -35.32 17.50 -54.07
N GLY C 102 -34.63 16.63 -53.33
CA GLY C 102 -35.30 15.71 -52.40
C GLY C 102 -36.06 16.42 -51.28
N PHE C 103 -35.41 17.38 -50.63
CA PHE C 103 -36.09 18.15 -49.58
C PHE C 103 -37.19 19.04 -50.12
N GLU C 104 -36.91 19.71 -51.23
CA GLU C 104 -37.94 20.48 -51.94
C GLU C 104 -39.16 19.65 -52.36
N GLN C 105 -38.94 18.47 -52.92
CA GLN C 105 -39.97 17.45 -53.02
C GLN C 105 -40.68 17.08 -51.71
N ILE C 106 -39.94 16.74 -50.65
CA ILE C 106 -40.52 16.41 -49.35
C ILE C 106 -41.50 17.49 -48.90
N GLY C 107 -41.12 18.74 -49.15
CA GLY C 107 -41.89 19.89 -48.69
C GLY C 107 -43.22 19.99 -49.41
N LYS C 108 -43.27 19.58 -50.68
CA LYS C 108 -44.51 19.56 -51.45
C LYS C 108 -45.43 18.42 -51.06
N ASP C 109 -44.84 17.29 -50.66
CA ASP C 109 -45.63 16.08 -50.38
C ASP C 109 -46.23 16.09 -48.97
N VAL C 110 -45.44 16.50 -47.97
CA VAL C 110 -45.88 16.44 -46.58
C VAL C 110 -45.94 17.83 -45.95
N GLY C 111 -45.50 18.86 -46.67
CA GLY C 111 -45.40 20.21 -46.09
C GLY C 111 -44.23 20.40 -45.14
N ASN C 112 -44.36 21.34 -44.21
CA ASN C 112 -43.29 21.63 -43.27
C ASN C 112 -42.95 20.52 -42.27
N ILE C 113 -41.68 20.42 -41.90
CA ILE C 113 -41.25 19.31 -41.06
C ILE C 113 -40.79 19.82 -39.68
N ASP C 114 -40.67 18.90 -38.73
CA ASP C 114 -40.28 19.25 -37.38
C ASP C 114 -38.83 18.97 -37.08
N GLY C 115 -38.17 18.16 -37.91
CA GLY C 115 -36.74 17.94 -37.71
C GLY C 115 -36.19 16.82 -38.59
N VAL C 116 -34.92 16.52 -38.42
CA VAL C 116 -34.23 15.58 -39.31
C VAL C 116 -33.32 14.69 -38.47
N TYR C 117 -33.42 13.38 -38.67
CA TYR C 117 -32.49 12.46 -38.06
C TYR C 117 -31.45 12.08 -39.09
N HIS C 118 -30.21 12.45 -38.84
CA HIS C 118 -29.22 12.16 -39.84
C HIS C 118 -28.38 10.95 -39.38
N SER C 119 -28.28 9.93 -40.20
CA SER C 119 -27.68 8.68 -39.75
C SER C 119 -26.89 8.09 -40.91
N ILE C 120 -25.96 8.90 -41.46
CA ILE C 120 -25.28 8.62 -42.72
C ILE C 120 -23.79 8.78 -42.56
N ALA C 121 -23.06 7.72 -42.88
CA ALA C 121 -21.63 7.80 -42.93
C ALA C 121 -21.09 6.84 -44.00
N PHE C 122 -19.86 7.08 -44.45
CA PHE C 122 -19.21 6.15 -45.35
C PHE C 122 -17.70 6.34 -45.34
N ALA C 123 -16.98 5.23 -45.42
CA ALA C 123 -15.55 5.30 -45.73
C ALA C 123 -15.23 4.01 -46.45
N ASN C 124 -14.26 4.04 -47.37
CA ASN C 124 -13.80 2.80 -47.98
C ASN C 124 -13.23 1.86 -46.94
N MET C 125 -13.29 0.57 -47.24
CA MET C 125 -12.83 -0.42 -46.28
C MET C 125 -11.35 -0.40 -45.98
N GLU C 126 -10.50 -0.13 -46.97
CA GLU C 126 -9.07 0.04 -46.70
C GLU C 126 -8.74 1.01 -45.54
N ASP C 127 -9.65 1.97 -45.30
CA ASP C 127 -9.38 3.07 -44.42
C ASP C 127 -10.06 2.83 -43.06
N LEU C 128 -10.37 1.59 -42.75
CA LEU C 128 -11.00 1.35 -41.45
C LEU C 128 -10.29 0.22 -40.65
N ARG C 129 -8.99 0.06 -40.95
CA ARG C 129 -8.10 -0.92 -40.32
C ARG C 129 -6.70 -0.46 -40.61
N GLY C 130 -5.68 -1.17 -40.13
CA GLY C 130 -4.28 -0.78 -40.36
C GLY C 130 -3.91 0.65 -39.94
N ARG C 131 -3.06 1.31 -40.74
CA ARG C 131 -2.41 2.55 -40.35
C ARG C 131 -3.15 3.78 -40.87
N PHE C 132 -3.72 4.55 -39.94
CA PHE C 132 -4.24 5.87 -40.29
C PHE C 132 -3.26 6.64 -41.19
N SER C 133 -1.94 6.53 -40.98
CA SER C 133 -1.02 7.47 -41.68
C SER C 133 -0.93 7.17 -43.19
N GLU C 134 -1.50 6.05 -43.61
CA GLU C 134 -1.48 5.67 -45.02
C GLU C 134 -2.71 6.08 -45.80
N THR C 135 -3.67 6.69 -45.09
CA THR C 135 -4.96 7.10 -45.69
C THR C 135 -4.71 7.89 -46.97
N SER C 136 -5.49 7.59 -48.01
CA SER C 136 -5.42 8.37 -49.23
C SER C 136 -6.23 9.67 -49.10
N ARG C 137 -5.84 10.69 -49.85
CA ARG C 137 -6.60 11.93 -49.96
C ARG C 137 -8.02 11.65 -50.41
N GLU C 138 -8.15 10.76 -51.39
CA GLU C 138 -9.48 10.59 -51.98
C GLU C 138 -10.37 9.89 -50.96
N GLY C 139 -9.77 8.99 -50.19
CA GLY C 139 -10.45 8.27 -49.09
C GLY C 139 -10.77 9.16 -47.90
N PHE C 140 -9.89 10.12 -47.62
CA PHE C 140 -10.11 11.05 -46.52
C PHE C 140 -11.21 12.08 -46.87
N LEU C 141 -11.20 12.60 -48.10
CA LEU C 141 -12.20 13.59 -48.49
C LEU C 141 -13.56 12.91 -48.74
N LEU C 142 -13.52 11.64 -49.17
CA LEU C 142 -14.73 10.84 -49.32
C LEU C 142 -15.44 10.70 -47.99
N ALA C 143 -14.70 10.34 -46.94
CA ALA C 143 -15.34 10.16 -45.63
C ALA C 143 -15.94 11.45 -45.06
N GLN C 144 -15.22 12.57 -45.24
CA GLN C 144 -15.67 13.92 -44.85
C GLN C 144 -16.93 14.38 -45.60
N ASP C 145 -16.87 14.23 -46.92
CA ASP C 145 -17.94 14.59 -47.79
C ASP C 145 -19.22 13.89 -47.33
N ILE C 146 -19.22 12.55 -47.27
CA ILE C 146 -20.42 11.80 -46.95
C ILE C 146 -20.86 11.94 -45.50
N SER C 147 -19.90 11.94 -44.57
CA SER C 147 -20.17 11.75 -43.15
C SER C 147 -20.22 13.06 -42.36
N SER C 148 -19.78 14.16 -42.95
CA SER C 148 -19.71 15.44 -42.21
C SER C 148 -20.35 16.59 -43.00
N TYR C 149 -19.83 16.89 -44.20
CA TYR C 149 -20.48 17.90 -45.03
C TYR C 149 -21.96 17.63 -45.30
N SER C 150 -22.34 16.37 -45.52
CA SER C 150 -23.76 16.12 -45.81
C SER C 150 -24.68 16.74 -44.77
N LEU C 151 -24.24 16.87 -43.53
CA LEU C 151 -25.07 17.44 -42.48
C LEU C 151 -25.31 18.92 -42.75
N THR C 152 -24.26 19.63 -43.15
CA THR C 152 -24.40 21.05 -43.44
C THR C 152 -25.46 21.36 -44.50
N ILE C 153 -25.36 20.71 -45.67
CA ILE C 153 -26.25 20.97 -46.77
C ILE C 153 -27.65 20.45 -46.43
N VAL C 154 -27.74 19.28 -45.82
CA VAL C 154 -29.04 18.77 -45.36
C VAL C 154 -29.73 19.76 -44.41
N ALA C 155 -28.97 20.41 -43.55
CA ALA C 155 -29.53 21.48 -42.72
C ALA C 155 -29.97 22.73 -43.49
N HIS C 156 -29.14 23.19 -44.43
CA HIS C 156 -29.50 24.36 -45.24
C HIS C 156 -30.82 24.13 -45.94
N GLU C 157 -31.01 22.93 -46.51
CA GLU C 157 -32.23 22.62 -47.28
C GLU C 157 -33.39 22.28 -46.36
N ALA C 158 -33.10 21.65 -45.24
CA ALA C 158 -34.15 21.28 -44.29
C ALA C 158 -34.72 22.50 -43.58
N LYS C 159 -33.95 23.57 -43.51
CA LYS C 159 -34.35 24.74 -42.74
C LYS C 159 -35.56 25.42 -43.44
N LYS C 160 -35.57 25.34 -44.78
CA LYS C 160 -36.65 25.83 -45.64
C LYS C 160 -38.03 25.27 -45.28
N LEU C 161 -38.03 24.12 -44.63
CA LEU C 161 -39.25 23.43 -44.24
C LEU C 161 -39.52 23.50 -42.73
N MET C 162 -38.77 24.34 -42.01
CA MET C 162 -38.95 24.45 -40.56
C MET C 162 -39.15 25.91 -40.16
N PRO C 163 -40.03 26.63 -40.88
CA PRO C 163 -40.18 28.08 -40.70
C PRO C 163 -40.35 28.53 -39.25
N GLU C 164 -40.92 27.67 -38.41
CA GLU C 164 -41.19 27.94 -37.01
C GLU C 164 -40.21 27.25 -36.06
N GLY C 165 -39.09 26.77 -36.60
CA GLY C 165 -38.12 26.05 -35.79
C GLY C 165 -38.21 24.54 -35.94
N GLY C 166 -37.37 23.82 -35.20
CA GLY C 166 -37.14 22.40 -35.44
C GLY C 166 -35.88 21.88 -34.81
N SER C 167 -35.56 20.65 -35.16
CA SER C 167 -34.52 19.92 -34.46
C SER C 167 -33.78 18.94 -35.34
N ILE C 168 -32.48 19.14 -35.50
CA ILE C 168 -31.67 18.24 -36.29
C ILE C 168 -30.71 17.44 -35.39
N VAL C 169 -30.66 16.12 -35.60
CA VAL C 169 -29.82 15.19 -34.82
C VAL C 169 -28.99 14.35 -35.77
N ALA C 170 -27.68 14.29 -35.54
CA ALA C 170 -26.79 13.45 -36.33
C ALA C 170 -26.15 12.36 -35.44
N THR C 171 -25.57 11.34 -36.08
CA THR C 171 -25.13 10.21 -35.29
C THR C 171 -23.64 10.12 -35.26
N THR C 172 -23.06 10.19 -34.06
CA THR C 172 -21.61 10.10 -34.00
C THR C 172 -21.06 8.96 -33.16
N TYR C 173 -19.76 8.95 -32.97
CA TYR C 173 -19.08 7.88 -32.25
C TYR C 173 -17.93 8.47 -31.46
N LEU C 174 -17.71 7.91 -30.26
CA LEU C 174 -16.58 8.27 -29.42
C LEU C 174 -15.26 8.39 -30.19
N GLY C 175 -15.14 7.67 -31.32
CA GLY C 175 -13.96 7.72 -32.21
C GLY C 175 -13.58 9.12 -32.74
N GLY C 176 -14.57 10.02 -32.78
CA GLY C 176 -14.35 11.44 -33.06
C GLY C 176 -13.80 12.29 -31.92
N GLU C 177 -13.85 11.80 -30.69
CA GLU C 177 -13.28 12.51 -29.56
C GLU C 177 -11.96 11.92 -29.07
N PHE C 178 -11.62 10.68 -29.44
CA PHE C 178 -10.40 9.98 -29.01
C PHE C 178 -9.84 9.16 -30.16
N ALA C 179 -8.53 8.90 -30.21
CA ALA C 179 -8.01 8.02 -31.24
C ALA C 179 -8.32 6.61 -30.78
N VAL C 180 -9.03 5.89 -31.62
CA VAL C 180 -9.52 4.55 -31.38
C VAL C 180 -8.83 3.65 -32.42
N GLN C 181 -8.40 2.44 -32.06
CA GLN C 181 -7.69 1.59 -33.02
C GLN C 181 -8.68 1.33 -34.15
N ASN C 182 -8.20 1.39 -35.41
CA ASN C 182 -8.93 1.00 -36.64
C ASN C 182 -9.97 1.98 -37.19
N TYR C 183 -10.53 2.82 -36.34
CA TYR C 183 -11.59 3.68 -36.77
C TYR C 183 -11.01 4.76 -37.67
N ASN C 184 -9.76 5.16 -37.46
CA ASN C 184 -8.99 5.82 -38.54
C ASN C 184 -9.66 7.01 -39.24
N VAL C 185 -9.86 6.90 -40.55
CA VAL C 185 -10.43 8.01 -41.35
C VAL C 185 -11.84 8.46 -40.86
N MET C 186 -12.63 7.55 -40.32
CA MET C 186 -13.93 7.88 -39.75
C MET C 186 -13.89 8.70 -38.47
N GLY C 187 -12.94 8.43 -37.58
CA GLY C 187 -12.89 9.18 -36.34
C GLY C 187 -12.55 10.63 -36.72
N VAL C 188 -11.70 10.82 -37.73
CA VAL C 188 -11.46 12.19 -38.17
C VAL C 188 -12.71 12.79 -38.77
N ALA C 189 -13.56 11.99 -39.43
CA ALA C 189 -14.73 12.50 -40.11
C ALA C 189 -15.77 12.83 -39.04
N LYS C 190 -15.74 12.05 -37.96
CA LYS C 190 -16.67 12.30 -36.83
C LYS C 190 -16.25 13.51 -35.99
N ALA C 191 -14.96 13.78 -35.84
CA ALA C 191 -14.55 15.02 -35.19
C ALA C 191 -15.16 16.21 -35.94
N SER C 192 -15.01 16.15 -37.25
CA SER C 192 -15.53 17.14 -38.18
C SER C 192 -17.05 17.31 -38.08
N LEU C 193 -17.77 16.18 -38.09
CA LEU C 193 -19.20 16.12 -37.76
C LEU C 193 -19.56 16.77 -36.43
N GLU C 194 -18.87 16.43 -35.36
CA GLU C 194 -19.19 17.06 -34.08
C GLU C 194 -18.92 18.57 -34.09
N ALA C 195 -17.90 19.09 -34.77
CA ALA C 195 -17.70 20.53 -34.86
C ALA C 195 -18.84 21.14 -35.68
N ASN C 196 -19.29 20.41 -36.70
CA ASN C 196 -20.35 20.81 -37.63
C ASN C 196 -21.69 21.04 -36.92
N VAL C 197 -22.05 20.13 -36.03
CA VAL C 197 -23.18 20.31 -35.15
C VAL C 197 -23.10 21.57 -34.29
N LYS C 198 -21.90 21.91 -33.81
CA LYS C 198 -21.81 23.08 -32.95
C LYS C 198 -21.97 24.34 -33.80
N TYR C 199 -21.29 24.36 -34.94
CA TYR C 199 -21.28 25.53 -35.80
C TYR C 199 -22.66 25.66 -36.41
N LEU C 200 -23.29 24.54 -36.76
CA LEU C 200 -24.69 24.60 -37.18
C LEU C 200 -25.62 25.10 -36.08
N ALA C 201 -25.40 24.64 -34.86
CA ALA C 201 -26.17 25.09 -33.70
C ALA C 201 -26.17 26.61 -33.52
N LEU C 202 -24.98 27.21 -33.60
CA LEU C 202 -24.79 28.65 -33.44
C LEU C 202 -25.47 29.41 -34.59
N ASP C 203 -25.35 28.89 -35.80
CA ASP C 203 -25.91 29.56 -36.97
C ASP C 203 -27.43 29.47 -36.95
N LEU C 204 -27.96 28.30 -36.61
CA LEU C 204 -29.39 28.09 -36.79
C LEU C 204 -30.23 28.42 -35.55
N GLY C 205 -29.60 28.63 -34.39
CA GLY C 205 -30.28 28.89 -33.11
C GLY C 205 -31.24 30.06 -33.16
N PRO C 206 -30.82 31.19 -33.76
CA PRO C 206 -31.77 32.32 -33.92
C PRO C 206 -33.03 31.92 -34.68
N ASP C 207 -32.96 30.90 -35.51
CA ASP C 207 -34.12 30.44 -36.29
C ASP C 207 -34.98 29.45 -35.51
N ASN C 208 -34.61 29.29 -34.23
CA ASN C 208 -35.16 28.22 -33.40
C ASN C 208 -34.97 26.79 -33.97
N ILE C 209 -33.83 26.55 -34.59
CA ILE C 209 -33.58 25.19 -35.03
C ILE C 209 -32.45 24.66 -34.17
N ARG C 210 -32.77 23.66 -33.38
CA ARG C 210 -31.74 23.02 -32.56
C ARG C 210 -30.95 21.97 -33.32
N VAL C 211 -29.65 21.89 -33.04
CA VAL C 211 -28.79 20.90 -33.68
C VAL C 211 -27.93 20.15 -32.66
N ASN C 212 -27.99 18.82 -32.68
CA ASN C 212 -27.34 17.99 -31.65
C ASN C 212 -26.85 16.67 -32.23
N ALA C 213 -26.04 15.98 -31.45
CA ALA C 213 -25.42 14.71 -31.84
C ALA C 213 -25.76 13.66 -30.78
N ILE C 214 -26.07 12.45 -31.24
CA ILE C 214 -26.03 11.31 -30.37
C ILE C 214 -24.77 10.52 -30.65
N SER C 215 -23.99 10.27 -29.61
CA SER C 215 -22.80 9.42 -29.72
C SER C 215 -23.14 8.02 -29.30
N ALA C 216 -23.38 7.15 -30.28
CA ALA C 216 -23.90 5.82 -30.01
C ALA C 216 -22.73 4.92 -29.67
N GLY C 217 -22.93 4.04 -28.69
CA GLY C 217 -22.06 2.89 -28.50
C GLY C 217 -22.06 1.97 -29.70
N PRO C 218 -21.12 1.01 -29.72
CA PRO C 218 -21.08 0.01 -30.78
C PRO C 218 -22.37 -0.85 -30.91
N ILE C 219 -22.88 -0.98 -32.14
CA ILE C 219 -24.10 -1.74 -32.40
C ILE C 219 -23.88 -2.56 -33.68
N ARG C 220 -24.31 -3.82 -33.70
CA ARG C 220 -24.07 -4.65 -34.85
C ARG C 220 -24.94 -4.20 -36.02
N THR C 221 -24.32 -3.52 -36.97
CA THR C 221 -25.00 -3.05 -38.17
C THR C 221 -24.21 -3.48 -39.44
N LEU C 222 -24.76 -3.29 -40.63
CA LEU C 222 -24.04 -3.51 -41.87
C LEU C 222 -22.72 -2.71 -41.93
N SER C 223 -22.74 -1.41 -41.61
CA SER C 223 -21.51 -0.61 -41.63
C SER C 223 -20.47 -1.05 -40.60
N ALA C 224 -20.90 -1.57 -39.46
CA ALA C 224 -19.94 -2.02 -38.46
C ALA C 224 -19.11 -3.17 -39.02
N LYS C 225 -19.66 -3.89 -39.99
CA LYS C 225 -18.90 -4.97 -40.60
C LYS C 225 -17.59 -4.48 -41.22
N GLY C 226 -17.47 -3.20 -41.50
CA GLY C 226 -16.25 -2.73 -42.15
C GLY C 226 -15.21 -2.16 -41.20
N VAL C 227 -15.63 -1.90 -39.96
CA VAL C 227 -14.73 -1.48 -38.89
C VAL C 227 -13.96 -2.62 -38.21
N GLY C 228 -12.64 -2.70 -38.45
CA GLY C 228 -11.80 -3.78 -37.95
C GLY C 228 -11.88 -3.89 -36.46
N GLY C 229 -11.73 -5.11 -35.95
CA GLY C 229 -11.83 -5.34 -34.51
C GLY C 229 -13.17 -5.00 -33.88
N PHE C 230 -14.18 -4.79 -34.72
CA PHE C 230 -15.50 -4.47 -34.15
C PHE C 230 -15.92 -5.38 -32.99
N ASN C 231 -15.78 -6.68 -33.14
CA ASN C 231 -16.19 -7.59 -32.06
C ASN C 231 -15.49 -7.31 -30.73
N THR C 232 -14.20 -6.99 -30.78
CA THR C 232 -13.42 -6.54 -29.61
C THR C 232 -13.94 -5.25 -28.98
N ILE C 233 -14.36 -4.30 -29.80
CA ILE C 233 -15.06 -3.09 -29.35
C ILE C 233 -16.35 -3.41 -28.51
N LEU C 234 -17.22 -4.24 -29.04
CA LEU C 234 -18.42 -4.60 -28.32
C LEU C 234 -18.10 -5.29 -27.00
N LYS C 235 -17.02 -6.09 -26.97
CA LYS C 235 -16.71 -6.90 -25.81
C LYS C 235 -16.13 -6.01 -24.71
N GLU C 236 -15.32 -5.02 -25.10
CA GLU C 236 -14.75 -4.10 -24.14
C GLU C 236 -15.82 -3.27 -23.36
N ILE C 237 -16.81 -2.75 -24.08
CA ILE C 237 -17.99 -2.11 -23.51
C ILE C 237 -18.58 -2.96 -22.42
N GLU C 238 -18.76 -4.24 -22.71
CA GLU C 238 -19.49 -5.14 -21.82
C GLU C 238 -18.71 -5.39 -20.53
N GLU C 239 -17.40 -5.42 -20.67
CA GLU C 239 -16.48 -5.69 -19.59
C GLU C 239 -16.10 -4.43 -18.77
N ARG C 240 -16.20 -3.23 -19.36
CA ARG C 240 -15.61 -2.01 -18.77
C ARG C 240 -16.57 -0.80 -18.61
N ALA C 241 -17.55 -0.68 -19.49
CA ALA C 241 -18.49 0.43 -19.41
C ALA C 241 -19.29 0.35 -18.08
N PRO C 242 -19.68 1.50 -17.48
CA PRO C 242 -20.49 1.48 -16.27
C PRO C 242 -21.62 0.46 -16.29
N LEU C 243 -22.35 0.29 -17.39
CA LEU C 243 -23.60 -0.46 -17.34
C LEU C 243 -23.30 -1.93 -17.61
N LYS C 244 -22.07 -2.22 -18.01
CA LYS C 244 -21.65 -3.60 -18.23
C LYS C 244 -22.54 -4.29 -19.23
N ARG C 245 -23.01 -3.58 -20.24
CA ARG C 245 -23.77 -4.19 -21.31
C ARG C 245 -23.62 -3.25 -22.51
N ASN C 246 -23.97 -3.78 -23.67
CA ASN C 246 -24.06 -2.96 -24.86
C ASN C 246 -25.43 -2.32 -24.98
N VAL C 247 -25.53 -1.23 -25.72
CA VAL C 247 -26.81 -0.56 -25.99
C VAL C 247 -27.33 -1.07 -27.32
N ASP C 248 -28.57 -0.75 -27.67
CA ASP C 248 -29.06 -1.06 -28.99
C ASP C 248 -29.73 0.14 -29.66
N GLN C 249 -30.20 -0.12 -30.90
CA GLN C 249 -30.72 0.90 -31.80
C GLN C 249 -31.92 1.63 -31.23
N VAL C 250 -32.80 0.88 -30.61
CA VAL C 250 -33.95 1.46 -29.90
C VAL C 250 -33.54 2.40 -28.75
N GLU C 251 -32.53 2.06 -27.97
CA GLU C 251 -32.01 3.02 -27.00
C GLU C 251 -31.50 4.34 -27.62
N VAL C 252 -30.81 4.24 -28.76
CA VAL C 252 -30.49 5.43 -29.55
C VAL C 252 -31.77 6.17 -30.02
N GLY C 253 -32.82 5.44 -30.36
CA GLY C 253 -34.09 6.05 -30.78
C GLY C 253 -34.80 6.85 -29.70
N LYS C 254 -34.86 6.30 -28.49
CA LYS C 254 -35.35 7.01 -27.32
C LYS C 254 -34.59 8.32 -27.10
N THR C 255 -33.27 8.35 -27.17
CA THR C 255 -32.59 9.61 -26.96
C THR C 255 -32.89 10.54 -28.12
N ALA C 256 -32.99 10.01 -29.33
CA ALA C 256 -33.47 10.78 -30.49
C ALA C 256 -34.82 11.44 -30.29
N ALA C 257 -35.81 10.66 -29.83
CA ALA C 257 -37.10 11.20 -29.46
C ALA C 257 -37.02 12.39 -28.48
N TYR C 258 -36.21 12.25 -27.44
CA TYR C 258 -35.92 13.36 -26.56
C TYR C 258 -35.40 14.54 -27.38
N LEU C 259 -34.40 14.30 -28.21
CA LEU C 259 -33.67 15.39 -28.85
C LEU C 259 -34.50 16.07 -29.90
N LEU C 260 -35.42 15.35 -30.54
CA LEU C 260 -36.26 15.84 -31.62
C LEU C 260 -37.58 16.46 -31.13
N SER C 261 -37.85 16.37 -29.83
CA SER C 261 -39.13 16.79 -29.25
C SER C 261 -38.96 18.04 -28.41
N ASP C 262 -40.05 18.59 -27.88
CA ASP C 262 -39.93 19.74 -26.99
C ASP C 262 -39.31 19.39 -25.61
N LEU C 263 -39.06 18.12 -25.32
CA LEU C 263 -38.46 17.85 -24.02
C LEU C 263 -37.03 18.42 -23.96
N SER C 264 -36.39 18.54 -25.12
CA SER C 264 -35.03 19.06 -25.11
C SER C 264 -34.92 20.54 -25.46
N SER C 265 -36.03 21.27 -25.36
N SER C 265 -35.98 21.31 -25.20
CA SER C 265 -35.98 22.70 -25.58
CA SER C 265 -36.10 22.63 -25.83
C SER C 265 -34.93 23.24 -24.61
C SER C 265 -34.89 23.55 -25.62
N GLY C 266 -34.00 24.07 -25.09
N GLY C 266 -34.22 23.48 -24.47
CA GLY C 266 -32.91 24.58 -24.25
CA GLY C 266 -33.09 24.37 -24.13
C GLY C 266 -31.61 23.84 -24.54
C GLY C 266 -31.71 23.80 -24.45
N VAL C 267 -31.73 22.69 -25.18
CA VAL C 267 -30.55 21.90 -25.52
C VAL C 267 -30.12 22.01 -26.99
N THR C 268 -28.97 22.59 -27.23
CA THR C 268 -28.46 22.66 -28.60
C THR C 268 -26.91 22.66 -28.55
N GLY C 269 -26.28 22.17 -29.60
CA GLY C 269 -24.84 22.11 -29.66
C GLY C 269 -24.30 20.99 -28.79
N GLU C 270 -25.18 20.10 -28.36
CA GLU C 270 -24.87 19.04 -27.42
C GLU C 270 -24.62 17.66 -28.07
N ASN C 271 -23.81 16.86 -27.38
CA ASN C 271 -23.47 15.49 -27.84
C ASN C 271 -23.82 14.47 -26.76
N ILE C 272 -24.99 13.85 -26.82
CA ILE C 272 -25.38 12.96 -25.77
C ILE C 272 -24.83 11.57 -26.02
N HIS C 273 -24.05 11.02 -25.10
CA HIS C 273 -23.49 9.68 -25.36
C HIS C 273 -24.42 8.54 -24.97
N VAL C 274 -24.84 7.69 -25.91
CA VAL C 274 -25.79 6.62 -25.52
C VAL C 274 -25.02 5.30 -25.58
N ASP C 275 -24.17 5.07 -24.59
CA ASP C 275 -23.06 4.12 -24.74
C ASP C 275 -22.75 3.41 -23.43
N SER C 276 -23.73 3.28 -22.55
CA SER C 276 -23.49 2.51 -21.36
C SER C 276 -22.52 3.19 -20.40
N GLY C 277 -22.23 4.47 -20.64
CA GLY C 277 -21.33 5.19 -19.77
C GLY C 277 -19.87 5.21 -20.18
N PHE C 278 -19.49 4.45 -21.23
CA PHE C 278 -18.12 4.21 -21.64
C PHE C 278 -17.36 5.51 -21.77
N HIS C 279 -17.99 6.54 -22.32
CA HIS C 279 -17.26 7.80 -22.54
C HIS C 279 -16.74 8.36 -21.22
N ALA C 280 -17.30 7.97 -20.08
CA ALA C 280 -16.91 8.64 -18.82
C ALA C 280 -15.76 7.97 -18.07
N ILE C 281 -15.24 6.85 -18.57
CA ILE C 281 -14.25 6.08 -17.87
C ILE C 281 -12.99 5.98 -18.70
N LYS C 282 -11.86 5.82 -18.02
CA LYS C 282 -10.61 5.47 -18.66
C LYS C 282 -9.98 4.27 -17.95
N ASN D 29 18.64 23.41 -26.11
CA ASN D 29 19.74 23.32 -27.13
C ASN D 29 19.43 22.36 -28.28
N LEU D 30 19.19 22.90 -29.47
CA LEU D 30 18.83 22.13 -30.67
C LEU D 30 19.94 22.09 -31.72
N GLU D 31 21.19 22.18 -31.27
CA GLU D 31 22.33 21.95 -32.17
C GLU D 31 22.29 20.52 -32.71
N ASN D 32 22.67 20.32 -33.97
CA ASN D 32 22.57 18.99 -34.59
C ASN D 32 21.14 18.44 -34.71
N LYS D 33 20.15 19.28 -34.46
CA LYS D 33 18.79 19.02 -34.86
C LYS D 33 18.47 19.70 -36.19
N THR D 34 17.63 19.05 -36.97
CA THR D 34 17.14 19.58 -38.25
C THR D 34 15.60 19.56 -38.21
N TYR D 35 14.99 20.72 -38.44
CA TYR D 35 13.52 20.75 -38.56
C TYR D 35 13.05 21.32 -39.89
N VAL D 36 11.92 20.84 -40.37
CA VAL D 36 11.36 21.34 -41.61
C VAL D 36 10.18 22.21 -41.17
N ILE D 37 10.19 23.47 -41.56
CA ILE D 37 9.09 24.36 -41.22
C ILE D 37 8.24 24.68 -42.45
N MET D 38 6.96 24.42 -42.34
CA MET D 38 6.09 24.57 -43.48
C MET D 38 5.13 25.71 -43.23
N GLY D 39 5.10 26.70 -44.12
CA GLY D 39 4.02 27.68 -44.09
C GLY D 39 4.45 29.08 -43.72
N ILE D 40 5.69 29.43 -44.02
CA ILE D 40 6.11 30.84 -43.90
C ILE D 40 5.65 31.61 -45.15
N ALA D 41 4.84 32.66 -44.96
CA ALA D 41 4.46 33.57 -46.05
C ALA D 41 5.17 34.91 -45.97
N ASN D 42 5.24 35.51 -44.78
CA ASN D 42 5.94 36.77 -44.56
C ASN D 42 6.50 36.93 -43.15
N LYS D 43 7.01 38.12 -42.83
CA LYS D 43 7.57 38.33 -41.49
C LYS D 43 6.59 38.08 -40.35
N ARG D 44 5.28 38.07 -40.66
CA ARG D 44 4.28 37.95 -39.59
C ARG D 44 3.71 36.55 -39.39
N SER D 45 4.15 35.59 -40.20
CA SER D 45 3.68 34.21 -40.07
C SER D 45 4.03 33.63 -38.72
N ILE D 46 3.12 32.85 -38.19
CA ILE D 46 3.45 32.16 -36.97
C ILE D 46 4.73 31.35 -37.17
N ALA D 47 4.90 30.76 -38.36
CA ALA D 47 5.98 29.83 -38.61
C ALA D 47 7.34 30.57 -38.63
N PHE D 48 7.34 31.84 -38.98
CA PHE D 48 8.59 32.61 -38.88
C PHE D 48 8.91 32.93 -37.42
N GLY D 49 7.87 32.91 -36.59
CA GLY D 49 8.05 33.02 -35.14
C GLY D 49 8.74 31.76 -34.63
N VAL D 50 8.30 30.61 -35.15
CA VAL D 50 8.90 29.32 -34.84
C VAL D 50 10.34 29.30 -35.39
N ALA D 51 10.50 29.66 -36.66
CA ALA D 51 11.82 29.71 -37.29
C ALA D 51 12.79 30.44 -36.37
N LYS D 52 12.34 31.56 -35.81
CA LYS D 52 13.22 32.44 -35.07
C LYS D 52 13.65 31.77 -33.78
N VAL D 53 12.71 31.12 -33.10
CA VAL D 53 13.03 30.52 -31.83
C VAL D 53 14.02 29.36 -32.03
N LEU D 54 13.75 28.51 -33.01
CA LEU D 54 14.59 27.32 -33.28
C LEU D 54 15.97 27.74 -33.79
N ASP D 55 16.00 28.75 -34.66
CA ASP D 55 17.27 29.29 -35.11
C ASP D 55 18.14 29.76 -33.91
N GLN D 56 17.61 30.61 -33.02
CA GLN D 56 18.33 31.05 -31.82
C GLN D 56 18.88 29.85 -31.05
N LEU D 57 18.11 28.76 -30.99
CA LEU D 57 18.48 27.56 -30.22
C LEU D 57 19.50 26.61 -30.88
N GLY D 58 19.99 26.94 -32.07
CA GLY D 58 20.99 26.13 -32.80
C GLY D 58 20.52 25.07 -33.79
N ALA D 59 19.23 25.07 -34.12
CA ALA D 59 18.64 24.16 -35.12
C ALA D 59 19.07 24.51 -36.54
N LYS D 60 19.39 23.49 -37.34
CA LYS D 60 19.41 23.67 -38.81
C LYS D 60 17.97 23.61 -39.30
N LEU D 61 17.57 24.55 -40.16
CA LEU D 61 16.17 24.55 -40.60
C LEU D 61 16.02 24.41 -42.12
N VAL D 62 14.93 23.74 -42.52
CA VAL D 62 14.52 23.58 -43.91
C VAL D 62 13.14 24.20 -44.06
N PHE D 63 12.89 24.95 -45.12
CA PHE D 63 11.61 25.64 -45.22
C PHE D 63 10.83 25.18 -46.43
N THR D 64 9.51 25.15 -46.32
CA THR D 64 8.71 24.87 -47.50
C THR D 64 7.70 26.00 -47.71
N TYR D 65 7.43 26.31 -48.98
CA TYR D 65 6.53 27.39 -49.33
C TYR D 65 5.59 26.96 -50.46
N ARG D 66 4.49 27.67 -50.66
CA ARG D 66 3.55 27.31 -51.70
C ARG D 66 3.83 28.01 -53.03
N LYS D 67 3.82 29.33 -53.03
CA LYS D 67 3.93 30.06 -54.28
C LYS D 67 5.22 30.91 -54.34
N GLU D 68 5.73 31.24 -55.53
CA GLU D 68 7.01 31.96 -55.57
C GLU D 68 7.03 33.21 -54.72
N ARG D 69 5.93 33.97 -54.74
CA ARG D 69 5.79 35.21 -53.96
C ARG D 69 6.20 35.04 -52.49
N SER D 70 5.91 33.87 -51.92
CA SER D 70 6.44 33.53 -50.59
C SER D 70 7.93 33.12 -50.62
N ARG D 71 8.45 32.77 -51.80
CA ARG D 71 9.85 32.32 -51.93
C ARG D 71 10.83 33.47 -51.84
N LYS D 72 10.54 34.52 -52.61
CA LYS D 72 11.37 35.71 -52.70
C LYS D 72 11.42 36.40 -51.35
N GLU D 73 10.24 36.73 -50.83
CA GLU D 73 9.99 37.00 -49.40
C GLU D 73 10.84 36.17 -48.45
N LEU D 74 10.61 34.85 -48.52
CA LEU D 74 11.31 33.89 -47.70
C LEU D 74 12.81 34.10 -47.74
N GLU D 75 13.39 34.03 -48.93
CA GLU D 75 14.82 34.26 -49.11
C GLU D 75 15.34 35.50 -48.38
N LYS D 76 14.55 36.58 -48.31
CA LYS D 76 15.02 37.78 -47.62
C LYS D 76 14.80 37.67 -46.13
N LEU D 77 13.72 37.03 -45.71
CA LEU D 77 13.55 36.75 -44.30
C LEU D 77 14.74 36.02 -43.69
N LEU D 78 15.33 35.06 -44.41
CA LEU D 78 16.40 34.22 -43.87
C LEU D 78 17.70 34.95 -43.54
N GLU D 79 17.91 36.13 -44.11
CA GLU D 79 19.10 36.85 -43.74
C GLU D 79 18.94 37.45 -42.35
N GLN D 80 17.84 37.14 -41.68
CA GLN D 80 17.63 37.52 -40.28
C GLN D 80 17.92 36.36 -39.33
N LEU D 81 18.11 35.17 -39.88
CA LEU D 81 18.47 33.96 -39.16
C LEU D 81 19.95 33.67 -39.33
N ASN D 82 20.53 32.76 -38.55
CA ASN D 82 21.88 32.30 -38.89
C ASN D 82 21.79 30.87 -39.37
N GLN D 83 21.06 30.68 -40.46
CA GLN D 83 21.26 29.52 -41.32
C GLN D 83 22.36 29.92 -42.28
N PRO D 84 23.47 29.16 -42.35
CA PRO D 84 24.47 29.33 -43.42
C PRO D 84 23.94 28.83 -44.76
N GLU D 85 22.88 28.01 -44.76
CA GLU D 85 22.27 27.63 -46.02
C GLU D 85 20.76 27.90 -46.08
N ALA D 86 20.32 28.34 -47.25
CA ALA D 86 18.90 28.54 -47.54
C ALA D 86 18.18 27.26 -48.02
N HIS D 87 18.03 26.26 -47.17
CA HIS D 87 17.38 25.05 -47.66
C HIS D 87 15.88 25.34 -47.90
N LEU D 88 15.49 25.49 -49.16
CA LEU D 88 14.15 25.94 -49.55
C LEU D 88 13.50 25.05 -50.60
N TYR D 89 12.28 24.57 -50.33
CA TYR D 89 11.55 23.70 -51.24
C TYR D 89 10.11 24.14 -51.45
N GLN D 90 9.69 24.20 -52.70
CA GLN D 90 8.29 24.43 -53.02
C GLN D 90 7.44 23.17 -52.77
N ILE D 91 6.44 23.27 -51.90
CA ILE D 91 5.51 22.16 -51.71
C ILE D 91 4.12 22.76 -51.55
N ASP D 92 3.29 22.55 -52.57
CA ASP D 92 1.86 22.69 -52.39
C ASP D 92 1.27 21.40 -51.84
N VAL D 93 0.70 21.43 -50.64
CA VAL D 93 0.18 20.24 -49.94
C VAL D 93 -1.10 19.67 -50.52
N GLN D 94 -1.69 20.36 -51.49
CA GLN D 94 -2.74 19.81 -52.34
C GLN D 94 -2.28 18.77 -53.36
N SER D 95 -0.99 18.69 -53.66
CA SER D 95 -0.50 17.64 -54.56
C SER D 95 0.31 16.58 -53.80
N ASP D 96 -0.11 15.31 -53.87
CA ASP D 96 0.66 14.23 -53.26
C ASP D 96 2.12 14.25 -53.76
N GLU D 97 2.28 14.34 -55.08
CA GLU D 97 3.60 14.20 -55.68
C GLU D 97 4.56 15.28 -55.21
N GLU D 98 4.05 16.48 -54.96
CA GLU D 98 4.93 17.56 -54.53
C GLU D 98 5.34 17.32 -53.07
N VAL D 99 4.41 16.79 -52.25
CA VAL D 99 4.76 16.47 -50.87
C VAL D 99 5.73 15.28 -50.86
N ILE D 100 5.46 14.25 -51.65
CA ILE D 100 6.32 13.07 -51.77
C ILE D 100 7.74 13.43 -52.25
N ASN D 101 7.85 14.07 -53.42
CA ASN D 101 9.16 14.45 -53.97
C ASN D 101 9.87 15.49 -53.13
N GLY D 102 9.11 16.45 -52.61
CA GLY D 102 9.63 17.45 -51.67
C GLY D 102 10.30 16.83 -50.46
N PHE D 103 9.61 15.93 -49.76
CA PHE D 103 10.30 15.29 -48.63
C PHE D 103 11.47 14.41 -49.10
N GLU D 104 11.32 13.79 -50.27
CA GLU D 104 12.39 13.00 -50.83
C GLU D 104 13.64 13.85 -51.08
N GLN D 105 13.46 15.03 -51.65
CA GLN D 105 14.60 15.90 -51.94
C GLN D 105 15.22 16.40 -50.64
N ILE D 106 14.40 16.64 -49.63
CA ILE D 106 14.86 17.14 -48.35
C ILE D 106 15.85 16.14 -47.75
N GLY D 107 15.50 14.86 -47.82
CA GLY D 107 16.35 13.78 -47.30
C GLY D 107 17.65 13.67 -48.07
N LYS D 108 17.60 13.82 -49.40
CA LYS D 108 18.83 13.75 -50.18
C LYS D 108 19.78 14.89 -49.83
N ASP D 109 19.26 16.10 -49.58
CA ASP D 109 20.12 17.27 -49.36
C ASP D 109 20.61 17.41 -47.91
N VAL D 110 19.75 17.08 -46.95
CA VAL D 110 20.12 17.23 -45.55
C VAL D 110 19.99 15.98 -44.68
N GLY D 111 19.76 14.82 -45.29
CA GLY D 111 19.69 13.59 -44.52
C GLY D 111 18.45 13.58 -43.62
N ASN D 112 18.51 12.79 -42.55
CA ASN D 112 17.38 12.62 -41.63
C ASN D 112 17.03 13.87 -40.83
N ILE D 113 15.74 14.01 -40.51
CA ILE D 113 15.30 15.18 -39.77
C ILE D 113 14.85 14.84 -38.36
N ASP D 114 14.67 15.85 -37.53
CA ASP D 114 14.19 15.59 -36.19
C ASP D 114 12.72 15.95 -36.00
N GLY D 115 12.11 16.66 -36.95
CA GLY D 115 10.68 16.88 -36.90
C GLY D 115 10.17 17.90 -37.88
N VAL D 116 8.88 18.16 -37.82
CA VAL D 116 8.19 19.04 -38.76
C VAL D 116 7.28 20.00 -38.01
N TYR D 117 7.45 21.29 -38.25
CA TYR D 117 6.41 22.25 -37.87
C TYR D 117 5.44 22.51 -39.06
N HIS D 118 4.18 22.11 -38.90
CA HIS D 118 3.13 22.33 -39.89
C HIS D 118 2.36 23.61 -39.55
N SER D 119 2.38 24.60 -40.46
CA SER D 119 1.77 25.91 -40.16
C SER D 119 0.95 26.38 -41.35
N ILE D 120 0.01 25.54 -41.76
CA ILE D 120 -0.62 25.64 -43.07
C ILE D 120 -2.13 25.40 -42.96
N ALA D 121 -2.92 26.29 -43.56
CA ALA D 121 -4.38 26.23 -43.53
C ALA D 121 -4.88 27.16 -44.62
N PHE D 122 -6.08 26.89 -45.15
CA PHE D 122 -6.64 27.76 -46.18
C PHE D 122 -8.13 27.55 -46.21
N ALA D 123 -8.87 28.64 -46.42
CA ALA D 123 -10.26 28.51 -46.85
C ALA D 123 -10.55 29.66 -47.79
N ASN D 124 -11.54 29.51 -48.65
CA ASN D 124 -12.07 30.67 -49.39
C ASN D 124 -12.71 31.68 -48.43
N MET D 125 -12.43 32.95 -48.67
CA MET D 125 -12.85 34.01 -47.78
C MET D 125 -14.35 34.15 -47.48
N GLU D 126 -15.25 33.77 -48.38
CA GLU D 126 -16.69 33.93 -48.10
C GLU D 126 -17.22 32.92 -47.09
N ASP D 127 -16.42 31.88 -46.88
CA ASP D 127 -16.71 30.85 -45.92
C ASP D 127 -16.14 31.19 -44.55
N LEU D 128 -15.50 32.36 -44.42
CA LEU D 128 -14.92 32.76 -43.14
C LEU D 128 -15.67 33.96 -42.59
N ARG D 129 -16.97 34.00 -42.91
CA ARG D 129 -17.85 35.08 -42.52
C ARG D 129 -19.25 34.64 -42.90
N GLY D 130 -20.25 35.32 -42.34
CA GLY D 130 -21.64 35.05 -42.67
C GLY D 130 -22.08 33.75 -42.04
N ARG D 131 -22.93 33.01 -42.75
CA ARG D 131 -23.67 31.90 -42.17
C ARG D 131 -23.00 30.59 -42.55
N PHE D 132 -22.58 29.83 -41.54
CA PHE D 132 -21.96 28.54 -41.80
C PHE D 132 -22.83 27.59 -42.63
N SER D 133 -24.14 27.66 -42.40
CA SER D 133 -25.08 26.75 -43.10
C SER D 133 -25.07 26.92 -44.61
N GLU D 134 -24.44 27.98 -45.11
CA GLU D 134 -24.36 28.23 -46.54
C GLU D 134 -22.99 27.90 -47.14
N THR D 135 -22.10 27.25 -46.41
CA THR D 135 -20.86 26.75 -47.00
C THR D 135 -21.07 25.78 -48.19
N SER D 136 -20.32 25.99 -49.27
CA SER D 136 -20.37 25.06 -50.40
C SER D 136 -19.57 23.78 -50.13
N ARG D 137 -19.91 22.71 -50.83
CA ARG D 137 -19.18 21.45 -50.69
C ARG D 137 -17.70 21.67 -51.10
N GLU D 138 -17.53 22.44 -52.15
CA GLU D 138 -16.20 22.69 -52.71
C GLU D 138 -15.37 23.41 -51.65
N GLY D 139 -15.93 24.44 -51.02
CA GLY D 139 -15.17 25.21 -50.04
C GLY D 139 -14.91 24.44 -48.76
N PHE D 140 -15.85 23.58 -48.38
CA PHE D 140 -15.69 22.73 -47.23
C PHE D 140 -14.57 21.70 -47.43
N LEU D 141 -14.59 21.03 -48.58
CA LEU D 141 -13.63 19.96 -48.84
C LEU D 141 -12.24 20.59 -49.08
N LEU D 142 -12.22 21.82 -49.59
CA LEU D 142 -10.93 22.52 -49.81
C LEU D 142 -10.24 22.93 -48.50
N ALA D 143 -11.04 23.33 -47.51
CA ALA D 143 -10.50 23.64 -46.18
C ALA D 143 -9.98 22.37 -45.49
N GLN D 144 -10.76 21.29 -45.51
CA GLN D 144 -10.36 19.97 -45.01
C GLN D 144 -9.06 19.46 -45.62
N ASP D 145 -8.94 19.60 -46.94
CA ASP D 145 -7.86 19.07 -47.72
C ASP D 145 -6.53 19.72 -47.31
N ILE D 146 -6.47 21.04 -47.44
CA ILE D 146 -5.30 21.84 -47.16
C ILE D 146 -5.00 21.95 -45.66
N SER D 147 -6.04 22.05 -44.84
CA SER D 147 -5.87 22.34 -43.42
C SER D 147 -5.76 21.11 -42.53
N SER D 148 -6.19 19.96 -43.04
CA SER D 148 -6.22 18.80 -42.19
C SER D 148 -5.51 17.59 -42.79
N TYR D 149 -5.96 17.18 -43.98
CA TYR D 149 -5.37 16.02 -44.64
C TYR D 149 -3.90 16.26 -44.85
N SER D 150 -3.54 17.50 -45.14
CA SER D 150 -2.14 17.72 -45.42
C SER D 150 -1.23 17.30 -44.25
N LEU D 151 -1.71 17.26 -43.01
CA LEU D 151 -0.82 16.75 -41.94
C LEU D 151 -0.57 15.26 -42.03
N THR D 152 -1.60 14.47 -42.37
CA THR D 152 -1.51 13.01 -42.62
C THR D 152 -0.45 12.64 -43.68
N ILE D 153 -0.47 13.32 -44.83
CA ILE D 153 0.44 12.98 -45.93
C ILE D 153 1.86 13.45 -45.61
N VAL D 154 1.96 14.68 -45.14
CA VAL D 154 3.21 15.18 -44.57
C VAL D 154 3.76 14.27 -43.47
N ALA D 155 2.92 13.80 -42.55
CA ALA D 155 3.39 12.85 -41.54
C ALA D 155 3.96 11.55 -42.15
N HIS D 156 3.22 10.93 -43.07
CA HIS D 156 3.70 9.75 -43.79
C HIS D 156 5.02 9.95 -44.57
N GLU D 157 5.22 11.13 -45.12
CA GLU D 157 6.44 11.37 -45.87
C GLU D 157 7.61 11.75 -44.98
N ALA D 158 7.35 12.55 -43.96
CA ALA D 158 8.33 12.96 -42.95
C ALA D 158 8.94 11.80 -42.17
N LYS D 159 8.11 10.81 -41.88
CA LYS D 159 8.46 9.65 -41.12
C LYS D 159 9.63 8.92 -41.76
N LYS D 160 9.62 8.83 -43.08
CA LYS D 160 10.75 8.24 -43.81
C LYS D 160 12.10 8.89 -43.49
N LEU D 161 12.08 10.10 -42.95
CA LEU D 161 13.33 10.77 -42.56
C LEU D 161 13.50 10.80 -41.03
N MET D 162 12.66 10.08 -40.30
CA MET D 162 12.81 9.97 -38.84
C MET D 162 12.84 8.54 -38.34
N PRO D 163 13.75 7.71 -38.86
CA PRO D 163 13.96 6.33 -38.44
C PRO D 163 14.29 6.17 -36.96
N GLU D 164 14.96 7.12 -36.33
CA GLU D 164 15.11 6.98 -34.89
C GLU D 164 14.00 7.69 -34.12
N GLY D 165 12.96 8.16 -34.81
CA GLY D 165 11.89 8.93 -34.19
C GLY D 165 12.01 10.44 -34.31
N GLY D 166 11.21 11.19 -33.56
CA GLY D 166 11.09 12.62 -33.84
C GLY D 166 9.73 13.18 -33.51
N SER D 167 9.49 14.40 -33.97
CA SER D 167 8.36 15.16 -33.41
C SER D 167 7.60 16.03 -34.42
N ILE D 168 6.28 15.93 -34.46
CA ILE D 168 5.46 16.67 -35.44
C ILE D 168 4.45 17.59 -34.72
N VAL D 169 4.48 18.87 -35.04
CA VAL D 169 3.63 19.86 -34.38
C VAL D 169 2.77 20.55 -35.44
N ALA D 170 1.45 20.63 -35.25
CA ALA D 170 0.57 21.42 -36.12
C ALA D 170 -0.03 22.61 -35.36
N THR D 171 -0.61 23.59 -36.06
CA THR D 171 -1.10 24.81 -35.44
C THR D 171 -2.58 24.85 -35.61
N THR D 172 -3.30 25.00 -34.51
CA THR D 172 -4.75 24.97 -34.53
C THR D 172 -5.31 26.17 -33.76
N TYR D 173 -6.61 26.27 -33.66
CA TYR D 173 -7.22 27.45 -33.06
C TYR D 173 -8.40 26.91 -32.24
N LEU D 174 -8.75 27.61 -31.19
CA LEU D 174 -9.91 27.30 -30.33
C LEU D 174 -11.21 27.05 -31.10
N GLY D 175 -11.38 27.71 -32.26
CA GLY D 175 -12.44 27.36 -33.20
C GLY D 175 -12.69 25.89 -33.53
N GLY D 176 -11.71 25.02 -33.31
CA GLY D 176 -11.93 23.57 -33.54
C GLY D 176 -12.64 22.85 -32.41
N GLU D 177 -12.67 23.50 -31.24
CA GLU D 177 -13.21 22.93 -30.02
C GLU D 177 -14.54 23.54 -29.67
N PHE D 178 -14.76 24.78 -30.10
CA PHE D 178 -15.99 25.51 -29.82
C PHE D 178 -16.44 26.18 -31.10
N ALA D 179 -17.74 26.43 -31.29
CA ALA D 179 -18.22 27.28 -32.36
C ALA D 179 -17.96 28.76 -32.03
N VAL D 180 -17.46 29.48 -33.00
CA VAL D 180 -16.87 30.80 -32.81
C VAL D 180 -17.53 31.60 -33.98
N GLN D 181 -17.93 32.86 -33.79
CA GLN D 181 -18.49 33.61 -34.92
C GLN D 181 -17.55 33.53 -36.13
N ASN D 182 -18.07 33.43 -37.36
CA ASN D 182 -17.31 33.66 -38.61
C ASN D 182 -16.25 32.61 -39.02
N TYR D 183 -15.58 31.99 -38.06
CA TYR D 183 -14.49 31.10 -38.37
C TYR D 183 -15.00 29.85 -39.13
N ASN D 184 -16.21 29.42 -38.81
CA ASN D 184 -17.04 28.60 -39.70
C ASN D 184 -16.32 27.41 -40.33
N VAL D 185 -16.13 27.41 -41.65
CA VAL D 185 -15.52 26.26 -42.28
C VAL D 185 -14.12 25.93 -41.72
N MET D 186 -13.40 26.92 -41.25
CA MET D 186 -12.07 26.64 -40.70
C MET D 186 -12.13 25.99 -39.31
N GLY D 187 -13.22 26.22 -38.59
CA GLY D 187 -13.45 25.51 -37.34
C GLY D 187 -13.71 24.02 -37.49
N VAL D 188 -14.40 23.62 -38.56
CA VAL D 188 -14.62 22.19 -38.82
C VAL D 188 -13.33 21.61 -39.39
N ALA D 189 -12.57 22.39 -40.16
CA ALA D 189 -11.25 21.92 -40.57
C ALA D 189 -10.24 21.78 -39.38
N LYS D 190 -10.21 22.73 -38.44
CA LYS D 190 -9.41 22.59 -37.22
C LYS D 190 -9.91 21.42 -36.36
N ALA D 191 -11.21 21.20 -36.29
CA ALA D 191 -11.66 20.08 -35.47
C ALA D 191 -11.07 18.80 -36.06
N SER D 192 -11.16 18.70 -37.38
CA SER D 192 -10.59 17.61 -38.14
C SER D 192 -9.09 17.44 -37.87
N LEU D 193 -8.30 18.52 -38.02
CA LEU D 193 -6.87 18.53 -37.73
C LEU D 193 -6.55 18.02 -36.31
N GLU D 194 -7.34 18.46 -35.34
CA GLU D 194 -7.04 18.17 -33.97
C GLU D 194 -7.29 16.66 -33.78
N ALA D 195 -8.21 16.09 -34.56
CA ALA D 195 -8.43 14.64 -34.45
C ALA D 195 -7.36 13.87 -35.21
N ASN D 196 -6.88 14.47 -36.29
CA ASN D 196 -5.79 13.96 -37.11
C ASN D 196 -4.49 13.77 -36.30
N VAL D 197 -4.12 14.80 -35.56
CA VAL D 197 -3.09 14.72 -34.53
C VAL D 197 -3.22 13.49 -33.60
N LYS D 198 -4.37 13.37 -32.96
CA LYS D 198 -4.59 12.21 -32.13
C LYS D 198 -4.38 10.89 -32.87
N TYR D 199 -4.93 10.77 -34.08
CA TYR D 199 -4.88 9.49 -34.76
C TYR D 199 -3.46 9.24 -35.25
N LEU D 200 -2.77 10.30 -35.70
CA LEU D 200 -1.34 10.17 -36.03
C LEU D 200 -0.51 9.79 -34.79
N ALA D 201 -0.87 10.32 -33.60
CA ALA D 201 -0.09 10.01 -32.40
C ALA D 201 -0.13 8.51 -32.10
N LEU D 202 -1.34 7.96 -32.11
CA LEU D 202 -1.59 6.54 -31.88
C LEU D 202 -0.80 5.73 -32.91
N ASP D 203 -0.94 6.08 -34.19
CA ASP D 203 -0.32 5.36 -35.30
C ASP D 203 1.21 5.40 -35.25
N LEU D 204 1.75 6.58 -35.00
CA LEU D 204 3.20 6.75 -35.19
C LEU D 204 3.94 6.62 -33.86
N GLY D 205 3.22 6.50 -32.75
CA GLY D 205 3.83 6.41 -31.42
C GLY D 205 4.79 5.24 -31.29
N PRO D 206 4.45 4.10 -31.91
CA PRO D 206 5.41 2.99 -31.85
C PRO D 206 6.68 3.21 -32.67
N ASP D 207 6.72 4.27 -33.47
CA ASP D 207 7.95 4.56 -34.21
C ASP D 207 8.72 5.66 -33.52
N ASN D 208 8.29 5.98 -32.29
CA ASN D 208 8.84 7.07 -31.48
C ASN D 208 8.72 8.44 -32.16
N ILE D 209 7.63 8.63 -32.89
CA ILE D 209 7.32 9.89 -33.53
C ILE D 209 6.13 10.44 -32.78
N ARG D 210 6.34 11.59 -32.13
CA ARG D 210 5.30 12.24 -31.33
C ARG D 210 4.55 13.25 -32.19
N VAL D 211 3.23 13.36 -32.04
CA VAL D 211 2.47 14.35 -32.83
C VAL D 211 1.60 15.18 -31.93
N ASN D 212 1.72 16.51 -32.01
CA ASN D 212 1.02 17.42 -31.10
C ASN D 212 0.53 18.65 -31.86
N ALA D 213 -0.38 19.43 -31.28
CA ALA D 213 -0.89 20.68 -31.84
C ALA D 213 -0.51 21.81 -30.90
N ILE D 214 -0.24 22.99 -31.46
CA ILE D 214 -0.27 24.17 -30.61
C ILE D 214 -1.52 24.95 -31.00
N SER D 215 -2.34 25.30 -30.01
CA SER D 215 -3.56 26.08 -30.25
C SER D 215 -3.27 27.53 -29.91
N ALA D 216 -2.96 28.32 -30.94
CA ALA D 216 -2.49 29.70 -30.79
C ALA D 216 -3.67 30.64 -30.58
N GLY D 217 -3.45 31.66 -29.77
CA GLY D 217 -4.38 32.78 -29.61
C GLY D 217 -4.43 33.58 -30.88
N PRO D 218 -5.41 34.51 -30.99
CA PRO D 218 -5.41 35.25 -32.26
C PRO D 218 -4.18 36.16 -32.41
N ILE D 219 -3.68 36.27 -33.65
CA ILE D 219 -2.41 36.88 -34.00
C ILE D 219 -2.57 37.51 -35.39
N ARG D 220 -2.31 38.81 -35.48
CA ARG D 220 -2.34 39.51 -36.76
C ARG D 220 -1.28 38.97 -37.77
N THR D 221 -1.79 38.28 -38.79
CA THR D 221 -0.99 37.68 -39.85
C THR D 221 -1.75 37.90 -41.16
N LEU D 222 -1.11 37.64 -42.30
CA LEU D 222 -1.75 37.64 -43.61
C LEU D 222 -3.05 36.82 -43.63
N SER D 223 -3.00 35.57 -43.18
CA SER D 223 -4.22 34.75 -43.12
C SER D 223 -5.31 35.33 -42.23
N ALA D 224 -4.94 35.93 -41.09
CA ALA D 224 -5.92 36.48 -40.17
C ALA D 224 -6.74 37.62 -40.76
N LYS D 225 -6.34 38.17 -41.89
CA LYS D 225 -7.11 39.21 -42.54
C LYS D 225 -8.35 38.66 -43.22
N GLY D 226 -8.29 37.40 -43.63
CA GLY D 226 -9.45 36.68 -44.14
C GLY D 226 -10.57 36.29 -43.18
N VAL D 227 -10.34 36.37 -41.86
CA VAL D 227 -11.30 35.90 -40.85
C VAL D 227 -12.28 37.03 -40.47
N GLY D 228 -13.55 36.88 -40.79
CA GLY D 228 -14.50 37.91 -40.39
C GLY D 228 -14.39 38.27 -38.90
N GLY D 229 -14.39 39.57 -38.57
CA GLY D 229 -14.46 40.00 -37.17
C GLY D 229 -13.16 39.84 -36.41
N PHE D 230 -12.06 39.69 -37.13
CA PHE D 230 -10.81 39.32 -36.48
C PHE D 230 -10.38 40.31 -35.40
N ASN D 231 -10.58 41.62 -35.62
CA ASN D 231 -10.12 42.61 -34.67
C ASN D 231 -10.92 42.50 -33.38
N THR D 232 -12.15 42.02 -33.48
CA THR D 232 -13.00 41.90 -32.32
C THR D 232 -12.49 40.74 -31.46
N ILE D 233 -11.96 39.73 -32.13
CA ILE D 233 -11.41 38.58 -31.45
C ILE D 233 -10.15 38.97 -30.69
N LEU D 234 -9.26 39.72 -31.33
CA LEU D 234 -8.06 40.25 -30.66
C LEU D 234 -8.41 40.96 -29.38
N LYS D 235 -9.36 41.88 -29.49
CA LYS D 235 -9.64 42.78 -28.39
C LYS D 235 -10.22 41.98 -27.24
N GLU D 236 -10.99 40.95 -27.56
CA GLU D 236 -11.66 40.20 -26.51
C GLU D 236 -10.69 39.42 -25.62
N ILE D 237 -9.62 38.87 -26.21
CA ILE D 237 -8.56 38.29 -25.41
C ILE D 237 -8.03 39.26 -24.35
N GLU D 238 -7.74 40.49 -24.75
CA GLU D 238 -7.18 41.47 -23.84
C GLU D 238 -8.11 41.71 -22.67
N GLU D 239 -9.42 41.81 -22.94
CA GLU D 239 -10.39 42.09 -21.86
C GLU D 239 -10.57 40.92 -20.90
N ARG D 240 -10.61 39.71 -21.47
CA ARG D 240 -11.20 38.54 -20.80
CA ARG D 240 -11.19 38.55 -20.79
C ARG D 240 -10.19 37.44 -20.45
N ALA D 241 -9.18 37.19 -21.28
CA ALA D 241 -8.20 36.12 -20.98
C ALA D 241 -7.42 36.34 -19.68
N PRO D 242 -7.14 35.28 -18.91
CA PRO D 242 -6.38 35.43 -17.65
C PRO D 242 -5.18 36.40 -17.70
N LEU D 243 -4.35 36.36 -18.74
CA LEU D 243 -3.15 37.18 -18.72
C LEU D 243 -3.43 38.59 -19.21
N LYS D 244 -4.68 38.83 -19.63
CA LYS D 244 -5.14 40.14 -20.10
C LYS D 244 -4.30 40.69 -21.23
N ARG D 245 -3.80 39.85 -22.13
CA ARG D 245 -2.98 40.39 -23.22
C ARG D 245 -3.01 39.40 -24.37
N ASN D 246 -2.55 39.83 -25.54
CA ASN D 246 -2.43 38.92 -26.65
C ASN D 246 -1.10 38.21 -26.62
N VAL D 247 -1.06 37.04 -27.25
CA VAL D 247 0.20 36.29 -27.44
C VAL D 247 0.91 36.76 -28.74
N ASP D 248 2.15 36.34 -28.99
CA ASP D 248 2.75 36.59 -30.30
C ASP D 248 3.41 35.39 -30.93
N GLN D 249 4.00 35.61 -32.10
CA GLN D 249 4.49 34.53 -32.92
C GLN D 249 5.66 33.83 -32.21
N VAL D 250 6.40 34.59 -31.41
CA VAL D 250 7.54 34.02 -30.67
C VAL D 250 7.10 33.16 -29.46
N GLU D 251 5.95 33.47 -28.87
CA GLU D 251 5.45 32.65 -27.78
C GLU D 251 4.98 31.31 -28.31
N VAL D 252 4.37 31.32 -29.49
CA VAL D 252 4.12 30.08 -30.20
C VAL D 252 5.42 29.33 -30.49
N GLY D 253 6.40 30.02 -31.08
CA GLY D 253 7.71 29.46 -31.37
C GLY D 253 8.35 28.83 -30.15
N LYS D 254 8.23 29.45 -28.97
CA LYS D 254 8.79 28.92 -27.70
C LYS D 254 8.20 27.59 -27.30
N THR D 255 6.86 27.51 -27.31
CA THR D 255 6.16 26.26 -27.08
C THR D 255 6.46 25.23 -28.18
N ALA D 256 6.56 25.64 -29.43
CA ALA D 256 7.00 24.72 -30.49
C ALA D 256 8.40 24.14 -30.24
N ALA D 257 9.32 24.94 -29.71
CA ALA D 257 10.64 24.44 -29.28
C ALA D 257 10.55 23.36 -28.17
N TYR D 258 9.63 23.55 -27.23
CA TYR D 258 9.35 22.51 -26.24
C TYR D 258 8.84 21.23 -26.92
N LEU D 259 7.81 21.34 -27.75
CA LEU D 259 7.18 20.17 -28.37
C LEU D 259 8.09 19.40 -29.33
N LEU D 260 9.07 20.10 -29.90
CA LEU D 260 9.88 19.61 -31.02
C LEU D 260 11.16 19.00 -30.45
N SER D 261 11.44 19.35 -29.21
CA SER D 261 12.62 18.87 -28.51
C SER D 261 12.30 17.74 -27.54
N ASP D 262 13.39 17.24 -26.98
CA ASP D 262 13.31 16.24 -25.91
C ASP D 262 12.70 16.68 -24.57
N LEU D 263 12.50 17.98 -24.30
CA LEU D 263 11.77 18.37 -23.08
C LEU D 263 10.37 17.77 -23.00
N SER D 264 9.77 17.54 -24.17
CA SER D 264 8.39 17.06 -24.24
C SER D 264 8.32 15.54 -24.51
N SER D 265 9.39 14.80 -24.24
N SER D 265 9.42 14.82 -24.32
CA SER D 265 9.51 13.41 -24.70
CA SER D 265 9.32 13.35 -24.37
C SER D 265 8.34 12.46 -24.37
C SER D 265 8.22 12.90 -23.40
N GLY D 266 7.61 12.71 -23.29
N GLY D 266 7.45 11.90 -23.80
CA GLY D 266 6.50 11.86 -22.87
CA GLY D 266 6.27 11.54 -23.03
C GLY D 266 5.13 12.39 -23.28
C GLY D 266 5.02 12.30 -23.44
N VAL D 267 5.17 13.43 -24.11
CA VAL D 267 4.01 14.20 -24.53
C VAL D 267 3.62 13.93 -26.00
N THR D 268 2.44 13.34 -26.23
CA THR D 268 1.99 13.15 -27.60
C THR D 268 0.45 13.08 -27.64
N GLY D 269 -0.14 13.36 -28.81
CA GLY D 269 -1.55 13.49 -28.97
C GLY D 269 -2.08 14.65 -28.15
N GLU D 270 -1.21 15.62 -27.88
CA GLU D 270 -1.62 16.73 -27.01
C GLU D 270 -1.91 18.03 -27.79
N ASN D 271 -2.80 18.87 -27.25
CA ASN D 271 -3.13 20.19 -27.77
C ASN D 271 -2.79 21.24 -26.71
N ILE D 272 -1.70 21.99 -26.91
CA ILE D 272 -1.29 23.00 -25.96
C ILE D 272 -1.82 24.39 -26.32
N HIS D 273 -2.62 24.99 -25.46
CA HIS D 273 -3.14 26.33 -25.77
C HIS D 273 -2.15 27.42 -25.37
N VAL D 274 -1.61 28.12 -26.36
CA VAL D 274 -0.80 29.32 -26.17
C VAL D 274 -1.67 30.55 -26.51
N ASP D 275 -2.47 30.97 -25.54
CA ASP D 275 -3.53 31.92 -25.84
C ASP D 275 -3.87 32.75 -24.60
N SER D 276 -2.89 32.96 -23.71
CA SER D 276 -3.12 33.75 -22.51
C SER D 276 -4.18 33.21 -21.52
N GLY D 277 -4.49 31.91 -21.62
CA GLY D 277 -5.45 31.27 -20.69
C GLY D 277 -6.89 31.25 -21.17
N PHE D 278 -7.13 31.76 -22.38
CA PHE D 278 -8.47 31.98 -22.87
C PHE D 278 -9.27 30.70 -22.98
N HIS D 279 -8.65 29.56 -23.30
CA HIS D 279 -9.37 28.31 -23.49
C HIS D 279 -10.05 27.90 -22.21
N ALA D 280 -9.64 28.49 -21.09
CA ALA D 280 -9.84 27.93 -19.77
C ALA D 280 -10.97 28.68 -19.09
N ILE D 281 -11.52 29.67 -19.78
CA ILE D 281 -12.55 30.52 -19.22
C ILE D 281 -13.82 30.56 -20.07
N LYS D 282 -14.90 31.03 -19.46
CA LYS D 282 -16.16 31.20 -20.15
C LYS D 282 -16.95 32.37 -19.54
N VAL E 28 -16.12 -24.68 23.73
CA VAL E 28 -16.46 -23.29 24.14
C VAL E 28 -17.97 -23.05 23.99
N ASN E 29 -18.46 -22.04 24.72
CA ASN E 29 -19.80 -21.50 24.61
C ASN E 29 -19.79 -20.16 25.35
N LEU E 30 -20.02 -19.07 24.61
CA LEU E 30 -19.70 -17.75 25.15
C LEU E 30 -20.95 -16.96 25.54
N GLU E 31 -22.06 -17.66 25.69
CA GLU E 31 -23.31 -17.00 26.07
C GLU E 31 -23.19 -16.32 27.42
N ASN E 32 -23.70 -15.09 27.47
CA ASN E 32 -23.54 -14.24 28.64
C ASN E 32 -22.08 -13.89 28.92
N LYS E 33 -21.20 -14.09 27.94
CA LYS E 33 -19.95 -13.32 27.87
C LYS E 33 -20.06 -12.07 27.00
N THR E 34 -19.35 -11.04 27.41
CA THR E 34 -19.24 -9.84 26.61
C THR E 34 -17.76 -9.54 26.39
N TYR E 35 -17.39 -9.31 25.12
CA TYR E 35 -16.03 -9.04 24.71
C TYR E 35 -15.96 -7.74 23.93
N VAL E 36 -14.92 -6.94 24.18
CA VAL E 36 -14.65 -5.75 23.38
C VAL E 36 -13.64 -6.08 22.27
N ILE E 37 -14.03 -5.78 21.03
CA ILE E 37 -13.18 -6.03 19.87
C ILE E 37 -12.76 -4.71 19.26
N MET E 38 -11.46 -4.47 19.17
CA MET E 38 -10.86 -3.19 18.81
C MET E 38 -10.07 -3.38 17.53
N GLY E 39 -10.43 -2.68 16.46
CA GLY E 39 -9.59 -2.69 15.25
C GLY E 39 -10.20 -3.36 14.04
N ILE E 40 -11.52 -3.42 13.97
CA ILE E 40 -12.16 -3.78 12.70
C ILE E 40 -12.17 -2.54 11.78
N ALA E 41 -11.62 -2.67 10.57
CA ALA E 41 -11.73 -1.65 9.51
C ALA E 41 -12.70 -2.08 8.41
N ASN E 42 -12.61 -3.35 8.01
CA ASN E 42 -13.45 -3.89 6.94
C ASN E 42 -13.63 -5.40 7.05
N LYS E 43 -14.24 -6.04 6.05
CA LYS E 43 -14.59 -7.46 6.15
C LYS E 43 -13.32 -8.31 6.17
N ARG E 44 -12.19 -7.73 5.81
CA ARG E 44 -10.95 -8.49 5.78
CA ARG E 44 -10.98 -8.52 5.79
C ARG E 44 -10.18 -8.40 7.10
N SER E 45 -10.50 -7.38 7.91
CA SER E 45 -9.77 -7.29 9.17
C SER E 45 -9.66 -8.63 9.89
N ILE E 46 -8.53 -8.84 10.56
CA ILE E 46 -8.37 -9.99 11.46
C ILE E 46 -9.42 -9.94 12.55
N ALA E 47 -9.73 -8.75 13.10
CA ALA E 47 -10.74 -8.67 14.17
C ALA E 47 -12.15 -9.11 13.79
N PHE E 48 -12.50 -8.97 12.51
CA PHE E 48 -13.79 -9.40 12.02
C PHE E 48 -13.87 -10.93 11.95
N GLY E 49 -12.77 -11.60 11.59
CA GLY E 49 -12.62 -13.05 11.85
C GLY E 49 -12.89 -13.50 13.28
N VAL E 50 -12.25 -12.83 14.25
CA VAL E 50 -12.60 -12.94 15.66
C VAL E 50 -14.07 -12.68 15.93
N ALA E 51 -14.57 -11.52 15.45
CA ALA E 51 -15.97 -11.20 15.68
C ALA E 51 -16.96 -12.32 15.24
N LYS E 52 -16.87 -12.82 14.00
CA LYS E 52 -17.67 -13.93 13.50
C LYS E 52 -17.66 -15.14 14.41
N VAL E 53 -16.48 -15.56 14.84
CA VAL E 53 -16.36 -16.75 15.68
C VAL E 53 -17.01 -16.48 17.04
N LEU E 54 -16.62 -15.39 17.69
CA LEU E 54 -17.21 -15.04 18.99
C LEU E 54 -18.72 -14.92 18.89
N ASP E 55 -19.21 -14.39 17.77
CA ASP E 55 -20.61 -14.16 17.58
C ASP E 55 -21.33 -15.49 17.35
N GLN E 56 -20.73 -16.35 16.55
CA GLN E 56 -21.26 -17.71 16.36
C GLN E 56 -21.31 -18.48 17.68
N LEU E 57 -20.40 -18.20 18.61
CA LEU E 57 -20.38 -18.91 19.91
C LEU E 57 -21.31 -18.28 20.98
N GLY E 58 -22.16 -17.34 20.57
CA GLY E 58 -23.07 -16.65 21.47
C GLY E 58 -22.64 -15.44 22.30
N ALA E 59 -21.42 -14.92 22.13
CA ALA E 59 -21.03 -13.73 22.89
C ALA E 59 -21.84 -12.47 22.50
N LYS E 60 -22.06 -11.57 23.46
CA LYS E 60 -22.34 -10.17 23.16
C LYS E 60 -21.02 -9.49 22.79
N LEU E 61 -21.02 -8.73 21.70
CA LEU E 61 -19.83 -8.01 21.23
C LEU E 61 -20.03 -6.50 21.23
N VAL E 62 -18.97 -5.77 21.58
CA VAL E 62 -18.86 -4.32 21.57
C VAL E 62 -17.65 -4.03 20.70
N PHE E 63 -17.74 -3.00 19.86
CA PHE E 63 -16.76 -2.80 18.81
C PHE E 63 -16.19 -1.40 18.97
N THR E 64 -14.89 -1.25 18.75
CA THR E 64 -14.32 0.08 18.72
C THR E 64 -13.56 0.36 17.41
N TYR E 65 -13.53 1.62 16.98
CA TYR E 65 -12.98 2.00 15.68
C TYR E 65 -12.31 3.35 15.85
N ARG E 66 -11.41 3.72 14.94
CA ARG E 66 -10.88 5.08 14.85
C ARG E 66 -11.58 5.92 13.76
N LYS E 67 -11.51 5.48 12.51
CA LYS E 67 -11.97 6.26 11.36
C LYS E 67 -13.47 6.13 11.15
N GLU E 68 -14.11 7.20 10.67
CA GLU E 68 -15.54 7.20 10.34
CA GLU E 68 -15.54 7.16 10.37
C GLU E 68 -15.85 6.06 9.36
N ARG E 69 -14.96 5.88 8.39
CA ARG E 69 -15.17 4.86 7.41
C ARG E 69 -15.24 3.48 8.07
N SER E 70 -14.55 3.28 9.18
CA SER E 70 -14.62 1.98 9.85
C SER E 70 -15.95 1.73 10.59
N ARG E 71 -16.50 2.81 11.19
CA ARG E 71 -17.82 2.74 11.81
C ARG E 71 -18.83 2.38 10.74
N LYS E 72 -18.74 2.96 9.54
CA LYS E 72 -19.64 2.57 8.43
C LYS E 72 -19.52 1.08 8.08
N GLU E 73 -18.30 0.60 7.81
CA GLU E 73 -18.10 -0.82 7.56
C GLU E 73 -18.68 -1.69 8.68
N LEU E 74 -18.46 -1.29 9.93
CA LEU E 74 -18.93 -2.04 11.09
C LEU E 74 -20.44 -2.12 11.11
N GLU E 75 -21.11 -1.03 10.73
CA GLU E 75 -22.55 -1.02 10.58
C GLU E 75 -23.04 -1.98 9.49
N LYS E 76 -22.34 -2.02 8.36
CA LYS E 76 -22.66 -2.95 7.28
C LYS E 76 -22.39 -4.42 7.72
N LEU E 77 -21.29 -4.64 8.44
CA LEU E 77 -20.86 -6.01 8.75
C LEU E 77 -21.69 -6.63 9.87
N LEU E 78 -22.20 -5.79 10.75
CA LEU E 78 -23.11 -6.27 11.80
C LEU E 78 -24.36 -6.97 11.29
N GLU E 79 -24.82 -6.67 10.07
CA GLU E 79 -25.99 -7.34 9.50
C GLU E 79 -25.74 -8.83 9.28
N GLN E 80 -24.49 -9.17 9.00
CA GLN E 80 -23.95 -10.55 8.98
C GLN E 80 -23.89 -11.28 10.32
N LEU E 81 -23.79 -10.54 11.42
CA LEU E 81 -23.60 -11.14 12.74
C LEU E 81 -24.95 -11.34 13.42
N ASN E 82 -25.01 -12.02 14.54
CA ASN E 82 -26.31 -12.25 15.16
C ASN E 82 -26.52 -11.32 16.34
N GLN E 83 -25.77 -10.22 16.41
CA GLN E 83 -25.83 -9.31 17.54
C GLN E 83 -27.13 -8.51 17.50
N PRO E 84 -27.94 -8.58 18.58
CA PRO E 84 -29.20 -7.82 18.57
C PRO E 84 -29.04 -6.29 18.73
N GLU E 85 -27.85 -5.83 19.15
CA GLU E 85 -27.54 -4.39 19.23
C GLU E 85 -26.19 -4.04 18.62
N ALA E 86 -26.13 -2.94 17.88
CA ALA E 86 -24.87 -2.31 17.49
C ALA E 86 -24.24 -1.52 18.67
N HIS E 87 -23.19 -2.07 19.27
CA HIS E 87 -22.46 -1.39 20.34
C HIS E 87 -21.13 -0.85 19.78
N LEU E 88 -21.10 0.40 19.34
CA LEU E 88 -19.98 0.92 18.56
C LEU E 88 -19.37 2.15 19.24
N TYR E 89 -18.05 2.15 19.43
CA TYR E 89 -17.35 3.23 20.13
C TYR E 89 -16.13 3.73 19.35
N GLN E 90 -16.11 5.02 19.03
CA GLN E 90 -14.90 5.62 18.47
C GLN E 90 -13.80 5.69 19.52
N ILE E 91 -12.77 4.87 19.38
CA ILE E 91 -11.61 5.03 20.23
C ILE E 91 -10.34 5.01 19.39
N ASP E 92 -9.69 6.16 19.39
CA ASP E 92 -8.34 6.34 18.89
C ASP E 92 -7.34 6.22 20.05
N VAL E 93 -6.57 5.12 20.08
CA VAL E 93 -5.67 4.79 21.18
C VAL E 93 -4.42 5.70 21.25
N GLN E 94 -4.29 6.65 20.34
CA GLN E 94 -3.33 7.72 20.59
C GLN E 94 -3.73 8.71 21.67
N SER E 95 -4.99 8.69 22.08
CA SER E 95 -5.44 9.66 23.05
C SER E 95 -5.87 8.93 24.32
N ASP E 96 -5.28 9.34 25.44
CA ASP E 96 -5.61 8.71 26.71
C ASP E 96 -7.10 8.96 27.01
N GLU E 97 -7.52 10.22 26.85
CA GLU E 97 -8.89 10.65 27.13
CA GLU E 97 -8.89 10.63 27.14
C GLU E 97 -9.92 9.76 26.44
N GLU E 98 -9.68 9.47 25.16
CA GLU E 98 -10.57 8.63 24.37
C GLU E 98 -10.67 7.19 24.87
N VAL E 99 -9.53 6.58 25.23
CA VAL E 99 -9.54 5.23 25.79
C VAL E 99 -10.26 5.18 27.14
N ILE E 100 -9.91 6.11 28.02
CA ILE E 100 -10.51 6.18 29.35
C ILE E 100 -12.02 6.36 29.24
N ASN E 101 -12.47 7.39 28.51
CA ASN E 101 -13.92 7.65 28.32
C ASN E 101 -14.65 6.62 27.47
N GLY E 102 -13.98 6.03 26.48
CA GLY E 102 -14.54 4.88 25.76
C GLY E 102 -14.98 3.70 26.62
N PHE E 103 -14.02 3.14 27.37
CA PHE E 103 -14.27 2.03 28.30
C PHE E 103 -15.23 2.43 29.42
N GLU E 104 -15.12 3.64 29.96
CA GLU E 104 -16.16 4.06 30.92
C GLU E 104 -17.56 4.00 30.31
N GLN E 105 -17.74 4.55 29.11
CA GLN E 105 -19.01 4.45 28.40
C GLN E 105 -19.46 3.01 28.13
N ILE E 106 -18.54 2.15 27.66
CA ILE E 106 -18.85 0.73 27.49
C ILE E 106 -19.42 0.16 28.80
N GLY E 107 -18.74 0.40 29.92
CA GLY E 107 -19.20 0.00 31.25
C GLY E 107 -20.64 0.38 31.55
N LYS E 108 -20.98 1.67 31.44
CA LYS E 108 -22.35 2.13 31.62
C LYS E 108 -23.31 1.48 30.64
N ASP E 109 -22.89 1.31 29.39
CA ASP E 109 -23.80 0.76 28.38
C ASP E 109 -24.10 -0.73 28.52
N VAL E 110 -23.09 -1.55 28.80
CA VAL E 110 -23.25 -3.01 28.79
C VAL E 110 -22.80 -3.70 30.08
N GLY E 111 -22.16 -2.97 30.98
CA GLY E 111 -21.74 -3.58 32.25
C GLY E 111 -20.32 -4.09 32.17
N ASN E 112 -19.96 -4.95 33.11
CA ASN E 112 -18.73 -5.68 33.11
C ASN E 112 -18.58 -6.56 31.88
N ILE E 113 -17.34 -6.71 31.44
CA ILE E 113 -16.98 -7.44 30.24
C ILE E 113 -16.14 -8.65 30.65
N ASP E 114 -15.95 -9.60 29.73
CA ASP E 114 -15.11 -10.73 30.03
C ASP E 114 -13.75 -10.66 29.36
N GLY E 115 -13.57 -9.78 28.39
CA GLY E 115 -12.24 -9.66 27.79
C GLY E 115 -12.14 -8.66 26.66
N VAL E 116 -10.95 -8.54 26.09
CA VAL E 116 -10.68 -7.58 25.07
C VAL E 116 -9.85 -8.28 24.00
N TYR E 117 -10.27 -8.16 22.74
CA TYR E 117 -9.41 -8.50 21.60
C TYR E 117 -8.78 -7.22 21.01
N HIS E 118 -7.47 -7.05 21.11
CA HIS E 118 -6.74 -5.89 20.54
C HIS E 118 -6.12 -6.24 19.17
N SER E 119 -6.51 -5.50 18.13
CA SER E 119 -6.13 -5.80 16.77
C SER E 119 -5.70 -4.51 16.06
N ILE E 120 -4.76 -3.78 16.68
CA ILE E 120 -4.51 -2.38 16.36
C ILE E 120 -3.01 -2.21 16.18
N ALA E 121 -2.61 -1.74 15.00
CA ALA E 121 -1.20 -1.39 14.85
C ALA E 121 -1.18 -0.30 13.80
N PHE E 122 -0.10 0.46 13.74
CA PHE E 122 0.03 1.43 12.66
C PHE E 122 1.51 1.74 12.47
N ALA E 123 1.95 2.00 11.25
CA ALA E 123 3.27 2.63 11.05
C ALA E 123 3.12 3.41 9.74
N ASN E 124 3.94 4.43 9.49
CA ASN E 124 4.03 5.11 8.21
C ASN E 124 4.61 4.19 7.14
N MET E 125 4.11 4.39 5.92
N MET E 125 4.06 4.23 5.93
CA MET E 125 4.38 3.51 4.79
CA MET E 125 4.69 3.60 4.78
C MET E 125 5.86 3.28 4.52
C MET E 125 6.07 4.23 4.62
N GLU E 126 6.66 4.35 4.55
N GLU E 126 6.16 5.45 5.13
CA GLU E 126 8.10 4.30 4.29
CA GLU E 126 7.33 6.28 4.98
C GLU E 126 8.89 3.56 5.38
C GLU E 126 8.58 5.78 5.74
N ASP E 127 8.21 3.07 6.39
N ASP E 127 8.41 5.25 6.94
CA ASP E 127 8.82 2.39 7.53
CA ASP E 127 9.49 4.48 7.55
C ASP E 127 8.58 0.88 7.45
C ASP E 127 9.45 2.98 7.20
N LEU E 128 7.89 0.43 6.40
N LEU E 128 8.27 2.40 7.06
CA LEU E 128 7.60 -0.99 6.16
CA LEU E 128 8.17 1.00 6.60
C LEU E 128 8.22 -1.51 4.86
C LEU E 128 8.92 0.76 5.29
N ARG E 129 9.38 -0.93 4.54
N ARG E 129 8.74 1.67 4.35
CA ARG E 129 10.13 -1.23 3.31
CA ARG E 129 9.33 1.51 3.02
C ARG E 129 11.53 -0.62 3.40
C ARG E 129 10.62 2.33 2.93
N GLY E 130 12.42 -1.03 2.50
N GLY E 130 11.58 1.91 3.74
CA GLY E 130 13.79 -0.53 2.50
CA GLY E 130 12.90 2.54 3.83
C GLY E 130 14.52 -0.84 3.80
C GLY E 130 13.70 1.61 4.72
N ARG E 131 15.26 0.17 4.25
N ARG E 131 15.02 1.59 4.55
CA ARG E 131 16.33 0.06 5.24
CA ARG E 131 15.94 0.68 5.28
C ARG E 131 15.89 0.64 6.58
C ARG E 131 15.75 0.83 6.78
N PHE E 132 15.97 -0.20 7.59
CA PHE E 132 15.54 0.05 8.97
C PHE E 132 16.43 1.12 9.61
N SER E 133 17.69 1.21 9.17
CA SER E 133 18.61 2.09 9.84
C SER E 133 18.28 3.57 9.59
N GLU E 134 17.34 3.82 8.68
CA GLU E 134 16.96 5.18 8.29
C GLU E 134 15.59 5.56 8.92
N THR E 135 15.02 4.68 9.73
CA THR E 135 13.79 5.00 10.41
C THR E 135 13.97 6.32 11.18
N SER E 136 12.96 7.19 11.06
CA SER E 136 12.91 8.44 11.78
C SER E 136 12.45 8.18 13.20
N ARG E 137 12.83 9.08 14.09
CA ARG E 137 12.36 9.05 15.48
C ARG E 137 10.83 9.11 15.60
N GLU E 138 10.21 9.97 14.79
CA GLU E 138 8.77 10.22 14.86
C GLU E 138 8.00 8.97 14.41
N GLY E 139 8.41 8.35 13.31
CA GLY E 139 7.90 7.03 12.91
C GLY E 139 8.04 5.89 13.91
N PHE E 140 9.22 5.75 14.49
CA PHE E 140 9.51 4.71 15.47
C PHE E 140 8.60 4.91 16.65
N LEU E 141 8.51 6.14 17.12
CA LEU E 141 7.73 6.35 18.33
C LEU E 141 6.24 6.24 18.06
N LEU E 142 5.77 6.70 16.90
CA LEU E 142 4.38 6.47 16.48
C LEU E 142 4.00 4.97 16.42
N ALA E 143 4.85 4.14 15.81
CA ALA E 143 4.56 2.70 15.81
C ALA E 143 4.49 2.11 17.22
N GLN E 144 5.42 2.51 18.09
CA GLN E 144 5.43 2.12 19.51
C GLN E 144 4.13 2.50 20.23
N ASP E 145 3.74 3.76 20.03
CA ASP E 145 2.54 4.29 20.61
C ASP E 145 1.28 3.50 20.22
N ILE E 146 1.01 3.37 18.92
CA ILE E 146 -0.24 2.78 18.50
C ILE E 146 -0.22 1.29 18.68
N SER E 147 0.95 0.70 18.51
CA SER E 147 1.05 -0.74 18.32
C SER E 147 1.45 -1.49 19.56
N SER E 148 1.91 -0.76 20.57
CA SER E 148 2.40 -1.45 21.74
C SER E 148 1.82 -0.77 22.98
N TYR E 149 2.15 0.51 23.17
CA TYR E 149 1.63 1.23 24.34
C TYR E 149 0.13 1.12 24.47
N SER E 150 -0.58 1.19 23.34
CA SER E 150 -2.06 1.13 23.39
C SER E 150 -2.62 -0.05 24.17
N LEU E 151 -1.95 -1.20 24.15
CA LEU E 151 -2.38 -2.34 24.96
C LEU E 151 -2.26 -2.08 26.46
N THR E 152 -1.25 -1.29 26.88
CA THR E 152 -1.05 -1.04 28.32
C THR E 152 -2.21 -0.21 28.88
N ILE E 153 -2.52 0.87 28.18
CA ILE E 153 -3.61 1.74 28.60
C ILE E 153 -4.97 1.10 28.40
N VAL E 154 -5.19 0.39 27.31
CA VAL E 154 -6.41 -0.41 27.19
C VAL E 154 -6.59 -1.44 28.32
N ALA E 155 -5.55 -2.19 28.65
CA ALA E 155 -5.59 -3.10 29.81
C ALA E 155 -5.97 -2.36 31.09
N HIS E 156 -5.23 -1.30 31.40
CA HIS E 156 -5.56 -0.52 32.61
C HIS E 156 -7.04 -0.11 32.69
N GLU E 157 -7.63 0.31 31.57
CA GLU E 157 -9.02 0.80 31.58
C GLU E 157 -10.01 -0.35 31.53
N ALA E 158 -9.67 -1.40 30.77
CA ALA E 158 -10.48 -2.62 30.67
C ALA E 158 -10.59 -3.38 31.99
N LYS E 159 -9.50 -3.36 32.77
CA LYS E 159 -9.40 -3.94 34.12
C LYS E 159 -10.50 -3.43 35.05
N LYS E 160 -10.83 -2.14 34.99
CA LYS E 160 -11.97 -1.56 35.74
C LYS E 160 -13.32 -2.23 35.45
N LEU E 161 -13.50 -2.85 34.28
CA LEU E 161 -14.71 -3.58 33.90
C LEU E 161 -14.61 -5.12 34.01
N MET E 162 -13.57 -5.58 34.69
CA MET E 162 -13.35 -7.01 34.88
C MET E 162 -13.07 -7.31 36.34
N PRO E 163 -14.00 -6.92 37.24
CA PRO E 163 -13.58 -7.05 38.63
C PRO E 163 -13.45 -8.51 39.05
N GLU E 164 -14.02 -9.44 38.30
CA GLU E 164 -13.88 -10.84 38.72
CA GLU E 164 -14.01 -10.87 38.59
C GLU E 164 -12.95 -11.64 37.79
N GLY E 165 -12.17 -10.92 36.97
CA GLY E 165 -11.25 -11.60 36.07
C GLY E 165 -11.59 -11.48 34.61
N GLY E 166 -10.60 -11.72 33.76
CA GLY E 166 -10.95 -11.79 32.36
C GLY E 166 -9.76 -12.07 31.52
N SER E 167 -9.88 -11.73 30.24
CA SER E 167 -8.88 -12.18 29.26
C SER E 167 -8.61 -11.10 28.23
N ILE E 168 -7.34 -10.85 27.95
CA ILE E 168 -6.96 -9.83 26.96
C ILE E 168 -5.96 -10.41 25.96
N VAL E 169 -6.27 -10.32 24.67
CA VAL E 169 -5.43 -10.89 23.64
C VAL E 169 -5.00 -9.81 22.65
N ALA E 170 -3.72 -9.72 22.32
CA ALA E 170 -3.27 -8.80 21.30
C ALA E 170 -2.77 -9.64 20.09
N THR E 171 -2.80 -9.05 18.90
CA THR E 171 -2.40 -9.71 17.66
C THR E 171 -0.99 -9.30 17.31
N THR E 172 -0.09 -10.28 17.18
CA THR E 172 1.30 -9.92 16.90
C THR E 172 1.81 -10.62 15.64
N TYR E 173 3.08 -10.45 15.31
CA TYR E 173 3.59 -11.12 14.12
C TYR E 173 5.02 -11.58 14.33
N LEU E 174 5.32 -12.74 13.76
CA LEU E 174 6.67 -13.31 13.79
C LEU E 174 7.81 -12.30 13.56
N GLY E 175 7.58 -11.15 12.91
CA GLY E 175 8.63 -10.13 12.80
C GLY E 175 9.02 -9.44 14.10
N GLY E 176 8.23 -9.65 15.14
CA GLY E 176 8.65 -9.26 16.50
C GLY E 176 9.66 -10.17 17.24
N GLU E 177 9.88 -11.40 16.75
CA GLU E 177 10.81 -12.37 17.35
C GLU E 177 12.07 -12.53 16.52
N PHE E 178 11.97 -12.21 15.24
CA PHE E 178 13.05 -12.34 14.23
C PHE E 178 13.07 -11.11 13.33
N ALA E 179 14.20 -10.75 12.77
CA ALA E 179 14.28 -9.76 11.75
C ALA E 179 13.78 -10.38 10.44
N VAL E 180 12.78 -9.74 9.87
CA VAL E 180 12.09 -10.17 8.67
C VAL E 180 12.23 -8.99 7.70
N GLN E 181 12.62 -9.23 6.46
CA GLN E 181 12.81 -8.16 5.48
C GLN E 181 11.59 -7.21 5.42
N ASN E 182 11.81 -5.90 5.22
CA ASN E 182 10.70 -4.89 5.15
C ASN E 182 9.80 -4.64 6.37
N TYR E 183 9.55 -5.63 7.21
CA TYR E 183 8.73 -5.33 8.37
C TYR E 183 9.31 -4.23 9.28
N ASN E 184 10.63 -4.14 9.41
CA ASN E 184 11.27 -2.91 9.89
C ASN E 184 10.73 -2.31 11.22
N VAL E 185 10.22 -1.07 11.22
CA VAL E 185 9.76 -0.42 12.45
C VAL E 185 8.64 -1.24 13.15
N MET E 186 7.87 -1.99 12.40
CA MET E 186 6.74 -2.73 13.00
C MET E 186 7.25 -3.94 13.78
N GLY E 187 8.40 -4.45 13.35
CA GLY E 187 9.06 -5.57 14.02
C GLY E 187 9.55 -5.16 15.39
N VAL E 188 10.18 -3.99 15.49
CA VAL E 188 10.62 -3.49 16.79
C VAL E 188 9.40 -3.24 17.66
N ALA E 189 8.29 -2.79 17.07
CA ALA E 189 7.06 -2.52 17.79
C ALA E 189 6.25 -3.79 18.19
N LYS E 190 6.29 -4.84 17.40
CA LYS E 190 5.78 -6.13 17.92
C LYS E 190 6.68 -6.72 18.99
N ALA E 191 8.02 -6.52 18.93
CA ALA E 191 8.87 -7.13 19.95
C ALA E 191 8.50 -6.45 21.30
N SER E 192 8.22 -5.16 21.22
CA SER E 192 7.78 -4.38 22.36
C SER E 192 6.35 -4.75 22.85
N LEU E 193 5.43 -4.99 21.91
CA LEU E 193 4.10 -5.56 22.19
C LEU E 193 4.15 -6.92 22.90
N GLU E 194 4.96 -7.82 22.37
CA GLU E 194 5.04 -9.15 22.96
C GLU E 194 5.57 -9.09 24.42
N ALA E 195 6.57 -8.27 24.75
CA ALA E 195 7.00 -7.99 26.14
C ALA E 195 5.93 -7.29 26.98
N ASN E 196 5.20 -6.31 26.40
CA ASN E 196 4.03 -5.66 27.03
C ASN E 196 3.05 -6.69 27.55
N VAL E 197 2.72 -7.66 26.72
CA VAL E 197 1.93 -8.83 27.12
C VAL E 197 2.54 -9.60 28.30
N LYS E 198 3.84 -9.86 28.34
CA LYS E 198 4.40 -10.58 29.48
C LYS E 198 4.38 -9.72 30.77
N TYR E 199 4.78 -8.45 30.70
CA TYR E 199 4.66 -7.54 31.83
C TYR E 199 3.21 -7.37 32.32
N LEU E 200 2.27 -7.23 31.40
CA LEU E 200 0.87 -7.17 31.80
C LEU E 200 0.37 -8.47 32.41
N ALA E 201 0.77 -9.61 31.86
CA ALA E 201 0.38 -10.91 32.41
C ALA E 201 0.79 -11.00 33.89
N LEU E 202 1.97 -10.47 34.19
CA LEU E 202 2.58 -10.60 35.49
C LEU E 202 1.88 -9.64 36.45
N ASP E 203 1.57 -8.44 35.98
CA ASP E 203 0.93 -7.41 36.81
C ASP E 203 -0.52 -7.79 37.10
N LEU E 204 -1.22 -8.27 36.08
CA LEU E 204 -2.66 -8.40 36.18
C LEU E 204 -3.08 -9.84 36.54
N GLY E 205 -2.08 -10.73 36.62
CA GLY E 205 -2.22 -12.10 37.12
C GLY E 205 -2.97 -12.26 38.42
N PRO E 206 -2.58 -11.52 39.48
CA PRO E 206 -3.29 -11.63 40.73
C PRO E 206 -4.71 -11.09 40.66
N ASP E 207 -5.07 -10.38 39.60
CA ASP E 207 -6.42 -9.84 39.44
C ASP E 207 -7.30 -10.80 38.65
N ASN E 208 -6.72 -11.98 38.37
CA ASN E 208 -7.33 -13.01 37.54
C ASN E 208 -7.63 -12.55 36.12
N ILE E 209 -6.73 -11.75 35.55
CA ILE E 209 -6.80 -11.27 34.18
C ILE E 209 -5.61 -11.83 33.42
N ARG E 210 -5.89 -12.57 32.36
CA ARG E 210 -4.88 -13.24 31.59
C ARG E 210 -4.62 -12.33 30.39
N VAL E 211 -3.38 -12.27 29.94
CA VAL E 211 -3.04 -11.45 28.79
C VAL E 211 -2.17 -12.36 27.93
N ASN E 212 -2.43 -12.43 26.62
CA ASN E 212 -1.78 -13.38 25.69
C ASN E 212 -1.73 -12.73 24.31
N ALA E 213 -0.89 -13.26 23.43
CA ALA E 213 -0.76 -12.80 22.04
C ALA E 213 -1.04 -13.94 21.09
N ILE E 214 -1.70 -13.64 19.98
CA ILE E 214 -1.76 -14.56 18.84
C ILE E 214 -0.78 -14.00 17.79
N SER E 215 0.22 -14.81 17.41
CA SER E 215 1.05 -14.50 16.26
C SER E 215 0.41 -15.05 14.98
N ALA E 216 -0.22 -14.15 14.24
CA ALA E 216 -0.95 -14.56 13.06
C ALA E 216 0.04 -14.64 11.90
N GLY E 217 -0.11 -15.70 11.12
CA GLY E 217 0.54 -15.73 9.79
C GLY E 217 0.05 -14.59 8.90
N PRO E 218 0.74 -14.37 7.75
CA PRO E 218 0.27 -13.32 6.80
C PRO E 218 -1.16 -13.54 6.26
N ILE E 219 -1.94 -12.47 6.21
CA ILE E 219 -3.29 -12.51 5.71
C ILE E 219 -3.54 -11.21 4.93
N ARG E 220 -4.11 -11.31 3.72
CA ARG E 220 -4.48 -10.11 2.97
C ARG E 220 -5.49 -9.27 3.74
N THR E 221 -5.06 -8.11 4.21
CA THR E 221 -5.90 -7.11 4.86
C THR E 221 -5.48 -5.75 4.32
N LEU E 222 -6.23 -4.70 4.64
CA LEU E 222 -5.82 -3.34 4.30
C LEU E 222 -4.39 -3.01 4.73
N SER E 223 -4.07 -3.23 5.99
CA SER E 223 -2.74 -2.97 6.54
C SER E 223 -1.62 -3.76 5.89
N ALA E 224 -1.93 -4.99 5.49
CA ALA E 224 -0.90 -5.76 4.83
C ALA E 224 -0.42 -5.08 3.55
N LYS E 225 -1.19 -4.16 2.95
CA LYS E 225 -0.69 -3.45 1.76
C LYS E 225 0.47 -2.51 2.08
N GLY E 226 0.78 -2.32 3.35
CA GLY E 226 1.90 -1.47 3.74
C GLY E 226 3.21 -2.23 3.93
N VAL E 227 3.16 -3.56 3.90
CA VAL E 227 4.32 -4.38 4.17
C VAL E 227 4.99 -4.71 2.83
N GLY E 228 6.18 -4.16 2.57
CA GLY E 228 6.91 -4.48 1.38
C GLY E 228 6.90 -5.98 1.18
N GLY E 229 6.92 -6.41 -0.08
CA GLY E 229 7.07 -7.81 -0.43
C GLY E 229 6.05 -8.75 0.17
N PHE E 230 4.85 -8.25 0.44
CA PHE E 230 3.85 -9.09 1.13
C PHE E 230 3.49 -10.34 0.33
N ASN E 231 3.25 -10.22 -0.97
CA ASN E 231 2.85 -11.41 -1.70
C ASN E 231 3.94 -12.48 -1.63
N THR E 232 5.22 -12.09 -1.63
CA THR E 232 6.32 -13.02 -1.41
C THR E 232 6.26 -13.74 -0.07
N ILE E 233 5.85 -13.03 0.99
CA ILE E 233 5.68 -13.63 2.31
C ILE E 233 4.59 -14.70 2.25
N LEU E 234 3.44 -14.38 1.67
CA LEU E 234 2.35 -15.32 1.49
C LEU E 234 2.80 -16.65 0.88
N LYS E 235 3.75 -16.58 -0.06
CA LYS E 235 3.93 -17.73 -0.91
C LYS E 235 5.04 -18.55 -0.31
N GLU E 236 5.91 -17.91 0.44
CA GLU E 236 6.85 -18.69 1.23
C GLU E 236 6.15 -19.58 2.26
N ILE E 237 5.09 -19.06 2.88
CA ILE E 237 4.20 -19.91 3.68
C ILE E 237 3.71 -21.13 2.92
N GLU E 238 3.11 -20.97 1.74
CA GLU E 238 2.50 -22.09 1.04
C GLU E 238 3.56 -23.11 0.75
N GLU E 239 4.74 -22.60 0.38
CA GLU E 239 5.87 -23.43 0.01
C GLU E 239 6.61 -24.12 1.17
N ARG E 240 6.75 -23.42 2.31
CA ARG E 240 7.69 -23.87 3.34
C ARG E 240 7.09 -24.27 4.67
N ALA E 241 6.01 -23.61 5.11
CA ALA E 241 5.43 -23.91 6.41
C ALA E 241 4.99 -25.36 6.51
N PRO E 242 4.98 -25.95 7.72
CA PRO E 242 4.51 -27.33 7.85
C PRO E 242 3.18 -27.64 7.14
N LEU E 243 2.21 -26.75 7.27
CA LEU E 243 0.91 -27.08 6.71
C LEU E 243 0.83 -26.76 5.21
N LYS E 244 1.84 -26.12 4.65
CA LYS E 244 1.88 -25.82 3.21
C LYS E 244 0.63 -25.12 2.69
N ARG E 245 0.07 -24.19 3.48
CA ARG E 245 -1.06 -23.37 3.08
C ARG E 245 -1.03 -22.16 4.00
N ASN E 246 -1.67 -21.07 3.61
CA ASN E 246 -1.79 -19.94 4.48
C ASN E 246 -2.97 -20.10 5.42
N VAL E 247 -2.97 -19.33 6.51
CA VAL E 247 -4.08 -19.25 7.43
C VAL E 247 -5.03 -18.12 6.99
N ASP E 248 -6.23 -18.10 7.59
CA ASP E 248 -7.12 -16.95 7.48
C ASP E 248 -7.65 -16.42 8.83
N GLN E 249 -8.51 -15.40 8.76
CA GLN E 249 -8.95 -14.59 9.88
C GLN E 249 -9.83 -15.39 10.85
N VAL E 250 -10.60 -16.31 10.27
CA VAL E 250 -11.43 -17.23 11.06
C VAL E 250 -10.54 -18.15 11.89
N GLU E 251 -9.37 -18.51 11.37
CA GLU E 251 -8.50 -19.39 12.14
C GLU E 251 -7.90 -18.60 13.27
N VAL E 252 -7.58 -17.32 13.02
CA VAL E 252 -7.15 -16.49 14.13
C VAL E 252 -8.24 -16.45 15.19
N GLY E 253 -9.51 -16.32 14.78
CA GLY E 253 -10.61 -16.12 15.69
C GLY E 253 -11.04 -17.35 16.47
N LYS E 254 -10.88 -18.54 15.92
CA LYS E 254 -11.00 -19.78 16.71
C LYS E 254 -9.99 -19.88 17.84
N THR E 255 -8.76 -19.41 17.61
CA THR E 255 -7.75 -19.41 18.67
C THR E 255 -8.01 -18.27 19.64
N ALA E 256 -8.56 -17.16 19.15
CA ALA E 256 -9.00 -16.09 20.08
C ALA E 256 -10.16 -16.56 20.94
N ALA E 257 -11.10 -17.33 20.38
CA ALA E 257 -12.14 -17.86 21.26
C ALA E 257 -11.53 -18.68 22.40
N TYR E 258 -10.52 -19.49 22.09
CA TYR E 258 -9.85 -20.34 23.08
C TYR E 258 -9.21 -19.47 24.19
N LEU E 259 -8.39 -18.51 23.78
CA LEU E 259 -7.73 -17.60 24.70
C LEU E 259 -8.67 -16.73 25.52
N LEU E 260 -9.79 -16.33 24.93
CA LEU E 260 -10.75 -15.43 25.57
C LEU E 260 -11.75 -16.18 26.48
N SER E 261 -11.81 -17.50 26.35
CA SER E 261 -12.70 -18.32 27.17
C SER E 261 -11.99 -19.06 28.33
N ASP E 262 -12.76 -19.82 29.10
CA ASP E 262 -12.20 -20.59 30.21
C ASP E 262 -11.46 -21.85 29.74
N LEU E 263 -11.57 -22.18 28.45
CA LEU E 263 -10.78 -23.25 27.87
C LEU E 263 -9.28 -23.02 28.15
N SER E 264 -8.86 -21.76 28.20
CA SER E 264 -7.43 -21.49 28.37
C SER E 264 -7.07 -20.94 29.75
N SER E 265 -7.76 -21.40 30.79
N SER E 265 -7.73 -21.39 30.81
CA SER E 265 -7.71 -20.72 32.10
CA SER E 265 -7.24 -21.05 32.14
C SER E 265 -6.35 -20.66 32.78
C SER E 265 -5.90 -21.74 32.43
N GLY E 266 -5.40 -21.48 32.33
N GLY E 266 -5.04 -21.07 33.19
CA GLY E 266 -4.13 -21.68 33.02
CA GLY E 266 -3.66 -21.52 33.31
C GLY E 266 -2.95 -21.13 32.23
C GLY E 266 -2.74 -20.96 32.24
N VAL E 267 -3.29 -20.43 31.14
CA VAL E 267 -2.44 -19.93 30.09
C VAL E 267 -2.42 -18.40 30.17
N THR E 268 -1.25 -17.81 30.42
CA THR E 268 -1.10 -16.34 30.44
C THR E 268 0.38 -16.06 30.10
N GLY E 269 0.64 -14.90 29.52
CA GLY E 269 1.99 -14.51 29.13
C GLY E 269 2.43 -15.26 27.90
N GLU E 270 1.48 -15.81 27.16
CA GLU E 270 1.78 -16.76 26.09
C GLU E 270 1.55 -16.15 24.70
N ASN E 271 2.29 -16.67 23.74
CA ASN E 271 2.22 -16.23 22.37
C ASN E 271 1.91 -17.47 21.52
N ILE E 272 0.71 -17.56 20.96
CA ILE E 272 0.30 -18.74 20.22
C ILE E 272 0.39 -18.48 18.71
N HIS E 273 1.14 -19.32 18.00
CA HIS E 273 1.36 -19.05 16.58
C HIS E 273 0.25 -19.72 15.77
N VAL E 274 -0.49 -18.90 15.01
CA VAL E 274 -1.57 -19.37 14.16
C VAL E 274 -1.08 -19.04 12.77
N ASP E 275 -0.03 -19.79 12.38
CA ASP E 275 0.72 -19.52 11.18
C ASP E 275 1.14 -20.74 10.36
N SER E 276 0.41 -21.85 10.47
CA SER E 276 0.69 -23.06 9.70
C SER E 276 1.98 -23.80 10.08
N GLY E 277 2.44 -23.57 11.31
CA GLY E 277 3.74 -24.07 11.76
C GLY E 277 4.98 -23.28 11.34
N PHE E 278 4.79 -22.18 10.62
CA PHE E 278 5.97 -21.42 10.11
C PHE E 278 7.02 -21.02 11.15
N HIS E 279 6.59 -20.73 12.37
CA HIS E 279 7.49 -20.33 13.46
C HIS E 279 8.52 -21.41 13.88
N ALA E 280 8.24 -22.67 13.58
CA ALA E 280 8.94 -23.81 14.16
C ALA E 280 9.99 -24.29 13.17
N ILE E 281 10.03 -23.66 12.01
CA ILE E 281 10.94 -24.09 10.98
C ILE E 281 11.96 -23.01 10.60
N LYS E 282 12.98 -23.48 9.88
CA LYS E 282 14.05 -22.67 9.34
C LYS E 282 14.67 -23.34 8.09
N VAL F 28 42.20 -10.17 22.88
CA VAL F 28 42.46 -9.91 21.42
C VAL F 28 43.81 -9.18 21.19
N ASN F 29 43.87 -8.39 20.11
CA ASN F 29 44.92 -7.40 19.80
C ASN F 29 44.32 -6.15 19.10
N LEU F 30 44.06 -5.06 19.82
CA LEU F 30 43.24 -3.92 19.32
C LEU F 30 43.94 -2.58 19.05
N GLU F 31 45.27 -2.58 18.89
CA GLU F 31 45.99 -1.40 18.43
C GLU F 31 45.50 -0.94 17.06
N ASN F 32 45.54 0.36 16.80
CA ASN F 32 45.13 0.86 15.49
C ASN F 32 43.62 0.82 15.27
N LYS F 33 42.88 0.37 16.28
CA LYS F 33 41.43 0.41 16.28
C LYS F 33 40.94 1.59 17.11
N THR F 34 39.88 2.26 16.63
CA THR F 34 39.26 3.33 17.37
C THR F 34 37.83 2.92 17.67
N TYR F 35 37.41 2.95 18.95
CA TYR F 35 36.00 2.71 19.36
C TYR F 35 35.36 3.92 20.03
N VAL F 36 34.07 4.12 19.77
CA VAL F 36 33.28 5.13 20.47
C VAL F 36 32.49 4.49 21.62
N ILE F 37 32.66 5.01 22.83
CA ILE F 37 31.96 4.47 24.01
C ILE F 37 30.92 5.50 24.47
N MET F 38 29.66 5.08 24.55
CA MET F 38 28.61 6.02 24.89
C MET F 38 28.03 5.55 26.20
N GLY F 39 28.02 6.40 27.22
CA GLY F 39 27.27 6.09 28.42
C GLY F 39 28.03 5.89 29.73
N ILE F 40 29.22 6.47 29.80
CA ILE F 40 29.91 6.54 31.07
C ILE F 40 29.41 7.75 31.87
N ALA F 41 28.95 7.48 33.09
CA ALA F 41 28.59 8.57 34.02
C ALA F 41 29.60 8.68 35.14
N ASN F 42 30.21 7.55 35.50
CA ASN F 42 31.09 7.44 36.66
C ASN F 42 31.77 6.10 36.73
N LYS F 43 32.60 5.91 37.75
CA LYS F 43 33.49 4.75 37.77
C LYS F 43 32.75 3.42 37.84
N ARG F 44 31.46 3.39 38.20
CA ARG F 44 30.71 2.13 38.24
CA ARG F 44 30.71 2.13 38.24
C ARG F 44 29.94 1.87 36.94
N SER F 45 30.02 2.80 36.00
CA SER F 45 29.24 2.53 34.81
C SER F 45 29.77 1.28 34.13
N ILE F 46 28.86 0.38 33.73
CA ILE F 46 29.18 -0.67 32.74
C ILE F 46 30.09 -0.22 31.62
N ALA F 47 29.83 0.95 31.05
CA ALA F 47 30.67 1.45 29.96
C ALA F 47 32.14 1.63 30.36
N PHE F 48 32.37 1.91 31.64
CA PHE F 48 33.74 2.11 32.09
C PHE F 48 34.54 0.82 32.20
N GLY F 49 33.89 -0.27 32.58
CA GLY F 49 34.44 -1.61 32.39
C GLY F 49 34.83 -1.92 30.95
N VAL F 50 33.97 -1.56 30.00
CA VAL F 50 34.26 -1.74 28.60
C VAL F 50 35.51 -0.92 28.30
N ALA F 51 35.56 0.33 28.76
CA ALA F 51 36.66 1.19 28.44
C ALA F 51 37.98 0.69 29.04
N LYS F 52 37.99 0.21 30.29
CA LYS F 52 39.23 -0.37 30.85
C LYS F 52 39.69 -1.56 30.02
N VAL F 53 38.79 -2.46 29.67
CA VAL F 53 39.24 -3.55 28.82
C VAL F 53 39.73 -3.06 27.46
N LEU F 54 38.98 -2.20 26.76
CA LEU F 54 39.45 -1.76 25.44
C LEU F 54 40.79 -1.03 25.44
N ASP F 55 40.97 -0.10 26.38
CA ASP F 55 42.20 0.66 26.53
C ASP F 55 43.35 -0.31 26.82
N GLN F 56 43.13 -1.26 27.73
CA GLN F 56 44.17 -2.20 28.13
C GLN F 56 44.63 -3.07 26.95
N LEU F 57 43.77 -3.18 25.94
CA LEU F 57 44.12 -3.91 24.72
C LEU F 57 44.72 -3.07 23.57
N GLY F 58 44.97 -1.79 23.80
CA GLY F 58 45.52 -0.96 22.74
C GLY F 58 44.61 0.02 22.00
N ALA F 59 43.28 -0.07 22.13
CA ALA F 59 42.36 0.74 21.33
C ALA F 59 42.50 2.25 21.59
N LYS F 60 42.31 3.06 20.54
CA LYS F 60 41.96 4.48 20.71
C LYS F 60 40.50 4.57 21.08
N LEU F 61 40.19 5.38 22.09
CA LEU F 61 38.85 5.50 22.59
C LEU F 61 38.32 6.93 22.48
N VAL F 62 37.03 7.02 22.14
CA VAL F 62 36.32 8.27 22.08
C VAL F 62 35.15 8.05 23.02
N PHE F 63 34.77 9.11 23.72
CA PHE F 63 33.75 9.02 24.76
C PHE F 63 32.58 10.00 24.52
N THR F 64 31.33 9.55 24.66
CA THR F 64 30.24 10.52 24.67
C THR F 64 29.48 10.51 26.00
N TYR F 65 28.97 11.68 26.37
CA TYR F 65 28.28 11.89 27.66
C TYR F 65 27.08 12.81 27.45
N ARG F 66 26.07 12.72 28.32
CA ARG F 66 25.00 13.71 28.33
C ARG F 66 25.21 14.85 29.34
N LYS F 67 25.32 14.54 30.63
CA LYS F 67 25.35 15.55 31.70
C LYS F 67 26.75 16.09 31.90
N GLU F 68 26.86 17.37 32.26
CA GLU F 68 28.18 17.96 32.51
CA GLU F 68 28.18 17.96 32.51
C GLU F 68 28.94 17.21 33.61
N ARG F 69 28.23 16.64 34.59
CA ARG F 69 28.87 15.85 35.65
C ARG F 69 29.54 14.61 35.09
N SER F 70 28.92 14.04 34.06
CA SER F 70 29.54 12.88 33.42
C SER F 70 30.86 13.27 32.71
N ARG F 71 30.91 14.39 31.98
CA ARG F 71 32.19 14.83 31.41
CA ARG F 71 32.17 14.89 31.42
C ARG F 71 33.23 14.95 32.52
N LYS F 72 32.90 15.63 33.62
CA LYS F 72 33.82 15.70 34.76
C LYS F 72 34.32 14.33 35.26
N GLU F 73 33.41 13.36 35.41
CA GLU F 73 33.82 12.05 35.89
C GLU F 73 34.73 11.38 34.86
N LEU F 74 34.41 11.58 33.58
CA LEU F 74 35.20 11.11 32.45
C LEU F 74 36.63 11.67 32.49
N GLU F 75 36.76 12.97 32.76
CA GLU F 75 38.10 13.56 32.75
C GLU F 75 38.95 13.04 33.90
N LYS F 76 38.33 12.72 35.03
CA LYS F 76 39.08 12.13 36.15
C LYS F 76 39.29 10.63 35.90
N LEU F 77 38.36 9.96 35.21
CA LEU F 77 38.60 8.54 34.92
C LEU F 77 39.68 8.36 33.85
N LEU F 78 39.86 9.35 32.98
CA LEU F 78 40.86 9.25 31.92
C LEU F 78 42.26 8.98 32.42
N GLU F 79 42.51 9.36 33.67
CA GLU F 79 43.83 9.23 34.28
C GLU F 79 44.31 7.80 34.54
N GLN F 80 43.39 6.88 34.80
CA GLN F 80 43.68 5.43 34.86
C GLN F 80 43.93 4.79 33.49
N LEU F 81 43.51 5.45 32.42
CA LEU F 81 43.53 4.85 31.09
C LEU F 81 44.86 5.17 30.40
N ASN F 82 45.23 4.37 29.41
CA ASN F 82 46.44 4.63 28.68
C ASN F 82 46.19 5.61 27.54
N GLN F 83 45.01 6.22 27.49
CA GLN F 83 44.62 7.11 26.39
C GLN F 83 45.44 8.38 26.40
N PRO F 84 46.33 8.57 25.39
CA PRO F 84 47.14 9.77 25.39
C PRO F 84 46.30 11.03 25.19
N GLU F 85 45.06 10.88 24.70
CA GLU F 85 44.23 12.02 24.32
C GLU F 85 42.79 11.78 24.78
N ALA F 86 42.26 12.77 25.47
CA ALA F 86 40.84 12.82 25.82
C ALA F 86 40.10 13.23 24.55
N HIS F 87 39.19 12.41 24.07
CA HIS F 87 38.29 12.81 23.01
C HIS F 87 36.88 12.71 23.60
N LEU F 88 36.30 13.80 24.06
CA LEU F 88 34.99 13.80 24.75
C LEU F 88 33.91 14.59 24.01
N TYR F 89 32.75 14.01 23.78
CA TYR F 89 31.75 14.70 22.97
C TYR F 89 30.43 14.64 23.72
N GLN F 90 29.83 15.80 23.99
CA GLN F 90 28.48 15.81 24.47
C GLN F 90 27.49 15.35 23.41
N ILE F 91 26.72 14.30 23.75
CA ILE F 91 25.67 13.78 22.92
C ILE F 91 24.51 13.24 23.78
N ASP F 92 23.47 14.06 23.86
CA ASP F 92 22.11 13.63 24.17
C ASP F 92 21.42 12.90 22.99
N VAL F 93 21.25 11.59 23.13
CA VAL F 93 20.58 10.77 22.12
C VAL F 93 19.08 11.05 21.95
N GLN F 94 18.51 11.94 22.74
CA GLN F 94 17.16 12.45 22.42
C GLN F 94 17.11 13.40 21.21
N SER F 95 18.25 13.98 20.89
CA SER F 95 18.29 15.00 19.87
C SER F 95 19.02 14.45 18.64
N ASP F 96 18.30 14.34 17.53
CA ASP F 96 18.92 13.97 16.27
C ASP F 96 20.15 14.84 15.99
N GLU F 97 19.96 16.15 16.09
CA GLU F 97 21.04 17.06 15.70
C GLU F 97 22.32 16.77 16.49
N GLU F 98 22.21 16.45 17.78
CA GLU F 98 23.39 16.12 18.60
C GLU F 98 24.11 14.83 18.19
N VAL F 99 23.34 13.78 17.90
CA VAL F 99 23.94 12.55 17.42
C VAL F 99 24.59 12.79 16.06
N ILE F 100 23.92 13.52 15.17
CA ILE F 100 24.44 13.75 13.82
C ILE F 100 25.71 14.59 13.85
N ASN F 101 25.67 15.72 14.57
CA ASN F 101 26.84 16.60 14.69
C ASN F 101 28.00 15.97 15.46
N GLY F 102 27.69 15.33 16.58
CA GLY F 102 28.70 14.66 17.37
C GLY F 102 29.39 13.57 16.58
N PHE F 103 28.66 12.70 15.88
CA PHE F 103 29.41 11.67 15.11
C PHE F 103 30.20 12.31 13.97
N GLU F 104 29.67 13.36 13.39
CA GLU F 104 30.43 13.99 12.31
C GLU F 104 31.70 14.67 12.83
N GLN F 105 31.58 15.37 13.95
CA GLN F 105 32.75 15.93 14.62
C GLN F 105 33.72 14.85 15.07
N ILE F 106 33.19 13.74 15.58
CA ILE F 106 34.09 12.63 15.90
C ILE F 106 34.90 12.21 14.67
N GLY F 107 34.25 12.11 13.52
CA GLY F 107 34.87 11.73 12.25
C GLY F 107 36.01 12.64 11.80
N LYS F 108 35.82 13.95 11.92
CA LYS F 108 36.81 14.95 11.58
C LYS F 108 37.98 14.97 12.55
N ASP F 109 37.76 14.57 13.80
CA ASP F 109 38.80 14.58 14.81
C ASP F 109 39.60 13.28 14.83
N VAL F 110 38.95 12.11 14.86
CA VAL F 110 39.73 10.87 14.84
C VAL F 110 39.77 10.06 13.52
N GLY F 111 39.05 10.47 12.50
CA GLY F 111 39.04 9.69 11.25
C GLY F 111 37.93 8.64 11.36
N ASN F 112 38.10 7.52 10.69
CA ASN F 112 37.14 6.40 10.74
C ASN F 112 37.19 5.56 12.02
N ILE F 113 36.10 4.90 12.38
CA ILE F 113 36.12 4.15 13.63
C ILE F 113 35.85 2.71 13.31
N ASP F 114 36.10 1.82 14.26
CA ASP F 114 35.87 0.38 14.14
C ASP F 114 34.60 -0.11 14.83
N GLY F 115 34.01 0.71 15.69
CA GLY F 115 32.73 0.29 16.28
C GLY F 115 32.29 1.22 17.40
N VAL F 116 31.20 0.83 18.07
CA VAL F 116 30.49 1.70 18.95
C VAL F 116 29.97 0.79 20.05
N TYR F 117 30.23 1.18 21.30
CA TYR F 117 29.61 0.57 22.46
C TYR F 117 28.47 1.43 23.01
N HIS F 118 27.27 0.88 23.01
CA HIS F 118 26.13 1.70 23.39
C HIS F 118 25.70 1.27 24.79
N SER F 119 25.86 2.15 25.76
CA SER F 119 25.52 1.78 27.13
C SER F 119 24.48 2.76 27.68
N ILE F 120 23.44 3.05 26.91
CA ILE F 120 22.55 4.15 27.28
C ILE F 120 21.13 3.64 27.53
N ALA F 121 20.56 4.01 28.67
CA ALA F 121 19.15 3.77 28.89
C ALA F 121 18.59 4.78 29.86
N PHE F 122 17.27 4.89 29.94
CA PHE F 122 16.65 5.85 30.84
C PHE F 122 15.15 5.63 30.94
N ALA F 123 14.64 5.64 32.16
CA ALA F 123 13.20 5.62 32.45
C ALA F 123 12.96 6.40 33.75
N ASN F 124 11.89 7.18 33.81
CA ASN F 124 11.41 7.80 35.05
C ASN F 124 11.29 6.81 36.22
N MET F 125 11.71 7.25 37.40
N MET F 125 11.75 7.21 37.40
CA MET F 125 11.42 6.56 38.65
CA MET F 125 11.89 6.27 38.52
C MET F 125 9.93 6.39 38.81
C MET F 125 10.59 5.53 38.82
N GLU F 126 9.21 7.41 38.36
N GLU F 126 9.49 6.28 38.79
CA GLU F 126 7.79 7.54 38.55
CA GLU F 126 8.15 5.72 39.02
C GLU F 126 7.00 6.51 37.74
C GLU F 126 7.79 4.62 38.03
N ASP F 127 7.53 6.06 36.60
N ASP F 127 8.60 4.43 36.98
CA ASP F 127 6.92 4.89 35.97
CA ASP F 127 8.44 3.31 36.06
C ASP F 127 7.55 3.56 36.43
C ASP F 127 9.47 2.18 36.28
N LEU F 128 8.85 3.54 36.69
N LEU F 128 9.81 1.87 37.52
CA LEU F 128 9.51 2.34 37.22
CA LEU F 128 10.83 0.84 37.79
C LEU F 128 8.87 1.78 38.49
C LEU F 128 10.63 0.14 39.14
N ARG F 129 8.29 2.67 39.31
N ARG F 129 9.40 0.28 39.64
CA ARG F 129 7.78 2.29 40.62
CA ARG F 129 8.87 -0.42 40.80
C ARG F 129 6.26 2.38 40.69
C ARG F 129 7.37 -0.47 40.56
N GLY F 130 5.61 2.13 39.56
N GLY F 130 6.60 -1.05 41.47
CA GLY F 130 4.19 1.88 39.53
CA GLY F 130 5.13 -0.94 41.41
C GLY F 130 3.95 0.42 39.18
C GLY F 130 4.47 -1.61 40.21
N ARG F 131 2.70 -0.03 39.24
N ARG F 131 3.39 -1.02 39.71
CA ARG F 131 2.29 -1.24 38.54
CA ARG F 131 2.54 -1.67 38.70
C ARG F 131 2.64 -1.04 37.08
C ARG F 131 2.72 -1.16 37.27
N PHE F 132 3.09 -2.08 36.39
CA PHE F 132 3.35 -1.84 34.98
C PHE F 132 2.11 -1.28 34.22
N SER F 133 0.91 -1.75 34.60
CA SER F 133 -0.29 -1.36 33.88
C SER F 133 -0.57 0.12 34.08
N GLU F 134 0.03 0.73 35.08
CA GLU F 134 -0.21 2.12 35.40
C GLU F 134 0.80 3.07 34.69
N THR F 135 1.74 2.51 33.92
CA THR F 135 2.69 3.28 33.10
C THR F 135 2.07 4.39 32.22
N SER F 136 2.60 5.60 32.32
CA SER F 136 2.08 6.71 31.54
C SER F 136 2.63 6.59 30.11
N ARG F 137 1.87 7.08 29.14
CA ARG F 137 2.31 7.16 27.75
C ARG F 137 3.62 7.92 27.57
N GLU F 138 3.78 9.07 28.23
CA GLU F 138 5.05 9.82 28.03
C GLU F 138 6.27 9.07 28.62
N GLY F 139 6.11 8.44 29.78
CA GLY F 139 7.15 7.57 30.33
C GLY F 139 7.49 6.35 29.46
N PHE F 140 6.48 5.64 28.98
CA PHE F 140 6.70 4.56 28.00
C PHE F 140 7.49 5.03 26.80
N LEU F 141 7.08 6.14 26.19
CA LEU F 141 7.76 6.56 24.95
C LEU F 141 9.16 7.16 25.23
N LEU F 142 9.34 7.78 26.40
CA LEU F 142 10.65 8.27 26.85
C LEU F 142 11.66 7.13 26.92
N ALA F 143 11.23 6.04 27.56
CA ALA F 143 12.11 4.90 27.67
C ALA F 143 12.44 4.26 26.31
N GLN F 144 11.48 4.21 25.37
CA GLN F 144 11.76 3.69 24.02
C GLN F 144 12.72 4.59 23.28
N ASP F 145 12.51 5.88 23.45
CA ASP F 145 13.24 6.86 22.69
C ASP F 145 14.72 6.81 23.07
N ILE F 146 15.03 6.95 24.36
CA ILE F 146 16.38 6.89 24.88
C ILE F 146 17.00 5.50 24.81
N SER F 147 16.25 4.46 25.18
CA SER F 147 16.80 3.13 25.43
C SER F 147 16.80 2.23 24.21
N SER F 148 15.95 2.55 23.23
CA SER F 148 15.91 1.70 22.04
C SER F 148 16.16 2.51 20.76
N TYR F 149 15.33 3.53 20.48
CA TYR F 149 15.47 4.27 19.23
C TYR F 149 16.89 4.84 19.08
N SER F 150 17.52 5.17 20.19
CA SER F 150 18.85 5.78 20.14
C SER F 150 19.85 4.87 19.44
N LEU F 151 19.66 3.56 19.55
CA LEU F 151 20.60 2.66 18.85
C LEU F 151 20.45 2.84 17.33
N THR F 152 19.25 3.14 16.86
CA THR F 152 19.01 3.12 15.41
C THR F 152 19.70 4.31 14.77
N ILE F 153 19.50 5.47 15.40
CA ILE F 153 20.15 6.67 14.87
C ILE F 153 21.67 6.71 15.09
N VAL F 154 22.14 6.12 16.18
CA VAL F 154 23.60 6.04 16.42
C VAL F 154 24.26 5.16 15.35
N ALA F 155 23.59 4.05 15.02
CA ALA F 155 24.06 3.12 13.99
C ALA F 155 24.10 3.77 12.60
N HIS F 156 23.11 4.60 12.31
CA HIS F 156 22.99 5.25 11.02
C HIS F 156 24.08 6.31 10.84
N GLU F 157 24.37 7.03 11.93
CA GLU F 157 25.38 8.09 11.93
C GLU F 157 26.77 7.48 12.04
N ALA F 158 26.91 6.38 12.78
CA ALA F 158 28.21 5.67 12.92
C ALA F 158 28.66 4.91 11.68
N LYS F 159 27.71 4.36 10.94
CA LYS F 159 28.00 3.66 9.67
C LYS F 159 28.87 4.53 8.73
N LYS F 160 28.69 5.83 8.74
CA LYS F 160 29.41 6.71 7.86
C LYS F 160 30.91 6.72 8.15
N LEU F 161 31.27 6.46 9.40
CA LEU F 161 32.64 6.33 9.90
C LEU F 161 33.21 4.91 9.78
N MET F 162 32.46 4.03 9.11
CA MET F 162 32.86 2.64 9.02
C MET F 162 32.71 2.25 7.56
N PRO F 163 33.45 2.91 6.65
CA PRO F 163 33.28 2.52 5.24
C PRO F 163 33.65 1.06 4.95
N GLU F 164 34.59 0.48 5.71
CA GLU F 164 34.99 -0.92 5.52
C GLU F 164 34.40 -1.94 6.50
N GLY F 165 33.44 -1.54 7.33
CA GLY F 165 32.91 -2.47 8.31
C GLY F 165 33.27 -2.11 9.74
N GLY F 166 32.65 -2.80 10.68
CA GLY F 166 32.68 -2.36 12.05
C GLY F 166 31.80 -3.25 12.86
N SER F 167 31.66 -2.87 14.13
CA SER F 167 30.87 -3.66 15.06
C SER F 167 30.17 -2.73 16.05
N ILE F 168 28.91 -3.02 16.34
CA ILE F 168 28.12 -2.20 17.23
C ILE F 168 27.59 -3.10 18.33
N VAL F 169 27.82 -2.71 19.58
CA VAL F 169 27.30 -3.50 20.72
C VAL F 169 26.41 -2.64 21.60
N ALA F 170 25.27 -3.19 21.99
CA ALA F 170 24.35 -2.52 22.92
C ALA F 170 24.18 -3.36 24.19
N THR F 171 23.74 -2.71 25.26
CA THR F 171 23.62 -3.33 26.57
C THR F 171 22.16 -3.61 26.95
N THR F 172 21.84 -4.88 27.16
CA THR F 172 20.49 -5.26 27.48
C THR F 172 20.44 -5.96 28.83
N TYR F 173 19.29 -6.50 29.16
CA TYR F 173 19.09 -7.17 30.38
C TYR F 173 17.96 -8.21 30.22
N LEU F 174 18.16 -9.38 30.84
CA LEU F 174 17.17 -10.45 30.92
C LEU F 174 15.74 -9.94 30.96
N GLY F 175 15.47 -8.78 31.56
CA GLY F 175 14.09 -8.26 31.67
C GLY F 175 13.47 -7.87 30.33
N GLY F 176 14.28 -7.71 29.28
CA GLY F 176 13.80 -7.70 27.88
C GLY F 176 13.24 -8.98 27.27
N GLU F 177 13.67 -10.13 27.79
CA GLU F 177 13.13 -11.43 27.38
C GLU F 177 11.99 -12.02 28.25
N PHE F 178 11.90 -11.67 29.53
CA PHE F 178 10.97 -12.26 30.51
C PHE F 178 10.40 -11.12 31.33
N ALA F 179 9.21 -11.28 31.89
CA ALA F 179 8.65 -10.22 32.65
C ALA F 179 9.32 -10.44 34.02
N VAL F 180 10.17 -9.50 34.46
CA VAL F 180 10.79 -9.54 35.79
C VAL F 180 10.10 -8.50 36.69
N GLN F 181 10.17 -8.70 38.01
CA GLN F 181 9.52 -7.80 38.94
C GLN F 181 10.13 -6.41 38.92
N ASN F 182 9.28 -5.38 39.01
CA ASN F 182 9.69 -3.97 39.10
C ASN F 182 10.41 -3.34 37.89
N TYR F 183 10.91 -4.13 36.97
CA TYR F 183 11.66 -3.62 35.82
C TYR F 183 10.73 -2.95 34.82
N ASN F 184 9.48 -3.42 34.75
CA ASN F 184 8.38 -2.68 34.12
C ASN F 184 8.65 -2.01 32.75
N VAL F 185 8.52 -0.69 32.66
CA VAL F 185 8.76 0.00 31.40
C VAL F 185 10.13 -0.27 30.74
N MET F 186 11.17 -0.51 31.53
CA MET F 186 12.50 -0.77 30.93
C MET F 186 12.60 -2.15 30.27
N GLY F 187 11.79 -3.09 30.77
CA GLY F 187 11.74 -4.40 30.15
C GLY F 187 11.13 -4.36 28.74
N VAL F 188 10.06 -3.59 28.54
CA VAL F 188 9.43 -3.44 27.23
C VAL F 188 10.39 -2.65 26.35
N ALA F 189 11.18 -1.75 26.93
CA ALA F 189 12.19 -1.00 26.13
C ALA F 189 13.37 -1.87 25.74
N LYS F 190 13.76 -2.82 26.60
CA LYS F 190 14.87 -3.73 26.28
C LYS F 190 14.44 -4.69 25.18
N ALA F 191 13.18 -5.15 25.25
CA ALA F 191 12.66 -6.04 24.23
C ALA F 191 12.80 -5.36 22.84
N SER F 192 12.38 -4.11 22.80
CA SER F 192 12.45 -3.24 21.66
C SER F 192 13.91 -3.09 21.23
N LEU F 193 14.81 -2.85 22.18
CA LEU F 193 16.22 -2.71 21.82
C LEU F 193 16.70 -4.02 21.21
N GLU F 194 16.21 -5.14 21.72
CA GLU F 194 16.79 -6.42 21.37
C GLU F 194 16.33 -6.82 19.95
N ALA F 195 15.15 -6.34 19.57
CA ALA F 195 14.63 -6.48 18.21
C ALA F 195 15.38 -5.57 17.25
N ASN F 196 15.80 -4.41 17.74
CA ASN F 196 16.48 -3.36 17.00
C ASN F 196 17.86 -3.80 16.56
N VAL F 197 18.62 -4.38 17.48
CA VAL F 197 19.84 -5.12 17.19
C VAL F 197 19.66 -6.16 16.06
N LYS F 198 18.65 -7.05 16.12
CA LYS F 198 18.36 -7.91 14.97
C LYS F 198 18.03 -7.17 13.65
N TYR F 199 17.10 -6.20 13.66
CA TYR F 199 16.70 -5.53 12.45
C TYR F 199 17.93 -4.75 11.97
N LEU F 200 18.77 -4.24 12.86
CA LEU F 200 19.99 -3.50 12.39
C LEU F 200 21.04 -4.46 11.89
N ALA F 201 21.08 -5.67 12.44
CA ALA F 201 22.04 -6.65 11.95
C ALA F 201 21.70 -7.06 10.52
N LEU F 202 20.42 -7.30 10.26
CA LEU F 202 19.92 -7.60 8.90
C LEU F 202 20.17 -6.45 7.91
N ASP F 203 19.84 -5.23 8.31
CA ASP F 203 20.07 -4.03 7.50
C ASP F 203 21.53 -3.79 7.12
N LEU F 204 22.41 -3.83 8.12
CA LEU F 204 23.79 -3.32 7.98
C LEU F 204 24.81 -4.43 7.69
N GLY F 205 24.38 -5.68 7.75
CA GLY F 205 25.22 -6.83 7.38
C GLY F 205 25.90 -6.77 6.02
N PRO F 206 25.16 -6.38 4.97
CA PRO F 206 25.79 -6.25 3.64
C PRO F 206 26.85 -5.15 3.65
N ASP F 207 26.77 -4.26 4.63
CA ASP F 207 27.85 -3.24 4.77
C ASP F 207 29.02 -3.77 5.59
N ASN F 208 28.98 -5.06 5.95
CA ASN F 208 29.97 -5.61 6.90
C ASN F 208 30.00 -5.00 8.32
N ILE F 209 28.86 -4.48 8.78
CA ILE F 209 28.74 -3.93 10.12
C ILE F 209 27.97 -4.94 10.95
N ARG F 210 28.62 -5.49 11.97
CA ARG F 210 27.89 -6.43 12.82
C ARG F 210 27.20 -5.72 13.98
N VAL F 211 26.04 -6.23 14.41
CA VAL F 211 25.30 -5.59 15.48
C VAL F 211 24.86 -6.69 16.44
N ASN F 212 25.26 -6.53 17.71
CA ASN F 212 24.98 -7.49 18.75
C ASN F 212 24.62 -6.80 20.08
N ALA F 213 24.10 -7.59 21.01
CA ALA F 213 23.72 -7.17 22.35
C ALA F 213 24.52 -8.01 23.38
N ILE F 214 24.94 -7.38 24.48
CA ILE F 214 25.38 -8.06 25.71
C ILE F 214 24.27 -7.95 26.75
N SER F 215 23.69 -9.08 27.16
CA SER F 215 22.76 -9.10 28.28
C SER F 215 23.54 -9.25 29.60
N ALA F 216 23.81 -8.12 30.23
CA ALA F 216 24.48 -8.11 31.51
C ALA F 216 23.58 -8.59 32.62
N GLY F 217 24.16 -9.35 33.55
CA GLY F 217 23.69 -9.48 34.92
C GLY F 217 23.63 -8.17 35.66
N PRO F 218 22.89 -8.15 36.78
CA PRO F 218 22.82 -7.01 37.67
C PRO F 218 24.19 -6.57 38.23
N ILE F 219 24.46 -5.27 38.15
CA ILE F 219 25.71 -4.68 38.57
C ILE F 219 25.34 -3.37 39.26
N ARG F 220 25.86 -3.14 40.46
CA ARG F 220 25.51 -1.94 41.20
C ARG F 220 26.06 -0.70 40.48
N THR F 221 25.15 0.12 39.95
CA THR F 221 25.55 1.29 39.17
C THR F 221 24.59 2.39 39.57
N LEU F 222 24.87 3.62 39.16
CA LEU F 222 23.91 4.72 39.42
C LEU F 222 22.47 4.44 38.89
N SER F 223 22.31 3.98 37.65
CA SER F 223 21.01 3.57 37.17
C SER F 223 20.30 2.44 37.93
N ALA F 224 21.06 1.48 38.46
CA ALA F 224 20.44 0.38 39.20
C ALA F 224 19.73 0.86 40.46
N LYS F 225 19.93 2.13 40.85
CA LYS F 225 19.03 2.70 41.86
C LYS F 225 17.60 2.94 41.41
N GLY F 226 17.30 2.85 40.11
CA GLY F 226 15.94 3.09 39.66
C GLY F 226 15.06 1.88 39.83
N VAL F 227 15.70 0.72 39.69
CA VAL F 227 15.12 -0.61 39.77
C VAL F 227 14.76 -1.09 41.17
N GLY F 228 13.47 -1.04 41.50
CA GLY F 228 13.01 -1.50 42.81
C GLY F 228 13.49 -2.91 43.05
N GLY F 229 13.57 -3.27 44.32
CA GLY F 229 14.09 -4.55 44.77
C GLY F 229 15.43 -4.97 44.19
N PHE F 230 16.26 -4.03 43.76
CA PHE F 230 17.53 -4.38 43.12
C PHE F 230 18.46 -5.33 43.90
N ASN F 231 18.60 -5.16 45.21
CA ASN F 231 19.43 -6.02 46.03
C ASN F 231 18.90 -7.44 46.11
N THR F 232 17.57 -7.59 46.09
CA THR F 232 17.03 -8.94 46.01
C THR F 232 17.45 -9.61 44.70
N ILE F 233 17.69 -8.84 43.65
CA ILE F 233 18.06 -9.41 42.35
C ILE F 233 19.51 -9.88 42.39
N LEU F 234 20.43 -9.09 42.93
CA LEU F 234 21.80 -9.56 43.06
C LEU F 234 21.87 -10.81 43.92
N LYS F 235 21.07 -10.87 44.97
CA LYS F 235 21.16 -12.00 45.88
C LYS F 235 20.62 -13.29 45.24
N GLU F 236 19.50 -13.20 44.54
CA GLU F 236 19.02 -14.31 43.71
C GLU F 236 20.08 -14.90 42.77
N ILE F 237 20.86 -14.05 42.12
CA ILE F 237 21.93 -14.49 41.22
C ILE F 237 22.96 -15.32 41.94
N GLU F 238 23.36 -14.89 43.15
CA GLU F 238 24.39 -15.53 43.93
C GLU F 238 23.87 -16.87 44.39
N GLU F 239 22.57 -16.93 44.65
CA GLU F 239 22.02 -18.13 45.21
C GLU F 239 21.58 -19.16 44.14
N ARG F 240 21.22 -18.71 42.94
CA ARG F 240 20.66 -19.62 41.93
C ARG F 240 21.39 -19.78 40.57
N ALA F 241 22.09 -18.76 40.11
CA ALA F 241 22.84 -18.76 38.86
C ALA F 241 23.93 -19.82 38.88
N PRO F 242 24.11 -20.56 37.77
CA PRO F 242 25.09 -21.67 37.76
C PRO F 242 26.43 -21.31 38.41
N LEU F 243 26.96 -20.11 38.19
CA LEU F 243 28.27 -19.72 38.74
C LEU F 243 28.22 -19.26 40.21
N LYS F 244 27.02 -19.03 40.72
CA LYS F 244 26.80 -18.69 42.11
C LYS F 244 27.52 -17.42 42.51
N ARG F 245 27.59 -16.44 41.63
CA ARG F 245 28.22 -15.17 41.97
C ARG F 245 27.64 -14.21 40.94
N ASN F 246 27.74 -12.93 41.24
CA ASN F 246 27.41 -11.89 40.29
C ASN F 246 28.62 -11.64 39.39
N VAL F 247 28.38 -10.88 38.32
CA VAL F 247 29.42 -10.45 37.37
C VAL F 247 29.80 -9.00 37.66
N ASP F 248 30.92 -8.53 37.11
CA ASP F 248 31.22 -7.11 37.16
C ASP F 248 31.38 -6.48 35.76
N GLN F 249 31.71 -5.19 35.78
CA GLN F 249 31.76 -4.37 34.60
C GLN F 249 32.86 -4.86 33.65
N VAL F 250 33.94 -5.39 34.23
CA VAL F 250 35.12 -5.85 33.51
C VAL F 250 34.76 -7.09 32.70
N GLU F 251 33.90 -7.93 33.28
CA GLU F 251 33.41 -9.07 32.53
C GLU F 251 32.59 -8.70 31.30
N VAL F 252 31.71 -7.72 31.47
CA VAL F 252 31.02 -7.12 30.35
C VAL F 252 32.04 -6.56 29.33
N GLY F 253 32.97 -5.71 29.77
CA GLY F 253 34.08 -5.31 28.92
C GLY F 253 34.81 -6.43 28.17
N LYS F 254 35.11 -7.56 28.81
CA LYS F 254 35.82 -8.60 28.06
C LYS F 254 35.04 -9.19 26.88
N THR F 255 33.75 -9.48 27.08
CA THR F 255 32.88 -9.84 26.00
C THR F 255 32.64 -8.73 25.00
N ALA F 256 32.55 -7.49 25.41
CA ALA F 256 32.53 -6.39 24.46
C ALA F 256 33.79 -6.43 23.56
N ALA F 257 34.96 -6.61 24.16
CA ALA F 257 36.20 -6.80 23.39
C ALA F 257 36.07 -7.91 22.33
N TYR F 258 35.54 -9.06 22.73
CA TYR F 258 35.21 -10.12 21.80
C TYR F 258 34.32 -9.59 20.66
N LEU F 259 33.15 -9.07 21.02
CA LEU F 259 32.15 -8.67 20.02
C LEU F 259 32.65 -7.53 19.11
N LEU F 260 33.50 -6.65 19.64
CA LEU F 260 34.04 -5.53 18.83
C LEU F 260 35.28 -5.83 17.97
N SER F 261 35.87 -7.02 18.13
CA SER F 261 37.13 -7.39 17.51
C SER F 261 36.81 -8.42 16.45
N ASP F 262 37.82 -8.71 15.65
CA ASP F 262 37.68 -9.72 14.58
C ASP F 262 37.44 -11.13 15.16
N LEU F 263 37.64 -11.31 16.46
CA LEU F 263 37.42 -12.64 17.03
C LEU F 263 35.98 -13.09 16.74
N SER F 264 35.05 -12.15 16.73
CA SER F 264 33.64 -12.50 16.59
C SER F 264 33.12 -12.30 15.16
N SER F 265 34.03 -12.18 14.19
N SER F 265 34.01 -12.40 14.18
CA SER F 265 33.58 -12.17 12.80
CA SER F 265 33.68 -12.03 12.80
C SER F 265 32.69 -13.38 12.66
C SER F 265 32.41 -12.66 12.26
N GLY F 266 31.59 -13.22 11.94
N GLY F 266 32.11 -13.88 12.69
CA GLY F 266 30.67 -14.32 11.74
CA GLY F 266 30.99 -14.63 12.13
C GLY F 266 29.49 -14.22 12.69
C GLY F 266 29.66 -14.37 12.83
N VAL F 267 29.63 -13.37 13.69
CA VAL F 267 28.60 -13.30 14.74
C VAL F 267 27.79 -12.01 14.61
N THR F 268 26.48 -12.11 14.40
CA THR F 268 25.73 -10.84 14.34
C THR F 268 24.25 -11.08 14.67
N GLY F 269 23.59 -10.10 15.28
CA GLY F 269 22.16 -10.25 15.64
C GLY F 269 22.05 -11.16 16.86
N GLU F 270 23.18 -11.33 17.55
CA GLU F 270 23.27 -12.22 18.69
C GLU F 270 23.13 -11.46 20.04
N ASN F 271 22.59 -12.17 21.02
CA ASN F 271 22.52 -11.63 22.37
C ASN F 271 23.33 -12.54 23.29
N ILE F 272 24.53 -12.10 23.68
CA ILE F 272 25.34 -12.93 24.57
C ILE F 272 25.10 -12.58 26.04
N HIS F 273 24.70 -13.56 26.85
CA HIS F 273 24.36 -13.31 28.25
C HIS F 273 25.58 -13.39 29.13
N VAL F 274 25.97 -12.24 29.68
CA VAL F 274 27.07 -12.17 30.65
C VAL F 274 26.55 -12.10 32.08
N ASP F 275 26.01 -13.21 32.55
CA ASP F 275 25.17 -13.17 33.74
C ASP F 275 25.38 -14.40 34.61
N SER F 276 26.58 -14.96 34.70
CA SER F 276 26.76 -16.18 35.47
C SER F 276 25.83 -17.36 35.13
N GLY F 277 25.26 -17.36 33.91
CA GLY F 277 24.42 -18.44 33.43
C GLY F 277 22.96 -18.42 33.87
N PHE F 278 22.52 -17.31 34.47
CA PHE F 278 21.18 -17.20 35.06
C PHE F 278 20.08 -17.26 34.00
N HIS F 279 20.33 -16.64 32.84
CA HIS F 279 19.42 -16.82 31.70
C HIS F 279 19.06 -18.28 31.40
N ALA F 280 19.94 -19.24 31.71
CA ALA F 280 19.74 -20.63 31.26
C ALA F 280 18.87 -21.46 32.20
N ILE F 281 18.44 -20.90 33.33
CA ILE F 281 17.81 -21.69 34.39
C ILE F 281 16.41 -21.17 34.70
N LYS F 282 15.58 -22.07 35.23
CA LYS F 282 14.30 -21.68 35.80
C LYS F 282 14.10 -22.17 37.25
N VAL G 28 43.20 -12.63 24.67
CA VAL G 28 43.14 -14.10 24.40
C VAL G 28 44.54 -14.72 24.21
N ASN G 29 45.47 -14.37 25.11
CA ASN G 29 46.75 -15.08 25.28
C ASN G 29 46.62 -16.46 25.96
N LEU G 30 46.84 -17.54 25.22
CA LEU G 30 46.60 -18.89 25.77
C LEU G 30 47.86 -19.75 25.99
N GLU G 31 49.01 -19.12 26.19
CA GLU G 31 50.19 -19.82 26.70
C GLU G 31 50.05 -20.27 28.16
N ASN G 32 50.59 -21.44 28.46
CA ASN G 32 50.44 -22.03 29.79
C ASN G 32 49.03 -22.62 29.98
N LYS G 33 48.38 -22.90 28.85
CA LYS G 33 47.01 -23.40 28.79
C LYS G 33 46.95 -24.73 27.96
N THR G 34 46.11 -25.70 28.36
CA THR G 34 46.03 -26.97 27.66
C THR G 34 44.60 -27.28 27.34
N TYR G 35 44.28 -27.58 26.08
CA TYR G 35 42.90 -27.93 25.69
C TYR G 35 42.81 -29.31 25.05
N VAL G 36 41.80 -30.08 25.36
CA VAL G 36 41.51 -31.28 24.57
C VAL G 36 40.50 -31.01 23.43
N ILE G 37 40.85 -31.39 22.21
CA ILE G 37 40.04 -31.18 21.00
C ILE G 37 39.57 -32.55 20.50
N MET G 38 38.26 -32.78 20.54
CA MET G 38 37.70 -34.06 20.15
C MET G 38 36.97 -33.88 18.85
N GLY G 39 37.36 -34.62 17.81
CA GLY G 39 36.52 -34.73 16.59
C GLY G 39 37.16 -34.16 15.32
N ILE G 40 38.49 -34.17 15.25
CA ILE G 40 39.18 -33.97 13.99
C ILE G 40 39.22 -35.25 13.16
N ALA G 41 38.76 -35.14 11.90
CA ALA G 41 38.81 -36.24 10.96
C ALA G 41 39.73 -35.88 9.79
N ASN G 42 39.81 -34.59 9.45
CA ASN G 42 40.60 -34.17 8.29
C ASN G 42 40.81 -32.67 8.27
N LYS G 43 41.48 -32.12 7.27
CA LYS G 43 41.75 -30.67 7.24
C LYS G 43 40.52 -29.75 7.18
N ARG G 44 39.34 -30.28 6.88
CA ARG G 44 38.08 -29.50 6.81
C ARG G 44 37.23 -29.67 8.08
N SER G 45 37.67 -30.50 9.01
CA SER G 45 36.90 -30.57 10.24
C SER G 45 36.79 -29.20 10.89
N ILE G 46 35.61 -28.89 11.41
CA ILE G 46 35.41 -27.75 12.32
C ILE G 46 36.37 -27.78 13.52
N ALA G 47 36.63 -28.97 14.07
CA ALA G 47 37.68 -29.09 15.13
C ALA G 47 39.07 -28.65 14.67
N PHE G 48 39.31 -28.67 13.39
CA PHE G 48 40.67 -28.33 12.96
C PHE G 48 40.78 -26.81 12.77
N GLY G 49 39.71 -26.15 12.36
CA GLY G 49 39.61 -24.69 12.51
C GLY G 49 39.86 -24.22 13.94
N VAL G 50 39.30 -24.94 14.91
CA VAL G 50 39.53 -24.64 16.32
C VAL G 50 40.99 -24.82 16.70
N ALA G 51 41.57 -25.96 16.31
CA ALA G 51 42.94 -26.28 16.62
C ALA G 51 43.92 -25.21 16.10
N LYS G 52 43.72 -24.76 14.86
CA LYS G 52 44.60 -23.75 14.27
C LYS G 52 44.55 -22.43 15.03
N VAL G 53 43.38 -22.05 15.53
CA VAL G 53 43.27 -20.81 16.29
C VAL G 53 43.92 -20.96 17.66
N LEU G 54 43.65 -22.05 18.36
CA LEU G 54 44.26 -22.25 19.66
C LEU G 54 45.78 -22.41 19.57
N ASP G 55 46.27 -23.16 18.59
CA ASP G 55 47.69 -23.39 18.39
C ASP G 55 48.39 -22.07 18.10
N GLN G 56 47.74 -21.22 17.30
CA GLN G 56 48.14 -19.86 17.00
C GLN G 56 48.24 -18.98 18.26
N LEU G 57 47.41 -19.27 19.24
CA LEU G 57 47.34 -18.44 20.43
C LEU G 57 48.27 -19.00 21.51
N GLY G 58 49.05 -20.02 21.17
CA GLY G 58 50.01 -20.60 22.12
C GLY G 58 49.54 -21.72 23.03
N ALA G 59 48.28 -22.15 22.95
CA ALA G 59 47.81 -23.31 23.73
C ALA G 59 48.60 -24.57 23.41
N LYS G 60 48.69 -25.45 24.42
CA LYS G 60 49.06 -26.82 24.21
C LYS G 60 47.78 -27.63 23.98
N LEU G 61 47.88 -28.59 23.06
CA LEU G 61 46.75 -29.27 22.46
C LEU G 61 46.91 -30.80 22.47
N VAL G 62 45.78 -31.46 22.70
CA VAL G 62 45.66 -32.88 22.93
C VAL G 62 44.44 -33.17 22.06
N PHE G 63 44.61 -34.16 21.19
CA PHE G 63 43.63 -34.54 20.19
C PHE G 63 43.10 -35.96 20.40
N THR G 64 41.79 -36.14 20.31
CA THR G 64 41.20 -37.47 20.37
C THR G 64 40.46 -37.82 19.08
N TYR G 65 40.52 -39.09 18.67
CA TYR G 65 39.94 -39.52 17.39
C TYR G 65 39.23 -40.85 17.59
N ARG G 66 38.39 -41.24 16.62
CA ARG G 66 37.87 -42.58 16.66
C ARG G 66 38.61 -43.52 15.71
N LYS G 67 38.55 -43.22 14.41
N LYS G 67 38.62 -43.15 14.43
CA LYS G 67 38.95 -44.17 13.36
CA LYS G 67 39.07 -44.00 13.35
C LYS G 67 40.44 -43.95 13.06
C LYS G 67 40.58 -43.91 13.20
N GLU G 68 41.18 -45.02 12.79
CA GLU G 68 42.61 -44.84 12.63
CA GLU G 68 42.61 -45.03 12.47
C GLU G 68 42.93 -43.94 11.45
N ARG G 69 42.07 -43.85 10.45
CA ARG G 69 42.22 -42.90 9.36
C ARG G 69 42.27 -41.47 9.88
N SER G 70 41.49 -41.19 10.92
CA SER G 70 41.57 -39.89 11.59
C SER G 70 42.86 -39.68 12.39
N ARG G 71 43.42 -40.74 13.00
CA ARG G 71 44.77 -40.61 13.55
C ARG G 71 45.77 -40.20 12.47
N LYS G 72 45.79 -40.92 11.34
CA LYS G 72 46.69 -40.57 10.23
C LYS G 72 46.56 -39.14 9.65
N GLU G 73 45.33 -38.66 9.43
CA GLU G 73 45.08 -37.24 9.14
C GLU G 73 45.65 -36.27 10.21
N LEU G 74 45.50 -36.61 11.49
CA LEU G 74 46.08 -35.79 12.56
C LEU G 74 47.62 -35.75 12.50
N GLU G 75 48.27 -36.91 12.31
CA GLU G 75 49.72 -36.90 12.33
C GLU G 75 50.24 -35.95 11.24
N LYS G 76 49.64 -36.00 10.05
CA LYS G 76 50.01 -35.08 8.96
C LYS G 76 49.53 -33.63 9.17
N LEU G 77 48.38 -33.42 9.79
CA LEU G 77 47.89 -32.06 10.06
C LEU G 77 48.69 -31.35 11.15
N LEU G 78 49.18 -32.11 12.12
CA LEU G 78 50.04 -31.57 13.16
C LEU G 78 51.35 -30.96 12.63
N GLU G 79 51.75 -31.34 11.42
CA GLU G 79 52.88 -30.72 10.71
C GLU G 79 52.65 -29.23 10.46
N GLN G 80 51.40 -28.84 10.23
CA GLN G 80 50.99 -27.43 10.12
C GLN G 80 51.02 -26.60 11.40
N LEU G 81 50.80 -27.24 12.55
CA LEU G 81 50.74 -26.59 13.86
C LEU G 81 52.11 -26.44 14.52
N ASN G 82 52.15 -25.63 15.59
CA ASN G 82 53.39 -25.38 16.30
C ASN G 82 53.47 -26.27 17.51
N GLN G 83 52.79 -27.40 17.51
CA GLN G 83 52.83 -28.26 18.70
C GLN G 83 54.12 -29.06 18.71
N PRO G 84 54.98 -28.85 19.75
CA PRO G 84 56.20 -29.61 20.00
C PRO G 84 56.01 -31.13 20.03
N GLU G 85 54.90 -31.62 20.55
CA GLU G 85 54.59 -33.06 20.47
C GLU G 85 53.14 -33.38 20.10
N ALA G 86 52.98 -34.51 19.42
CA ALA G 86 51.67 -35.07 19.13
C ALA G 86 51.16 -35.70 20.41
N HIS G 87 50.07 -35.18 20.96
CA HIS G 87 49.32 -35.90 21.99
C HIS G 87 48.01 -36.41 21.36
N LEU G 88 47.93 -37.71 21.06
CA LEU G 88 46.81 -38.27 20.31
C LEU G 88 46.19 -39.44 21.06
N TYR G 89 44.89 -39.39 21.32
CA TYR G 89 44.23 -40.50 21.99
C TYR G 89 43.00 -40.97 21.20
N GLN G 90 42.89 -42.28 21.05
CA GLN G 90 41.71 -42.90 20.49
C GLN G 90 40.65 -42.97 21.57
N ILE G 91 39.54 -42.27 21.33
CA ILE G 91 38.38 -42.33 22.18
C ILE G 91 37.17 -42.44 21.27
N ASP G 92 36.55 -43.60 21.28
CA ASP G 92 35.21 -43.76 20.74
C ASP G 92 34.21 -43.43 21.84
N VAL G 93 33.48 -42.32 21.72
CA VAL G 93 32.59 -41.90 22.80
C VAL G 93 31.38 -42.80 23.09
N GLN G 94 31.17 -43.84 22.27
CA GLN G 94 30.18 -44.86 22.58
C GLN G 94 30.60 -45.75 23.75
N SER G 95 31.89 -45.72 24.07
CA SER G 95 32.49 -46.58 25.08
C SER G 95 32.80 -45.79 26.36
N ASP G 96 32.08 -46.11 27.43
CA ASP G 96 32.40 -45.57 28.74
C ASP G 96 33.89 -45.79 29.03
N GLU G 97 34.37 -47.03 28.93
CA GLU G 97 35.77 -47.32 29.24
C GLU G 97 36.74 -46.44 28.45
N GLU G 98 36.46 -46.24 27.16
CA GLU G 98 37.43 -45.51 26.33
C GLU G 98 37.48 -44.03 26.73
N VAL G 99 36.33 -43.40 26.99
CA VAL G 99 36.29 -42.05 27.55
C VAL G 99 36.96 -41.99 28.93
N ILE G 100 36.57 -42.87 29.84
CA ILE G 100 37.18 -42.91 31.17
C ILE G 100 38.70 -43.07 31.15
N ASN G 101 39.22 -43.99 30.33
CA ASN G 101 40.65 -44.33 30.32
C ASN G 101 41.48 -43.40 29.45
N GLY G 102 40.88 -42.87 28.38
CA GLY G 102 41.49 -41.84 27.55
C GLY G 102 41.69 -40.54 28.32
N PHE G 103 40.68 -40.09 29.07
CA PHE G 103 40.88 -38.89 29.87
C PHE G 103 41.83 -39.05 31.05
N GLU G 104 41.68 -40.14 31.79
CA GLU G 104 42.66 -40.49 32.83
C GLU G 104 44.11 -40.64 32.32
N GLN G 105 44.29 -41.19 31.11
CA GLN G 105 45.57 -41.19 30.40
C GLN G 105 46.10 -39.81 29.95
N ILE G 106 45.23 -38.93 29.48
CA ILE G 106 45.57 -37.53 29.16
C ILE G 106 46.17 -36.79 30.37
N GLY G 107 45.60 -37.08 31.53
CA GLY G 107 45.98 -36.35 32.73
C GLY G 107 47.36 -36.77 33.19
N LYS G 108 47.67 -38.06 32.99
CA LYS G 108 48.96 -38.63 33.34
CA LYS G 108 48.98 -38.58 33.40
C LYS G 108 50.07 -38.06 32.45
N ASP G 109 49.72 -37.86 31.19
CA ASP G 109 50.70 -37.40 30.19
C ASP G 109 50.94 -35.89 30.15
N VAL G 110 49.86 -35.10 30.27
CA VAL G 110 49.95 -33.64 30.22
C VAL G 110 49.60 -33.00 31.57
N GLY G 111 49.09 -33.79 32.51
CA GLY G 111 48.58 -33.18 33.74
C GLY G 111 47.26 -32.50 33.49
N ASN G 112 46.90 -31.54 34.34
CA ASN G 112 45.60 -30.91 34.32
C ASN G 112 45.32 -30.04 33.10
N ILE G 113 44.05 -29.95 32.70
CA ILE G 113 43.70 -29.22 31.49
C ILE G 113 42.83 -27.99 31.77
N ASP G 114 42.76 -27.09 30.80
CA ASP G 114 41.95 -25.90 30.94
C ASP G 114 40.55 -25.98 30.32
N GLY G 115 40.31 -26.94 29.42
CA GLY G 115 39.14 -26.92 28.54
C GLY G 115 38.98 -28.12 27.64
N VAL G 116 37.77 -28.34 27.13
CA VAL G 116 37.52 -29.36 26.10
C VAL G 116 36.72 -28.76 24.94
N TYR G 117 37.16 -28.97 23.69
CA TYR G 117 36.30 -28.63 22.56
C TYR G 117 35.65 -29.91 22.03
N HIS G 118 34.33 -29.96 22.14
CA HIS G 118 33.59 -31.14 21.72
C HIS G 118 32.99 -30.90 20.32
N SER G 119 33.31 -31.77 19.39
CA SER G 119 33.00 -31.54 17.97
C SER G 119 32.63 -32.87 17.36
N ILE G 120 31.76 -33.59 18.05
CA ILE G 120 31.47 -35.00 17.70
C ILE G 120 29.99 -35.21 17.45
N ALA G 121 29.64 -35.76 16.30
CA ALA G 121 28.27 -36.18 16.04
C ALA G 121 28.29 -37.32 15.06
N PHE G 122 27.24 -38.14 15.12
CA PHE G 122 27.02 -39.15 14.12
C PHE G 122 25.55 -39.50 13.95
N ALA G 123 25.17 -39.77 12.70
CA ALA G 123 23.87 -40.36 12.45
C ALA G 123 24.02 -41.15 11.17
N ASN G 124 23.29 -42.25 11.06
CA ASN G 124 23.22 -43.01 9.83
C ASN G 124 22.66 -42.17 8.72
N MET G 125 23.09 -42.48 7.51
CA MET G 125 22.71 -41.67 6.37
C MET G 125 21.24 -41.74 5.99
N GLU G 126 20.59 -42.90 6.16
CA GLU G 126 19.14 -42.94 5.91
C GLU G 126 18.38 -41.89 6.75
N ASP G 127 18.78 -41.75 8.01
CA ASP G 127 18.10 -40.88 8.95
C ASP G 127 18.50 -39.41 8.76
N LEU G 128 19.00 -39.02 7.59
CA LEU G 128 19.40 -37.63 7.36
C LEU G 128 18.78 -36.99 6.09
N ARG G 129 17.63 -37.52 5.69
CA ARG G 129 16.92 -37.19 4.44
C ARG G 129 15.58 -37.90 4.54
N GLY G 130 14.75 -37.75 3.51
CA GLY G 130 13.36 -38.21 3.56
C GLY G 130 12.59 -37.84 4.83
N ARG G 131 11.81 -38.78 5.34
CA ARG G 131 10.77 -38.48 6.32
C ARG G 131 11.26 -38.79 7.74
N PHE G 132 11.31 -37.75 8.56
CA PHE G 132 11.64 -37.91 9.99
C PHE G 132 10.80 -39.02 10.63
N SER G 133 9.51 -39.11 10.28
CA SER G 133 8.56 -39.98 11.01
C SER G 133 8.88 -41.46 10.80
N GLU G 134 9.75 -41.75 9.82
CA GLU G 134 10.21 -43.10 9.51
C GLU G 134 11.51 -43.49 10.24
N THR G 135 12.09 -42.59 11.03
CA THR G 135 13.29 -42.91 11.83
C THR G 135 13.07 -44.15 12.69
N SER G 136 14.07 -45.02 12.65
CA SER G 136 14.14 -46.17 13.54
C SER G 136 14.62 -45.78 14.95
N ARG G 137 14.18 -46.58 15.91
CA ARG G 137 14.65 -46.44 17.28
C ARG G 137 16.18 -46.51 17.39
N GLU G 138 16.78 -47.49 16.73
CA GLU G 138 18.23 -47.70 16.89
C GLU G 138 18.98 -46.50 16.29
N GLY G 139 18.41 -45.93 15.23
CA GLY G 139 19.04 -44.83 14.52
C GLY G 139 18.84 -43.55 15.30
N PHE G 140 17.69 -43.45 15.96
CA PHE G 140 17.47 -42.35 16.87
C PHE G 140 18.32 -42.36 18.17
N LEU G 141 18.48 -43.52 18.80
CA LEU G 141 19.31 -43.62 20.01
C LEU G 141 20.82 -43.60 19.69
N LEU G 142 21.17 -44.08 18.51
CA LEU G 142 22.54 -43.91 18.00
C LEU G 142 22.92 -42.45 17.98
N ALA G 143 22.15 -41.62 17.28
CA ALA G 143 22.46 -40.20 17.18
C ALA G 143 22.52 -39.49 18.54
N GLN G 144 21.62 -39.85 19.47
CA GLN G 144 21.60 -39.32 20.84
C GLN G 144 22.86 -39.65 21.62
N ASP G 145 23.28 -40.92 21.50
CA ASP G 145 24.38 -41.48 22.24
C ASP G 145 25.69 -40.78 21.87
N ILE G 146 25.97 -40.72 20.57
CA ILE G 146 27.19 -40.16 20.02
C ILE G 146 27.19 -38.65 20.11
N SER G 147 26.04 -38.02 19.84
CA SER G 147 25.95 -36.58 19.61
C SER G 147 25.54 -35.74 20.83
N SER G 148 24.79 -36.34 21.77
CA SER G 148 24.40 -35.69 23.02
C SER G 148 25.03 -36.27 24.30
N TYR G 149 24.68 -37.50 24.66
CA TYR G 149 25.29 -38.16 25.80
C TYR G 149 26.81 -38.05 25.89
N SER G 150 27.55 -38.18 24.77
CA SER G 150 29.00 -38.16 24.87
C SER G 150 29.52 -36.90 25.59
N LEU G 151 28.82 -35.78 25.45
CA LEU G 151 29.17 -34.54 26.15
C LEU G 151 29.09 -34.73 27.65
N THR G 152 28.07 -35.43 28.12
CA THR G 152 27.83 -35.54 29.55
C THR G 152 28.97 -36.33 30.19
N ILE G 153 29.26 -37.50 29.63
CA ILE G 153 30.31 -38.35 30.19
C ILE G 153 31.70 -37.74 29.99
N VAL G 154 31.93 -37.07 28.85
CA VAL G 154 33.21 -36.37 28.66
C VAL G 154 33.42 -35.31 29.75
N ALA G 155 32.37 -34.52 30.03
CA ALA G 155 32.41 -33.48 31.04
C ALA G 155 32.71 -34.11 32.40
N HIS G 156 32.05 -35.24 32.68
CA HIS G 156 32.23 -35.91 33.97
C HIS G 156 33.66 -36.39 34.18
N GLU G 157 34.27 -36.94 33.13
CA GLU G 157 35.69 -37.33 33.19
C GLU G 157 36.65 -36.15 33.10
N ALA G 158 36.25 -35.12 32.35
CA ALA G 158 37.15 -34.00 32.08
C ALA G 158 37.25 -33.09 33.28
N LYS G 159 36.21 -33.12 34.10
CA LYS G 159 36.17 -32.32 35.32
C LYS G 159 37.33 -32.74 36.27
N LYS G 160 37.64 -34.03 36.28
CA LYS G 160 38.76 -34.57 37.03
C LYS G 160 40.10 -33.93 36.72
N LEU G 161 40.23 -33.27 35.57
CA LEU G 161 41.49 -32.66 35.15
C LEU G 161 41.43 -31.12 35.21
N MET G 162 40.38 -30.61 35.85
CA MET G 162 40.19 -29.17 35.92
C MET G 162 39.85 -28.73 37.35
N PRO G 163 40.64 -29.16 38.37
CA PRO G 163 40.30 -28.78 39.77
C PRO G 163 40.13 -27.29 40.04
N GLU G 164 40.87 -26.42 39.35
CA GLU G 164 40.77 -24.97 39.44
C GLU G 164 39.73 -24.35 38.49
N GLY G 165 38.88 -25.17 37.85
CA GLY G 165 37.95 -24.64 36.87
C GLY G 165 38.37 -24.85 35.43
N GLY G 166 37.45 -24.57 34.50
CA GLY G 166 37.80 -24.57 33.10
C GLY G 166 36.60 -24.36 32.23
N SER G 167 36.71 -24.83 30.98
CA SER G 167 35.72 -24.47 29.97
C SER G 167 35.50 -25.55 28.90
N ILE G 168 34.23 -25.90 28.72
CA ILE G 168 33.84 -26.97 27.81
C ILE G 168 32.87 -26.43 26.78
N VAL G 169 33.19 -26.64 25.49
CA VAL G 169 32.41 -26.09 24.40
C VAL G 169 31.95 -27.19 23.42
N ALA G 170 30.66 -27.26 23.11
CA ALA G 170 30.21 -28.22 22.10
C ALA G 170 29.62 -27.53 20.84
N THR G 171 29.52 -28.30 19.75
CA THR G 171 29.24 -27.70 18.48
C THR G 171 27.87 -28.14 18.06
N THR G 172 26.97 -27.17 17.92
CA THR G 172 25.59 -27.49 17.59
C THR G 172 25.21 -26.86 16.25
N TYR G 173 23.95 -26.99 15.90
CA TYR G 173 23.45 -26.42 14.66
C TYR G 173 22.05 -25.92 14.87
N LEU G 174 21.69 -24.90 14.11
CA LEU G 174 20.38 -24.30 14.19
C LEU G 174 19.26 -25.34 14.05
N GLY G 175 19.50 -26.47 13.39
CA GLY G 175 18.55 -27.58 13.32
C GLY G 175 18.08 -28.04 14.69
N GLY G 176 18.83 -27.74 15.75
CA GLY G 176 18.47 -28.08 17.12
C GLY G 176 17.37 -27.19 17.74
N GLU G 177 17.19 -25.99 17.21
CA GLU G 177 16.21 -25.05 17.72
C GLU G 177 14.91 -24.97 16.89
N PHE G 178 15.00 -25.34 15.61
CA PHE G 178 13.94 -25.26 14.59
C PHE G 178 13.96 -26.50 13.73
N ALA G 179 12.79 -26.92 13.24
CA ALA G 179 12.72 -28.03 12.31
C ALA G 179 13.16 -27.58 10.93
N VAL G 180 14.15 -28.29 10.42
CA VAL G 180 14.92 -27.92 9.25
C VAL G 180 14.81 -29.14 8.31
N GLN G 181 14.67 -28.92 7.01
CA GLN G 181 14.43 -30.05 6.12
C GLN G 181 15.68 -30.94 6.10
N ASN G 182 15.47 -32.25 6.15
CA ASN G 182 16.46 -33.33 6.00
C ASN G 182 17.21 -33.70 7.27
N TYR G 183 17.40 -32.71 8.12
CA TYR G 183 18.30 -32.81 9.24
C TYR G 183 17.72 -33.73 10.29
N ASN G 184 16.40 -33.78 10.42
CA ASN G 184 15.74 -34.99 10.94
C ASN G 184 16.29 -35.48 12.27
N VAL G 185 16.84 -36.69 12.32
CA VAL G 185 17.27 -37.29 13.59
C VAL G 185 18.41 -36.47 14.25
N MET G 186 19.25 -35.84 13.44
CA MET G 186 20.28 -35.01 14.02
C MET G 186 19.76 -33.77 14.75
N GLY G 187 18.64 -33.18 14.29
CA GLY G 187 18.17 -31.94 14.86
C GLY G 187 17.65 -32.18 16.27
N VAL G 188 16.88 -33.25 16.45
CA VAL G 188 16.49 -33.75 17.77
C VAL G 188 17.68 -34.09 18.64
N ALA G 189 18.69 -34.76 18.10
CA ALA G 189 19.92 -34.99 18.86
C ALA G 189 20.60 -33.66 19.29
N LYS G 190 20.65 -32.69 18.39
CA LYS G 190 21.16 -31.35 18.73
C LYS G 190 20.28 -30.65 19.74
N ALA G 191 18.97 -30.91 19.73
CA ALA G 191 18.15 -30.22 20.73
C ALA G 191 18.50 -30.74 22.13
N SER G 192 18.70 -32.05 22.18
CA SER G 192 19.24 -32.75 23.34
C SER G 192 20.63 -32.23 23.76
N LEU G 193 21.48 -32.03 22.76
CA LEU G 193 22.81 -31.46 23.03
C LEU G 193 22.78 -30.09 23.75
N GLU G 194 21.97 -29.19 23.23
CA GLU G 194 21.88 -27.84 23.74
C GLU G 194 21.26 -27.78 25.15
N ALA G 195 20.31 -28.64 25.47
CA ALA G 195 19.82 -28.79 26.83
C ALA G 195 20.90 -29.40 27.76
N ASN G 196 21.67 -30.34 27.21
CA ASN G 196 22.77 -31.03 27.90
C ASN G 196 23.78 -29.97 28.35
N VAL G 197 24.06 -29.02 27.47
CA VAL G 197 24.93 -27.88 27.79
C VAL G 197 24.34 -27.04 28.97
N LYS G 198 23.04 -26.77 28.91
CA LYS G 198 22.42 -26.02 29.99
C LYS G 198 22.50 -26.73 31.35
N TYR G 199 22.20 -28.02 31.36
CA TYR G 199 22.17 -28.80 32.60
C TYR G 199 23.60 -29.00 33.13
N LEU G 200 24.54 -29.25 32.21
CA LEU G 200 25.95 -29.33 32.58
C LEU G 200 26.47 -28.05 33.19
N ALA G 201 26.03 -26.93 32.64
CA ALA G 201 26.50 -25.62 33.08
C ALA G 201 25.99 -25.33 34.48
N LEU G 202 24.76 -25.73 34.76
CA LEU G 202 24.18 -25.55 36.10
C LEU G 202 24.84 -26.49 37.12
N ASP G 203 25.11 -27.71 36.69
CA ASP G 203 25.75 -28.69 37.56
C ASP G 203 27.22 -28.33 37.84
N LEU G 204 27.94 -27.81 36.85
CA LEU G 204 29.40 -27.65 37.01
C LEU G 204 29.82 -26.22 37.35
N GLY G 205 28.85 -25.30 37.35
CA GLY G 205 29.15 -23.89 37.62
C GLY G 205 29.79 -23.69 38.99
N PRO G 206 29.32 -24.41 40.00
CA PRO G 206 29.93 -24.28 41.34
C PRO G 206 31.40 -24.75 41.37
N ASP G 207 31.83 -25.44 40.30
CA ASP G 207 33.19 -25.95 40.19
C ASP G 207 34.03 -25.03 39.31
N ASN G 208 33.43 -23.90 38.97
CA ASN G 208 34.03 -22.97 38.02
C ASN G 208 34.26 -23.58 36.63
N ILE G 209 33.40 -24.50 36.23
CA ILE G 209 33.57 -25.06 34.88
C ILE G 209 32.46 -24.49 34.02
N ARG G 210 32.81 -23.66 33.06
CA ARG G 210 31.78 -23.06 32.22
C ARG G 210 31.42 -24.06 31.10
N VAL G 211 30.18 -24.07 30.62
CA VAL G 211 29.83 -24.99 29.53
C VAL G 211 28.99 -24.24 28.53
N ASN G 212 29.34 -24.39 27.24
CA ASN G 212 28.71 -23.58 26.23
C ASN G 212 28.68 -24.28 24.89
N ALA G 213 27.89 -23.69 23.99
CA ALA G 213 27.72 -24.24 22.65
C ALA G 213 28.04 -23.18 21.61
N ILE G 214 28.67 -23.57 20.51
CA ILE G 214 28.71 -22.77 19.29
C ILE G 214 27.75 -23.35 18.26
N SER G 215 26.78 -22.56 17.83
CA SER G 215 25.88 -22.97 16.75
C SER G 215 26.47 -22.50 15.43
N ALA G 216 27.30 -23.36 14.83
CA ALA G 216 27.97 -23.05 13.55
C ALA G 216 27.00 -23.06 12.37
N GLY G 217 27.21 -22.16 11.43
CA GLY G 217 26.52 -22.29 10.14
C GLY G 217 27.07 -23.41 9.29
N PRO G 218 26.41 -23.67 8.16
CA PRO G 218 26.76 -24.80 7.30
C PRO G 218 28.20 -24.64 6.81
N ILE G 219 29.00 -25.70 6.96
CA ILE G 219 30.40 -25.75 6.52
C ILE G 219 30.68 -27.06 5.74
N ARG G 220 31.24 -26.96 4.53
CA ARG G 220 31.62 -28.17 3.82
C ARG G 220 32.67 -28.97 4.57
N THR G 221 32.18 -30.08 5.12
CA THR G 221 32.97 -31.05 5.84
C THR G 221 32.60 -32.48 5.36
N LEU G 222 33.41 -33.47 5.75
CA LEU G 222 33.08 -34.87 5.55
C LEU G 222 31.63 -35.19 5.98
N SER G 223 31.25 -34.91 7.23
CA SER G 223 29.89 -35.18 7.71
C SER G 223 28.75 -34.48 6.96
N ALA G 224 28.94 -33.25 6.53
CA ALA G 224 27.88 -32.53 5.82
C ALA G 224 27.48 -33.29 4.57
N LYS G 225 28.39 -34.15 4.12
CA LYS G 225 28.15 -35.00 2.98
C LYS G 225 26.88 -35.83 3.19
N GLY G 226 26.56 -36.14 4.44
CA GLY G 226 25.48 -37.07 4.72
C GLY G 226 24.18 -36.30 4.84
N VAL G 227 24.27 -34.98 4.86
CA VAL G 227 23.10 -34.14 5.06
C VAL G 227 22.43 -33.78 3.74
N GLY G 228 21.26 -34.31 3.46
CA GLY G 228 20.67 -34.09 2.15
C GLY G 228 20.48 -32.60 1.95
N GLY G 229 20.41 -32.16 0.70
CA GLY G 229 20.18 -30.76 0.39
C GLY G 229 21.23 -29.81 0.92
N PHE G 230 22.37 -30.35 1.37
CA PHE G 230 23.39 -29.51 2.00
C PHE G 230 23.86 -28.28 1.21
N ASN G 231 24.06 -28.44 -0.10
CA ASN G 231 24.37 -27.36 -1.03
C ASN G 231 23.33 -26.25 -1.00
N THR G 232 22.07 -26.65 -0.93
CA THR G 232 20.99 -25.69 -0.88
C THR G 232 20.95 -24.91 0.45
N ILE G 233 21.44 -25.53 1.52
CA ILE G 233 21.53 -24.88 2.82
C ILE G 233 22.60 -23.78 2.75
N LEU G 234 23.77 -24.09 2.23
CA LEU G 234 24.84 -23.11 2.10
C LEU G 234 24.43 -21.92 1.25
N LYS G 235 23.64 -22.20 0.22
CA LYS G 235 23.18 -21.17 -0.71
C LYS G 235 22.14 -20.23 -0.08
N GLU G 236 21.20 -20.79 0.68
CA GLU G 236 20.29 -19.94 1.42
C GLU G 236 21.03 -18.92 2.32
N ILE G 237 22.06 -19.36 3.03
CA ILE G 237 22.80 -18.50 3.93
C ILE G 237 23.33 -17.30 3.18
N GLU G 238 23.83 -17.58 1.98
CA GLU G 238 24.48 -16.57 1.15
C GLU G 238 23.47 -15.56 0.66
N GLU G 239 22.26 -16.04 0.36
CA GLU G 239 21.24 -15.16 -0.16
C GLU G 239 20.51 -14.36 0.92
N ARG G 240 20.47 -14.86 2.16
CA ARG G 240 19.50 -14.38 3.16
C ARG G 240 20.05 -13.94 4.52
N ALA G 241 21.12 -14.59 4.96
CA ALA G 241 21.76 -14.30 6.22
C ALA G 241 22.24 -12.85 6.12
N PRO G 242 22.20 -12.10 7.23
CA PRO G 242 22.60 -10.70 7.28
C PRO G 242 23.98 -10.44 6.67
N LEU G 243 24.91 -11.38 6.75
CA LEU G 243 26.25 -11.05 6.31
C LEU G 243 26.37 -11.46 4.83
N LYS G 244 25.35 -12.17 4.34
CA LYS G 244 25.27 -12.59 2.95
C LYS G 244 26.50 -13.37 2.53
N ARG G 245 27.04 -14.21 3.41
CA ARG G 245 28.18 -15.05 3.07
C ARG G 245 28.14 -16.22 4.05
N ASN G 246 28.87 -17.29 3.74
CA ASN G 246 29.02 -18.37 4.68
C ASN G 246 30.16 -18.12 5.67
N VAL G 247 30.18 -18.89 6.77
CA VAL G 247 31.26 -18.79 7.75
C VAL G 247 32.19 -19.93 7.44
N ASP G 248 33.42 -19.90 7.95
CA ASP G 248 34.30 -21.06 7.90
C ASP G 248 34.76 -21.56 9.27
N GLN G 249 35.59 -22.60 9.20
CA GLN G 249 36.05 -23.31 10.41
C GLN G 249 36.90 -22.46 11.36
N VAL G 250 37.75 -21.60 10.81
CA VAL G 250 38.51 -20.62 11.58
C VAL G 250 37.61 -19.62 12.31
N GLU G 251 36.56 -19.17 11.64
CA GLU G 251 35.59 -18.35 12.35
C GLU G 251 34.99 -19.03 13.57
N VAL G 252 34.68 -20.32 13.44
CA VAL G 252 34.27 -21.12 14.62
C VAL G 252 35.40 -21.23 15.65
N GLY G 253 36.63 -21.43 15.19
CA GLY G 253 37.83 -21.39 16.05
C GLY G 253 38.04 -20.11 16.86
N LYS G 254 37.77 -18.96 16.26
CA LYS G 254 37.86 -17.69 16.99
C LYS G 254 36.85 -17.53 18.13
N THR G 255 35.58 -17.90 17.90
CA THR G 255 34.59 -17.94 18.98
C THR G 255 34.92 -18.98 20.04
N ALA G 256 35.52 -20.10 19.64
CA ALA G 256 36.04 -21.11 20.57
C ALA G 256 37.10 -20.57 21.53
N ALA G 257 38.10 -19.87 20.97
CA ALA G 257 39.11 -19.22 21.77
C ALA G 257 38.46 -18.32 22.80
N TYR G 258 37.55 -17.44 22.37
CA TYR G 258 36.78 -16.63 23.29
C TYR G 258 36.17 -17.51 24.39
N LEU G 259 35.44 -18.54 23.99
CA LEU G 259 34.64 -19.33 24.96
C LEU G 259 35.56 -20.15 25.85
N LEU G 260 36.73 -20.55 25.35
CA LEU G 260 37.65 -21.40 26.11
C LEU G 260 38.59 -20.59 27.00
N SER G 261 38.52 -19.27 26.89
CA SER G 261 39.48 -18.41 27.53
C SER G 261 38.74 -17.56 28.55
N ASP G 262 39.47 -16.71 29.23
CA ASP G 262 38.95 -15.95 30.32
C ASP G 262 38.24 -14.71 29.75
N LEU G 263 38.26 -14.50 28.43
CA LEU G 263 37.48 -13.40 27.91
C LEU G 263 36.00 -13.64 28.24
N SER G 264 35.61 -14.91 28.36
CA SER G 264 34.21 -15.20 28.53
C SER G 264 33.84 -15.62 29.93
N SER G 265 34.57 -15.10 30.92
N SER G 265 34.68 -15.28 30.91
CA SER G 265 34.49 -15.59 32.30
CA SER G 265 34.31 -15.45 32.31
C SER G 265 33.09 -15.66 32.92
C SER G 265 33.00 -14.71 32.50
N GLY G 266 32.17 -14.78 32.51
N GLY G 266 32.01 -15.35 33.13
CA GLY G 266 30.86 -14.68 33.16
CA GLY G 266 30.70 -14.76 33.29
C GLY G 266 29.76 -15.34 32.35
C GLY G 266 29.68 -15.40 32.37
N VAL G 267 30.17 -16.17 31.39
CA VAL G 267 29.35 -16.68 30.31
C VAL G 267 29.23 -18.19 30.40
N THR G 268 28.02 -18.70 30.60
CA THR G 268 27.90 -20.16 30.73
C THR G 268 26.46 -20.57 30.49
N GLY G 269 26.22 -21.79 30.02
CA GLY G 269 24.91 -22.21 29.51
C GLY G 269 24.50 -21.43 28.26
N GLU G 270 25.46 -20.79 27.57
CA GLU G 270 25.17 -19.97 26.41
C GLU G 270 25.34 -20.74 25.07
N ASN G 271 24.63 -20.29 24.03
CA ASN G 271 24.69 -20.84 22.66
C ASN G 271 24.99 -19.69 21.71
N ILE G 272 26.25 -19.49 21.33
CA ILE G 272 26.64 -18.40 20.44
C ILE G 272 26.56 -18.83 18.98
N HIS G 273 25.73 -18.15 18.18
CA HIS G 273 25.56 -18.57 16.76
C HIS G 273 26.61 -17.91 15.89
N VAL G 274 27.51 -18.73 15.33
CA VAL G 274 28.50 -18.20 14.39
C VAL G 274 28.04 -18.54 12.98
N ASP G 275 27.08 -17.79 12.45
CA ASP G 275 26.34 -18.24 11.27
C ASP G 275 25.92 -17.08 10.37
N SER G 276 26.74 -16.03 10.37
CA SER G 276 26.42 -14.89 9.57
C SER G 276 25.12 -14.17 9.92
N GLY G 277 24.59 -14.37 11.14
CA GLY G 277 23.31 -13.78 11.58
C GLY G 277 22.03 -14.54 11.27
N PHE G 278 22.16 -15.69 10.61
CA PHE G 278 21.03 -16.43 10.08
C PHE G 278 20.00 -16.78 11.12
N HIS G 279 20.43 -17.17 12.32
CA HIS G 279 19.46 -17.49 13.39
C HIS G 279 18.49 -16.35 13.69
N ALA G 280 18.88 -15.13 13.32
CA ALA G 280 18.14 -13.96 13.81
C ALA G 280 17.08 -13.55 12.80
N ILE G 281 17.05 -14.17 11.63
CA ILE G 281 16.08 -13.77 10.62
C ILE G 281 14.99 -14.82 10.40
N LYS G 282 13.85 -14.40 9.89
CA LYS G 282 12.87 -15.34 9.32
C LYS G 282 12.41 -14.91 7.93
N ASN H 29 -17.39 -29.01 20.33
CA ASN H 29 -18.04 -30.34 20.30
C ASN H 29 -17.23 -31.46 19.62
N LEU H 30 -16.99 -32.56 20.32
CA LEU H 30 -16.22 -33.67 19.75
C LEU H 30 -17.01 -34.98 19.58
N GLU H 31 -18.32 -34.86 19.41
CA GLU H 31 -19.13 -36.03 19.12
C GLU H 31 -18.76 -36.52 17.73
N ASN H 32 -18.74 -37.84 17.53
CA ASN H 32 -18.24 -38.39 16.27
C ASN H 32 -16.72 -38.21 16.05
N LYS H 33 -16.03 -37.78 17.11
CA LYS H 33 -14.56 -37.77 17.17
C LYS H 33 -14.05 -38.89 18.08
N THR H 34 -12.90 -39.46 17.74
CA THR H 34 -12.30 -40.59 18.48
C THR H 34 -10.84 -40.30 18.75
N TYR H 35 -10.38 -40.43 19.98
CA TYR H 35 -8.99 -40.05 20.33
C TYR H 35 -8.35 -41.15 21.13
N VAL H 36 -7.08 -41.45 20.87
CA VAL H 36 -6.36 -42.44 21.67
C VAL H 36 -5.61 -41.70 22.76
N ILE H 37 -5.79 -42.11 24.01
CA ILE H 37 -5.14 -41.45 25.11
C ILE H 37 -4.13 -42.38 25.77
N MET H 38 -2.85 -42.03 25.65
CA MET H 38 -1.79 -42.89 26.14
C MET H 38 -1.19 -42.34 27.42
N GLY H 39 -1.25 -43.13 28.49
CA GLY H 39 -0.50 -42.80 29.70
C GLY H 39 -1.29 -42.49 30.96
N ILE H 40 -2.47 -43.07 31.16
CA ILE H 40 -3.15 -43.06 32.46
C ILE H 40 -2.56 -44.15 33.35
N ALA H 41 -2.16 -43.75 34.57
CA ALA H 41 -1.78 -44.71 35.62
C ALA H 41 -2.81 -44.74 36.73
N ASN H 42 -3.34 -43.57 37.10
CA ASN H 42 -4.28 -43.43 38.20
C ASN H 42 -5.15 -42.16 38.08
N LYS H 43 -6.00 -41.88 39.08
CA LYS H 43 -6.89 -40.73 39.03
C LYS H 43 -6.12 -39.44 38.83
N ARG H 44 -4.83 -39.43 39.21
CA ARG H 44 -4.02 -38.20 39.19
C ARG H 44 -3.33 -37.95 37.87
N SER H 45 -3.34 -38.91 36.96
CA SER H 45 -2.54 -38.73 35.75
C SER H 45 -3.04 -37.53 34.98
N ILE H 46 -2.12 -36.81 34.35
CA ILE H 46 -2.53 -35.70 33.51
C ILE H 46 -3.51 -36.20 32.43
N ALA H 47 -3.25 -37.39 31.92
CA ALA H 47 -4.09 -37.95 30.88
C ALA H 47 -5.52 -38.22 31.36
N PHE H 48 -5.74 -38.43 32.66
CA PHE H 48 -7.12 -38.67 33.08
C PHE H 48 -7.85 -37.33 33.13
N GLY H 49 -7.10 -36.25 33.32
CA GLY H 49 -7.70 -34.95 33.23
C GLY H 49 -8.08 -34.64 31.79
N VAL H 50 -7.25 -35.09 30.85
CA VAL H 50 -7.57 -35.01 29.45
C VAL H 50 -8.82 -35.83 29.11
N ALA H 51 -8.81 -37.09 29.50
CA ALA H 51 -9.95 -37.97 29.26
C ALA H 51 -11.24 -37.35 29.78
N LYS H 52 -11.24 -36.80 30.98
CA LYS H 52 -12.50 -36.26 31.50
C LYS H 52 -13.00 -35.11 30.62
N VAL H 53 -12.08 -34.24 30.20
CA VAL H 53 -12.50 -33.11 29.41
C VAL H 53 -13.03 -33.60 28.06
N LEU H 54 -12.27 -34.44 27.36
CA LEU H 54 -12.76 -34.93 26.07
C LEU H 54 -14.04 -35.75 26.27
N ASP H 55 -14.10 -36.50 27.36
CA ASP H 55 -15.31 -37.27 27.61
C ASP H 55 -16.48 -36.30 27.67
N GLN H 56 -16.38 -35.21 28.44
CA GLN H 56 -17.52 -34.31 28.61
C GLN H 56 -17.99 -33.80 27.26
N LEU H 57 -17.03 -33.64 26.34
CA LEU H 57 -17.28 -32.96 25.05
C LEU H 57 -17.81 -33.93 24.00
N GLY H 58 -18.04 -35.17 24.40
CA GLY H 58 -18.76 -36.15 23.59
C GLY H 58 -17.82 -36.98 22.73
N ALA H 59 -16.51 -36.93 23.03
CA ALA H 59 -15.55 -37.74 22.28
C ALA H 59 -15.74 -39.23 22.59
N LYS H 60 -15.40 -40.08 21.64
CA LYS H 60 -15.17 -41.51 21.92
C LYS H 60 -13.67 -41.66 22.23
N LEU H 61 -13.37 -42.38 23.30
CA LEU H 61 -12.01 -42.44 23.84
C LEU H 61 -11.48 -43.86 23.81
N VAL H 62 -10.23 -44.03 23.41
CA VAL H 62 -9.56 -45.32 23.42
C VAL H 62 -8.39 -45.16 24.37
N PHE H 63 -8.04 -46.16 25.15
CA PHE H 63 -6.95 -45.99 26.12
C PHE H 63 -5.78 -46.99 25.94
N THR H 64 -4.56 -46.51 26.08
CA THR H 64 -3.45 -47.44 26.12
C THR H 64 -2.75 -47.36 27.49
N TYR H 65 -2.10 -48.44 27.93
CA TYR H 65 -1.54 -48.56 29.27
C TYR H 65 -0.35 -49.52 29.17
N ARG H 66 0.54 -49.52 30.16
CA ARG H 66 1.69 -50.42 30.12
C ARG H 66 1.56 -51.55 31.14
N LYS H 67 1.39 -51.18 32.39
CA LYS H 67 1.43 -52.15 33.50
C LYS H 67 0.01 -52.67 33.74
N GLU H 68 -0.13 -53.85 34.31
CA GLU H 68 -1.47 -54.37 34.63
C GLU H 68 -2.25 -53.45 35.56
N ARG H 69 -1.59 -52.99 36.63
CA ARG H 69 -2.12 -52.01 37.55
C ARG H 69 -2.94 -50.96 36.82
N SER H 70 -2.35 -50.40 35.77
CA SER H 70 -2.97 -49.26 35.11
C SER H 70 -4.23 -49.67 34.34
N ARG H 71 -4.25 -50.92 33.85
CA ARG H 71 -5.46 -51.51 33.29
C ARG H 71 -6.59 -51.53 34.32
N LYS H 72 -6.37 -52.23 35.43
CA LYS H 72 -7.36 -52.31 36.53
C LYS H 72 -7.86 -50.92 36.94
N GLU H 73 -6.93 -50.11 37.43
CA GLU H 73 -7.11 -48.67 37.65
C GLU H 73 -8.01 -48.00 36.61
N LEU H 74 -7.71 -48.21 35.32
CA LEU H 74 -8.49 -47.64 34.22
C LEU H 74 -9.94 -48.10 34.19
N GLU H 75 -10.17 -49.42 34.34
CA GLU H 75 -11.53 -49.96 34.35
C GLU H 75 -12.37 -49.27 35.40
N LYS H 76 -11.82 -49.04 36.60
CA LYS H 76 -12.54 -48.28 37.63
C LYS H 76 -12.70 -46.81 37.27
N LEU H 77 -11.61 -46.12 36.91
CA LEU H 77 -11.72 -44.73 36.47
C LEU H 77 -12.73 -44.54 35.35
N LEU H 78 -12.87 -45.53 34.47
CA LEU H 78 -13.85 -45.45 33.39
C LEU H 78 -15.34 -45.49 33.76
N GLU H 79 -15.63 -45.82 35.02
CA GLU H 79 -16.96 -45.67 35.59
C GLU H 79 -17.31 -44.19 35.77
N GLN H 80 -16.29 -43.36 36.00
CA GLN H 80 -16.45 -41.91 36.12
C GLN H 80 -16.81 -41.27 34.80
N LEU H 81 -16.44 -41.92 33.70
CA LEU H 81 -16.65 -41.36 32.38
C LEU H 81 -17.95 -41.88 31.80
N ASN H 82 -18.38 -41.30 30.67
CA ASN H 82 -19.56 -41.81 29.99
C ASN H 82 -19.21 -42.55 28.69
N GLN H 83 -18.07 -43.23 28.67
CA GLN H 83 -17.75 -44.10 27.56
C GLN H 83 -18.58 -45.37 27.71
N PRO H 84 -19.40 -45.72 26.68
CA PRO H 84 -20.25 -46.86 26.97
C PRO H 84 -19.51 -48.17 26.72
N GLU H 85 -18.29 -48.11 26.21
CA GLU H 85 -17.39 -49.26 26.34
C GLU H 85 -15.95 -48.92 26.67
N ALA H 86 -15.26 -49.94 27.15
CA ALA H 86 -13.90 -49.85 27.64
C ALA H 86 -12.95 -50.37 26.57
N HIS H 87 -12.39 -49.47 25.76
CA HIS H 87 -11.43 -49.87 24.74
C HIS H 87 -10.04 -49.66 25.33
N LEU H 88 -9.43 -50.74 25.83
CA LEU H 88 -8.14 -50.73 26.52
C LEU H 88 -7.11 -51.60 25.80
N TYR H 89 -5.94 -51.05 25.48
CA TYR H 89 -4.93 -51.80 24.78
C TYR H 89 -3.64 -51.67 25.53
N GLN H 90 -3.00 -52.80 25.84
CA GLN H 90 -1.68 -52.72 26.43
C GLN H 90 -0.63 -52.35 25.38
N ILE H 91 0.04 -51.21 25.56
CA ILE H 91 1.11 -50.78 24.67
C ILE H 91 2.28 -50.29 25.48
N ASP H 92 3.39 -51.02 25.39
CA ASP H 92 4.62 -50.57 25.97
C ASP H 92 5.49 -49.95 24.86
N VAL H 93 5.73 -48.64 24.95
CA VAL H 93 6.38 -47.89 23.84
C VAL H 93 7.84 -48.22 23.59
N GLN H 94 8.42 -49.03 24.50
CA GLN H 94 9.73 -49.60 24.26
C GLN H 94 9.74 -50.69 23.19
N SER H 95 8.56 -51.22 22.84
CA SER H 95 8.47 -52.25 21.82
C SER H 95 7.79 -51.73 20.55
N ASP H 96 8.57 -51.60 19.47
CA ASP H 96 8.06 -51.31 18.13
C ASP H 96 6.84 -52.17 17.79
N GLU H 97 6.96 -53.47 18.05
CA GLU H 97 5.90 -54.42 17.72
C GLU H 97 4.60 -54.11 18.47
N GLU H 98 4.72 -53.80 19.75
CA GLU H 98 3.55 -53.44 20.54
C GLU H 98 2.89 -52.16 20.06
N VAL H 99 3.69 -51.19 19.63
CA VAL H 99 3.10 -49.91 19.23
C VAL H 99 2.43 -50.21 17.88
N ILE H 100 3.15 -50.93 17.03
CA ILE H 100 2.70 -51.25 15.68
C ILE H 100 1.36 -52.00 15.73
N ASN H 101 1.27 -53.07 16.54
CA ASN H 101 0.10 -53.96 16.58
C ASN H 101 -1.06 -53.37 17.33
N GLY H 102 -0.75 -52.77 18.48
CA GLY H 102 -1.71 -51.98 19.26
C GLY H 102 -2.50 -51.01 18.40
N PHE H 103 -1.81 -50.20 17.61
CA PHE H 103 -2.53 -49.25 16.78
C PHE H 103 -3.25 -49.92 15.61
N GLU H 104 -2.70 -51.01 15.10
CA GLU H 104 -3.39 -51.81 14.10
C GLU H 104 -4.70 -52.39 14.67
N GLN H 105 -4.70 -52.85 15.90
CA GLN H 105 -5.93 -53.34 16.54
C GLN H 105 -6.96 -52.23 16.78
N ILE H 106 -6.49 -51.09 17.30
CA ILE H 106 -7.33 -49.92 17.52
C ILE H 106 -8.11 -49.59 16.25
N GLY H 107 -7.39 -49.54 15.13
CA GLY H 107 -7.97 -49.39 13.80
C GLY H 107 -9.04 -50.41 13.44
N LYS H 108 -8.80 -51.68 13.78
CA LYS H 108 -9.79 -52.72 13.48
C LYS H 108 -11.01 -52.63 14.40
N ASP H 109 -10.79 -52.27 15.67
CA ASP H 109 -11.86 -52.22 16.68
C ASP H 109 -12.72 -50.95 16.62
N VAL H 110 -12.14 -49.84 16.20
CA VAL H 110 -12.80 -48.55 16.24
C VAL H 110 -12.70 -47.71 14.95
N GLY H 111 -11.84 -48.10 14.01
CA GLY H 111 -11.76 -47.40 12.74
C GLY H 111 -10.76 -46.26 12.84
N ASN H 112 -10.96 -45.22 12.02
CA ASN H 112 -10.05 -44.09 11.92
C ASN H 112 -10.21 -43.16 13.11
N ILE H 113 -9.09 -42.68 13.63
CA ILE H 113 -9.08 -41.80 14.79
C ILE H 113 -8.83 -40.33 14.39
N ASP H 114 -9.06 -39.42 15.32
CA ASP H 114 -8.92 -37.99 15.04
C ASP H 114 -7.71 -37.37 15.71
N GLY H 115 -7.15 -38.08 16.68
CA GLY H 115 -5.89 -37.66 17.30
C GLY H 115 -5.39 -38.59 18.37
N VAL H 116 -4.18 -38.32 18.87
CA VAL H 116 -3.53 -39.08 19.94
C VAL H 116 -3.11 -38.06 20.98
N TYR H 117 -3.47 -38.29 22.25
CA TYR H 117 -2.80 -37.57 23.36
C TYR H 117 -1.67 -38.44 23.95
N HIS H 118 -0.42 -38.00 23.79
CA HIS H 118 0.73 -38.70 24.37
C HIS H 118 1.11 -38.13 25.75
N SER H 119 0.97 -38.93 26.81
CA SER H 119 1.32 -38.47 28.16
C SER H 119 2.20 -39.47 28.89
N ILE H 120 3.35 -39.77 28.28
CA ILE H 120 4.22 -40.89 28.67
C ILE H 120 5.66 -40.37 28.82
N ALA H 121 6.30 -40.72 29.94
CA ALA H 121 7.73 -40.40 30.12
C ALA H 121 8.29 -41.31 31.20
N PHE H 122 9.61 -41.43 31.29
CA PHE H 122 10.22 -42.26 32.35
C PHE H 122 11.71 -41.97 32.44
N ALA H 123 12.20 -41.85 33.67
CA ALA H 123 13.63 -41.96 33.95
C ALA H 123 13.79 -42.75 35.25
N ASN H 124 14.93 -43.41 35.43
CA ASN H 124 15.20 -44.09 36.71
C ASN H 124 15.32 -43.02 37.79
N MET H 125 14.79 -43.32 38.97
CA MET H 125 14.73 -42.35 40.06
C MET H 125 16.06 -41.64 40.40
N GLU H 126 17.19 -42.34 40.33
CA GLU H 126 18.49 -41.74 40.69
C GLU H 126 18.98 -40.62 39.77
N ASP H 127 18.41 -40.59 38.57
CA ASP H 127 18.77 -39.62 37.56
C ASP H 127 17.92 -38.35 37.69
N LEU H 128 17.00 -38.32 38.65
CA LEU H 128 16.08 -37.19 38.81
C LEU H 128 16.34 -36.47 40.13
N ARG H 129 17.58 -36.60 40.60
CA ARG H 129 18.10 -35.94 41.78
C ARG H 129 19.62 -35.92 41.66
N GLY H 130 20.29 -35.03 42.38
CA GLY H 130 21.75 -35.08 42.45
C GLY H 130 22.37 -34.43 41.24
N ARG H 131 23.51 -34.97 40.81
CA ARG H 131 24.37 -34.28 39.83
C ARG H 131 24.08 -34.82 38.43
N PHE H 132 23.66 -33.94 37.51
CA PHE H 132 23.38 -34.36 36.13
C PHE H 132 24.60 -35.00 35.45
N SER H 133 25.79 -34.49 35.73
CA SER H 133 27.01 -34.94 35.05
C SER H 133 27.36 -36.37 35.44
N GLU H 134 26.61 -36.95 36.38
CA GLU H 134 26.84 -38.32 36.76
C GLU H 134 25.82 -39.28 36.15
N THR H 135 24.87 -38.80 35.35
CA THR H 135 23.98 -39.68 34.60
C THR H 135 24.67 -40.80 33.81
N SER H 136 24.19 -42.04 33.94
CA SER H 136 24.64 -43.18 33.14
C SER H 136 24.11 -43.14 31.71
N ARG H 137 24.90 -43.70 30.79
CA ARG H 137 24.48 -43.87 29.41
C ARG H 137 23.13 -44.56 29.33
N GLU H 138 22.94 -45.57 30.18
CA GLU H 138 21.78 -46.43 30.12
C GLU H 138 20.54 -45.63 30.52
N GLY H 139 20.65 -44.85 31.60
CA GLY H 139 19.53 -44.09 32.10
C GLY H 139 19.21 -42.92 31.19
N PHE H 140 20.25 -42.32 30.61
CA PHE H 140 20.03 -41.24 29.66
C PHE H 140 19.34 -41.78 28.38
N LEU H 141 19.74 -42.95 27.91
CA LEU H 141 19.15 -43.46 26.68
C LEU H 141 17.74 -44.00 26.92
N LEU H 142 17.51 -44.54 28.12
CA LEU H 142 16.17 -45.01 28.52
C LEU H 142 15.16 -43.83 28.51
N ALA H 143 15.62 -42.64 28.89
CA ALA H 143 14.66 -41.55 29.09
C ALA H 143 14.31 -40.96 27.73
N GLN H 144 15.29 -40.94 26.83
CA GLN H 144 15.12 -40.62 25.40
C GLN H 144 14.12 -41.54 24.70
N ASP H 145 14.36 -42.84 24.86
CA ASP H 145 13.58 -43.90 24.24
C ASP H 145 12.10 -43.78 24.57
N ILE H 146 11.79 -43.74 25.86
CA ILE H 146 10.42 -43.73 26.34
C ILE H 146 9.73 -42.36 26.24
N SER H 147 10.50 -41.30 26.51
CA SER H 147 9.99 -39.96 26.66
C SER H 147 9.99 -39.09 25.39
N SER H 148 10.71 -39.52 24.36
CA SER H 148 10.88 -38.73 23.16
C SER H 148 10.68 -39.58 21.92
N TYR H 149 11.54 -40.57 21.71
CA TYR H 149 11.34 -41.48 20.58
C TYR H 149 9.92 -42.07 20.52
N SER H 150 9.38 -42.45 21.67
CA SER H 150 8.01 -42.98 21.68
C SER H 150 7.00 -42.14 20.86
N LEU H 151 7.22 -40.82 20.76
CA LEU H 151 6.29 -39.96 20.03
C LEU H 151 6.42 -40.18 18.55
N THR H 152 7.66 -40.40 18.11
CA THR H 152 7.95 -40.66 16.70
C THR H 152 7.25 -41.91 16.19
N ILE H 153 7.47 -43.04 16.84
CA ILE H 153 6.84 -44.27 16.37
C ILE H 153 5.32 -44.23 16.52
N VAL H 154 4.83 -43.70 17.64
CA VAL H 154 3.39 -43.54 17.83
C VAL H 154 2.77 -42.75 16.66
N ALA H 155 3.46 -41.68 16.26
CA ALA H 155 2.92 -40.77 15.25
C ALA H 155 2.87 -41.45 13.87
N HIS H 156 3.96 -42.10 13.50
CA HIS H 156 4.06 -42.92 12.30
C HIS H 156 2.94 -43.97 12.23
N GLU H 157 2.57 -44.56 13.35
CA GLU H 157 1.56 -45.64 13.34
C GLU H 157 0.16 -45.07 13.35
N ALA H 158 0.00 -43.97 14.09
CA ALA H 158 -1.27 -43.26 14.23
C ALA H 158 -1.72 -42.70 12.88
N LYS H 159 -0.77 -42.19 12.10
CA LYS H 159 -1.03 -41.62 10.79
C LYS H 159 -1.83 -42.56 9.88
N LYS H 160 -1.57 -43.85 9.98
CA LYS H 160 -2.26 -44.83 9.14
C LYS H 160 -3.74 -44.77 9.46
N LEU H 161 -4.05 -44.39 10.70
CA LEU H 161 -5.43 -44.22 11.15
C LEU H 161 -5.95 -42.79 10.96
N MET H 162 -5.16 -41.88 10.38
CA MET H 162 -5.70 -40.55 10.11
C MET H 162 -5.53 -40.11 8.65
N PRO H 163 -6.20 -40.77 7.69
CA PRO H 163 -5.97 -40.46 6.29
C PRO H 163 -6.54 -39.10 5.91
N GLU H 164 -7.56 -38.63 6.62
CA GLU H 164 -8.09 -37.31 6.38
C GLU H 164 -7.40 -36.25 7.24
N GLY H 165 -6.38 -36.65 7.99
CA GLY H 165 -5.68 -35.70 8.85
C GLY H 165 -6.15 -35.82 10.28
N GLY H 166 -5.57 -35.03 11.17
CA GLY H 166 -5.85 -35.17 12.60
C GLY H 166 -4.84 -34.46 13.45
N SER H 167 -4.77 -34.79 14.73
CA SER H 167 -4.00 -33.96 15.64
C SER H 167 -3.24 -34.75 16.72
N ILE H 168 -1.94 -34.50 16.89
CA ILE H 168 -1.17 -35.24 17.91
C ILE H 168 -0.62 -34.32 18.98
N VAL H 169 -0.95 -34.56 20.25
CA VAL H 169 -0.48 -33.68 21.32
C VAL H 169 0.43 -34.42 22.31
N ALA H 170 1.63 -33.91 22.58
CA ALA H 170 2.49 -34.49 23.64
C ALA H 170 2.61 -33.58 24.88
N THR H 171 2.97 -34.14 26.04
CA THR H 171 3.13 -33.38 27.28
C THR H 171 4.59 -33.17 27.66
N THR H 172 4.98 -31.91 27.74
CA THR H 172 6.33 -31.58 28.16
C THR H 172 6.37 -30.73 29.45
N TYR H 173 7.56 -30.30 29.85
CA TYR H 173 7.70 -29.47 31.03
C TYR H 173 8.71 -28.37 30.67
N LEU H 174 8.64 -27.25 31.39
CA LEU H 174 9.62 -26.17 31.27
C LEU H 174 11.10 -26.55 31.40
N GLY H 175 11.40 -27.64 32.11
CA GLY H 175 12.74 -28.24 32.14
C GLY H 175 13.37 -28.71 30.82
N GLY H 176 12.59 -28.78 29.74
CA GLY H 176 13.22 -28.96 28.42
C GLY H 176 13.74 -27.66 27.80
N GLU H 177 13.34 -26.51 28.35
CA GLU H 177 13.76 -25.23 27.78
C GLU H 177 14.80 -24.57 28.67
N PHE H 178 14.70 -24.81 29.97
CA PHE H 178 15.68 -24.30 30.90
C PHE H 178 16.24 -25.42 31.79
N ALA H 179 17.48 -25.25 32.21
CA ALA H 179 17.97 -26.13 33.26
C ALA H 179 17.35 -25.74 34.60
N VAL H 180 16.82 -26.76 35.26
CA VAL H 180 15.96 -26.72 36.43
C VAL H 180 16.70 -27.71 37.37
N GLN H 181 16.83 -27.44 38.67
CA GLN H 181 17.52 -28.39 39.52
C GLN H 181 16.76 -29.73 39.58
N ASN H 182 17.47 -30.85 39.72
CA ASN H 182 16.91 -32.21 39.83
C ASN H 182 16.30 -32.85 38.58
N TYR H 183 15.62 -32.08 37.75
CA TYR H 183 14.90 -32.69 36.66
C TYR H 183 15.87 -33.40 35.70
N ASN H 184 17.08 -32.87 35.59
CA ASN H 184 18.25 -33.56 35.04
C ASN H 184 18.03 -34.35 33.74
N VAL H 185 18.19 -35.66 33.76
CA VAL H 185 18.07 -36.46 32.54
C VAL H 185 16.74 -36.21 31.82
N MET H 186 15.69 -35.91 32.57
CA MET H 186 14.39 -35.70 31.97
C MET H 186 14.26 -34.33 31.30
N GLY H 187 15.04 -33.36 31.75
CA GLY H 187 15.13 -32.08 31.05
C GLY H 187 15.66 -32.23 29.64
N VAL H 188 16.71 -33.03 29.49
CA VAL H 188 17.28 -33.36 28.16
C VAL H 188 16.32 -34.26 27.37
N ALA H 189 15.64 -35.22 27.99
CA ALA H 189 14.60 -35.95 27.27
C ALA H 189 13.47 -35.05 26.77
N LYS H 190 13.07 -34.07 27.58
CA LYS H 190 12.02 -33.15 27.18
C LYS H 190 12.51 -32.23 26.04
N ALA H 191 13.78 -31.85 26.05
CA ALA H 191 14.24 -30.94 25.02
C ALA H 191 14.12 -31.67 23.70
N SER H 192 14.55 -32.93 23.74
CA SER H 192 14.41 -33.83 22.62
C SER H 192 12.95 -33.97 22.15
N LEU H 193 12.02 -34.20 23.07
CA LEU H 193 10.59 -34.28 22.76
C LEU H 193 10.05 -33.00 22.08
N GLU H 194 10.39 -31.85 22.65
CA GLU H 194 9.95 -30.60 22.06
C GLU H 194 10.40 -30.46 20.58
N ALA H 195 11.62 -30.91 20.25
CA ALA H 195 12.14 -30.88 18.89
C ALA H 195 11.54 -32.00 18.02
N ASN H 196 11.43 -33.18 18.61
CA ASN H 196 10.58 -34.23 18.05
C ASN H 196 9.23 -33.72 17.53
N VAL H 197 8.64 -32.82 18.32
CA VAL H 197 7.31 -32.31 18.01
C VAL H 197 7.43 -31.39 16.79
N LYS H 198 8.42 -30.51 16.83
CA LYS H 198 8.66 -29.68 15.64
C LYS H 198 8.97 -30.45 14.32
N TYR H 199 9.86 -31.44 14.41
CA TYR H 199 10.27 -32.21 13.24
C TYR H 199 9.05 -33.03 12.76
N LEU H 200 8.25 -33.58 13.68
CA LEU H 200 7.00 -34.24 13.26
C LEU H 200 5.97 -33.29 12.63
N ALA H 201 5.92 -32.03 13.10
CA ALA H 201 5.02 -31.03 12.53
C ALA H 201 5.30 -30.81 11.04
N LEU H 202 6.57 -30.60 10.74
CA LEU H 202 6.99 -30.33 9.41
C LEU H 202 6.72 -31.57 8.55
N ASP H 203 7.01 -32.77 9.06
CA ASP H 203 6.87 -33.98 8.25
C ASP H 203 5.40 -34.28 7.98
N LEU H 204 4.58 -34.16 9.01
CA LEU H 204 3.20 -34.68 8.89
C LEU H 204 2.19 -33.63 8.43
N GLY H 205 2.65 -32.38 8.29
CA GLY H 205 1.80 -31.22 8.01
C GLY H 205 1.17 -31.36 6.64
N PRO H 206 1.94 -31.88 5.69
CA PRO H 206 1.36 -32.04 4.37
C PRO H 206 0.28 -33.14 4.36
N ASP H 207 0.14 -33.90 5.44
CA ASP H 207 -0.89 -34.95 5.53
C ASP H 207 -2.05 -34.45 6.37
N ASN H 208 -2.03 -33.15 6.66
CA ASN H 208 -3.01 -32.51 7.53
C ASN H 208 -3.04 -33.07 8.98
N ILE H 209 -1.88 -33.49 9.48
CA ILE H 209 -1.74 -33.91 10.88
C ILE H 209 -0.94 -32.86 11.63
N ARG H 210 -1.57 -32.25 12.62
CA ARG H 210 -0.86 -31.20 13.40
C ARG H 210 -0.25 -31.93 14.60
N VAL H 211 0.91 -31.47 15.04
CA VAL H 211 1.62 -32.04 16.17
C VAL H 211 2.05 -30.90 17.07
N ASN H 212 1.56 -30.89 18.31
CA ASN H 212 1.83 -29.79 19.24
C ASN H 212 2.23 -30.37 20.60
N ALA H 213 2.65 -29.52 21.54
CA ALA H 213 2.96 -29.97 22.89
C ALA H 213 2.25 -29.04 23.85
N ILE H 214 1.89 -29.60 25.00
CA ILE H 214 1.48 -28.81 26.14
C ILE H 214 2.58 -28.89 27.16
N SER H 215 3.11 -27.73 27.55
CA SER H 215 4.08 -27.64 28.61
C SER H 215 3.35 -27.37 29.91
N ALA H 216 3.02 -28.43 30.64
CA ALA H 216 2.19 -28.30 31.85
C ALA H 216 3.01 -27.79 33.02
N GLY H 217 2.38 -26.98 33.87
CA GLY H 217 2.97 -26.59 35.15
C GLY H 217 3.08 -27.82 36.03
N PRO H 218 3.66 -27.67 37.24
CA PRO H 218 3.79 -28.81 38.14
C PRO H 218 2.47 -29.27 38.78
N ILE H 219 2.26 -30.59 38.84
CA ILE H 219 1.02 -31.21 39.24
C ILE H 219 1.41 -32.48 40.01
N ARG H 220 0.82 -32.66 41.19
CA ARG H 220 1.04 -33.87 41.95
C ARG H 220 0.48 -35.10 41.22
N THR H 221 1.37 -35.90 40.67
CA THR H 221 1.05 -37.17 40.04
C THR H 221 1.96 -38.27 40.62
N LEU H 222 1.69 -39.54 40.29
CA LEU H 222 2.64 -40.63 40.54
C LEU H 222 4.07 -40.36 40.03
N SER H 223 4.25 -40.03 38.75
CA SER H 223 5.59 -39.70 38.26
C SER H 223 6.26 -38.51 38.98
N ALA H 224 5.46 -37.54 39.41
CA ALA H 224 5.97 -36.38 40.16
C ALA H 224 6.73 -36.74 41.44
N LYS H 225 6.45 -37.91 42.01
CA LYS H 225 7.08 -38.30 43.27
C LYS H 225 8.55 -38.68 43.09
N GLY H 226 8.88 -39.10 41.87
CA GLY H 226 10.26 -39.36 41.48
C GLY H 226 11.16 -38.16 41.29
N VAL H 227 10.58 -36.97 41.13
CA VAL H 227 11.37 -35.76 40.86
C VAL H 227 11.88 -35.07 42.14
N GLY H 228 13.20 -35.01 42.31
CA GLY H 228 13.74 -34.39 43.51
C GLY H 228 13.23 -32.98 43.72
N GLY H 229 12.76 -32.68 44.93
CA GLY H 229 12.34 -31.32 45.30
C GLY H 229 11.08 -30.83 44.60
N PHE H 230 10.22 -31.77 44.24
CA PHE H 230 8.98 -31.41 43.56
C PHE H 230 8.11 -30.48 44.38
N ASN H 231 8.10 -30.65 45.70
CA ASN H 231 7.24 -29.81 46.53
C ASN H 231 7.68 -28.35 46.55
N THR H 232 8.98 -28.13 46.35
CA THR H 232 9.51 -26.77 46.29
C THR H 232 9.16 -26.15 44.94
N ILE H 233 9.07 -26.98 43.91
CA ILE H 233 8.60 -26.53 42.59
C ILE H 233 7.16 -26.02 42.66
N LEU H 234 6.28 -26.78 43.31
CA LEU H 234 4.86 -26.45 43.41
C LEU H 234 4.64 -25.11 44.10
N LYS H 235 5.35 -24.94 45.22
CA LYS H 235 5.23 -23.76 46.04
C LYS H 235 5.83 -22.53 45.34
N GLU H 236 6.85 -22.71 44.52
CA GLU H 236 7.43 -21.53 43.88
C GLU H 236 6.47 -20.99 42.78
N ILE H 237 5.78 -21.86 42.06
CA ILE H 237 4.71 -21.40 41.19
C ILE H 237 3.75 -20.44 41.89
N GLU H 238 3.31 -20.84 43.09
CA GLU H 238 2.21 -20.18 43.74
C GLU H 238 2.71 -18.83 44.22
N GLU H 239 3.99 -18.76 44.52
CA GLU H 239 4.59 -17.51 44.99
C GLU H 239 4.91 -16.52 43.87
N ARG H 240 5.32 -17.05 42.71
CA ARG H 240 6.04 -16.27 41.71
C ARG H 240 5.36 -16.21 40.34
N ALA H 241 4.55 -17.21 39.99
CA ALA H 241 3.95 -17.23 38.64
C ALA H 241 2.90 -16.12 38.62
N PRO H 242 2.60 -15.53 37.42
CA PRO H 242 1.60 -14.46 37.28
C PRO H 242 0.25 -14.71 37.99
N LEU H 243 -0.23 -15.96 37.98
CA LEU H 243 -1.59 -16.23 38.46
C LEU H 243 -1.54 -16.65 39.91
N LYS H 244 -0.33 -16.85 40.43
CA LYS H 244 -0.12 -17.04 41.86
C LYS H 244 -0.86 -18.26 42.37
N ARG H 245 -0.95 -19.31 41.55
CA ARG H 245 -1.68 -20.51 41.97
C ARG H 245 -1.17 -21.59 41.06
N ASN H 246 -1.43 -22.84 41.42
CA ASN H 246 -0.97 -23.93 40.59
C ASN H 246 -2.05 -24.28 39.57
N VAL H 247 -1.68 -25.06 38.55
CA VAL H 247 -2.61 -25.57 37.55
C VAL H 247 -3.02 -27.00 37.94
N ASP H 248 -4.05 -27.55 37.31
CA ASP H 248 -4.43 -28.93 37.61
C ASP H 248 -4.68 -29.70 36.31
N GLN H 249 -4.96 -30.99 36.42
CA GLN H 249 -5.02 -31.88 35.27
C GLN H 249 -6.09 -31.45 34.24
N VAL H 250 -7.21 -30.94 34.73
CA VAL H 250 -8.33 -30.52 33.88
C VAL H 250 -7.96 -29.25 33.10
N GLU H 251 -7.17 -28.38 33.70
CA GLU H 251 -6.64 -27.27 32.91
C GLU H 251 -5.80 -27.75 31.73
N VAL H 252 -4.95 -28.76 31.91
CA VAL H 252 -4.23 -29.34 30.76
C VAL H 252 -5.23 -29.92 29.75
N GLY H 253 -6.23 -30.64 30.24
CA GLY H 253 -7.25 -31.20 29.37
C GLY H 253 -8.09 -30.17 28.62
N LYS H 254 -8.37 -29.01 29.21
CA LYS H 254 -9.05 -27.98 28.42
C LYS H 254 -8.21 -27.53 27.24
N THR H 255 -6.88 -27.43 27.41
CA THR H 255 -5.94 -27.04 26.33
C THR H 255 -5.67 -28.17 25.31
N ALA H 256 -5.61 -29.42 25.77
CA ALA H 256 -5.58 -30.57 24.86
C ALA H 256 -6.83 -30.62 23.97
N ALA H 257 -8.01 -30.38 24.56
CA ALA H 257 -9.26 -30.24 23.81
C ALA H 257 -9.21 -29.20 22.68
N TYR H 258 -8.67 -28.01 22.97
CA TYR H 258 -8.39 -27.03 21.93
C TYR H 258 -7.43 -27.62 20.90
N LEU H 259 -6.27 -28.12 21.33
CA LEU H 259 -5.24 -28.59 20.38
C LEU H 259 -5.66 -29.79 19.52
N LEU H 260 -6.57 -30.60 20.06
CA LEU H 260 -7.06 -31.82 19.46
C LEU H 260 -8.31 -31.56 18.61
N SER H 261 -8.90 -30.38 18.77
CA SER H 261 -10.10 -30.01 18.03
C SER H 261 -9.74 -29.10 16.85
N ASP H 262 -10.72 -28.85 15.99
CA ASP H 262 -10.65 -27.85 14.92
C ASP H 262 -10.48 -26.39 15.40
N LEU H 263 -10.80 -26.06 16.66
CA LEU H 263 -10.51 -24.72 17.20
C LEU H 263 -9.05 -24.33 16.94
N SER H 264 -8.16 -25.31 16.90
CA SER H 264 -6.73 -24.99 16.67
C SER H 264 -6.20 -25.26 15.28
N SER H 265 -7.09 -25.26 14.29
N SER H 265 -7.08 -25.24 14.28
CA SER H 265 -6.62 -25.29 12.91
CA SER H 265 -6.77 -25.81 12.97
C SER H 265 -5.62 -24.14 12.70
C SER H 265 -5.51 -25.25 12.29
N GLY H 266 -4.61 -24.39 11.89
N GLY H 266 -5.04 -24.08 12.71
CA GLY H 266 -3.56 -23.41 11.74
CA GLY H 266 -3.94 -23.35 12.03
C GLY H 266 -2.41 -23.54 12.72
C GLY H 266 -2.65 -23.36 12.83
N VAL H 267 -2.68 -24.17 13.88
CA VAL H 267 -1.65 -24.30 14.89
C VAL H 267 -0.97 -25.67 14.89
N THR H 268 0.34 -25.66 14.62
CA THR H 268 1.13 -26.88 14.61
C THR H 268 2.59 -26.55 14.89
N GLY H 269 3.30 -27.48 15.53
CA GLY H 269 4.71 -27.33 15.85
C GLY H 269 4.78 -26.40 17.06
N GLU H 270 3.65 -26.18 17.72
CA GLU H 270 3.62 -25.21 18.85
C GLU H 270 3.85 -25.89 20.23
N ASN H 271 4.21 -25.10 21.23
CA ASN H 271 4.26 -25.55 22.63
C ASN H 271 3.43 -24.57 23.50
N ILE H 272 2.24 -24.97 23.94
CA ILE H 272 1.48 -24.10 24.81
C ILE H 272 1.73 -24.36 26.30
N HIS H 273 2.18 -23.34 27.00
CA HIS H 273 2.52 -23.48 28.41
C HIS H 273 1.20 -23.33 29.18
N VAL H 274 0.78 -24.41 29.80
CA VAL H 274 -0.33 -24.35 30.72
C VAL H 274 0.18 -24.42 32.16
N ASP H 275 0.65 -23.26 32.62
CA ASP H 275 1.43 -23.18 33.85
C ASP H 275 1.29 -21.88 34.67
N SER H 276 0.14 -21.19 34.62
CA SER H 276 -0.05 -19.96 35.38
C SER H 276 0.88 -18.80 35.00
N GLY H 277 1.56 -18.89 33.86
CA GLY H 277 2.40 -17.81 33.39
C GLY H 277 3.88 -17.98 33.68
N PHE H 278 4.22 -19.07 34.34
CA PHE H 278 5.55 -19.21 34.90
C PHE H 278 6.61 -19.14 33.84
N HIS H 279 6.34 -19.67 32.64
CA HIS H 279 7.32 -19.61 31.58
C HIS H 279 7.74 -18.18 31.27
N ALA H 280 6.87 -17.20 31.52
CA ALA H 280 7.08 -15.86 30.95
C ALA H 280 7.78 -14.88 31.86
N ILE H 281 8.28 -15.38 32.98
CA ILE H 281 8.85 -14.53 33.99
C ILE H 281 10.20 -15.09 34.39
N LYS H 282 11.00 -14.24 35.02
CA LYS H 282 12.28 -14.61 35.56
C LYS H 282 12.42 -13.83 36.87
PA NAP I . 4.93 10.72 -3.06
O1A NAP I . 6.37 10.57 -3.31
O2A NAP I . 4.28 9.81 -2.10
O5B NAP I . 4.67 12.26 -2.71
C5B NAP I . 3.47 12.62 -2.09
C4B NAP I . 3.91 13.77 -1.23
O4B NAP I . 2.80 14.47 -0.70
C3B NAP I . 4.84 13.34 -0.11
O3B NAP I . 6.06 14.08 -0.28
C2B NAP I . 4.07 13.79 1.11
O2B NAP I . 4.92 14.24 2.14
C1B NAP I . 3.23 14.93 0.55
N9A NAP I . 2.11 15.19 1.44
C8A NAP I . 1.02 14.39 1.72
N7A NAP I . 0.27 15.06 2.62
C5A NAP I . 0.85 16.24 2.91
C6A NAP I . 0.53 17.26 3.80
N6A NAP I . -0.57 17.22 4.56
N1A NAP I . 1.35 18.38 3.82
C2A NAP I . 2.49 18.43 3.06
N3A NAP I . 2.84 17.37 2.24
C4A NAP I . 2.02 16.32 2.17
O3 NAP I . 4.09 10.32 -4.36
PN NAP I . 3.92 10.89 -5.83
O1N NAP I . 3.27 9.84 -6.57
O2N NAP I . 5.22 11.51 -6.28
O5D NAP I . 2.85 12.07 -5.59
C5D NAP I . 3.10 13.42 -5.89
C4D NAP I . 1.97 13.98 -6.73
O4D NAP I . 1.89 13.41 -8.03
C3D NAP I . 0.63 13.68 -6.09
O3D NAP I . -0.13 14.83 -6.30
C2D NAP I . 0.03 12.58 -6.91
O2D NAP I . -1.38 12.60 -6.83
C1D NAP I . 0.56 13.02 -8.25
N1N NAP I . 0.53 11.95 -9.25
C2N NAP I . 1.23 10.79 -9.04
C3N NAP I . 1.15 9.80 -10.03
C7N NAP I . 1.89 8.51 -9.84
O7N NAP I . 1.70 7.53 -10.78
N7N NAP I . 2.77 8.25 -8.90
C4N NAP I . 0.47 10.05 -11.23
C5N NAP I . -0.22 11.23 -11.43
C6N NAP I . -0.17 12.17 -10.40
P2B NAP I . 5.24 13.37 3.44
O1X NAP I . 3.99 13.10 4.26
O2X NAP I . 6.20 14.16 4.23
O3X NAP I . 5.76 11.98 3.02
N GLU J . -2.60 -3.25 -4.40
CA GLU J . -3.47 -3.82 -5.43
C GLU J . -4.75 -4.27 -4.72
O GLU J . -5.82 -4.21 -5.36
CB GLU J . -2.79 -5.03 -6.09
CG GLU J . -3.21 -5.27 -7.56
CD GLU J . -2.15 -4.77 -8.61
OE1 GLU J . -1.35 -3.84 -8.25
OE2 GLU J . -2.30 -5.24 -9.79
OXT GLU J . -4.63 -4.63 -3.52
CAF CH8 K . -1.35 10.32 -3.86
CAD CH8 K . -2.26 10.25 -2.80
CAC CH8 K . -3.26 9.30 -2.75
CAE CH8 K . -3.46 8.48 -3.87
CAG CH8 K . -2.58 8.53 -4.95
CAN CH8 K . -1.54 9.47 -4.94
OAK CH8 K . -0.68 9.55 -6.01
CAO CH8 K . -0.97 8.81 -7.13
CAI CH8 K . -0.25 7.64 -7.33
CAH CH8 K . -0.54 6.86 -8.43
CAL CH8 K . -1.44 7.35 -9.38
CL1 CH8 K . -1.79 6.47 -10.83
CAJ CH8 K . -2.12 8.55 -9.24
CAM CH8 K . -1.86 9.28 -8.10
OAA CH8 K . -2.54 10.42 -7.98
PA NAP L . -32.26 27.58 -4.57
O1A NAP L . -33.69 27.82 -4.98
O2A NAP L . -31.79 28.54 -3.53
O5B NAP L . -32.02 26.05 -4.16
C5B NAP L . -30.86 25.65 -3.45
C4B NAP L . -31.30 24.62 -2.44
O4B NAP L . -30.18 24.09 -1.78
C3B NAP L . -32.22 25.20 -1.36
O3B NAP L . -33.39 24.42 -1.25
C2B NAP L . -31.52 24.89 -0.06
O2B NAP L . -32.49 24.49 0.89
C1B NAP L . -30.61 23.74 -0.47
N9A NAP L . -29.53 23.52 0.51
C8A NAP L . -28.42 24.29 0.76
N7A NAP L . -27.74 23.75 1.79
C5A NAP L . -28.34 22.58 2.10
C6A NAP L . -28.07 21.61 3.05
N6A NAP L . -26.99 21.72 3.84
N1A NAP L . -28.90 20.53 3.17
C2A NAP L . -30.02 20.40 2.40
N3A NAP L . -30.28 21.38 1.47
C4A NAP L . -29.48 22.45 1.35
O3 NAP L . -31.23 27.73 -5.79
PN NAP L . -31.18 27.00 -7.21
O1N NAP L . -30.62 27.97 -8.17
O2N NAP L . -32.50 26.32 -7.41
O5D NAP L . -30.09 25.86 -6.89
C5D NAP L . -30.32 24.50 -7.19
C4D NAP L . -29.09 23.83 -7.78
O4D NAP L . -28.99 24.31 -9.11
C3D NAP L . -27.78 24.14 -7.08
O3D NAP L . -26.86 23.06 -7.11
C2D NAP L . -27.20 25.24 -7.96
O2D NAP L . -25.80 25.23 -7.81
C1D NAP L . -27.66 24.73 -9.33
N1N NAP L . -27.61 25.68 -10.43
C2N NAP L . -28.29 26.86 -10.35
C3N NAP L . -28.27 27.76 -11.43
C7N NAP L . -28.98 29.08 -11.36
O7N NAP L . -28.55 30.10 -12.19
N7N NAP L . -29.96 29.31 -10.49
C4N NAP L . -27.60 27.43 -12.58
C5N NAP L . -26.91 26.21 -12.63
C6N NAP L . -26.90 25.35 -11.54
P2B NAP L . -32.76 25.41 2.19
O1X NAP L . -31.50 25.78 2.93
O2X NAP L . -33.62 24.62 3.14
O3X NAP L . -33.33 26.70 1.63
N GLU M . -25.06 40.89 -8.01
CA GLU M . -24.17 42.04 -8.29
C GLU M . -23.38 42.24 -6.99
O GLU M . -22.12 42.20 -7.07
CB GLU M . -24.98 43.31 -8.70
CG GLU M . -25.25 43.54 -10.22
CD GLU M . -25.22 42.31 -11.21
OE1 GLU M . -25.85 41.26 -10.87
OE2 GLU M . -24.63 42.47 -12.32
OXT GLU M . -24.07 42.32 -5.93
CAF CH8 N . -25.84 27.82 -5.18
CAD CH8 N . -25.09 28.06 -4.01
CAC CH8 N . -24.01 28.94 -4.04
CAE CH8 N . -23.79 29.65 -5.22
CAG CH8 N . -24.57 29.46 -6.36
CAN CH8 N . -25.60 28.54 -6.33
OAK CH8 N . -26.42 28.23 -7.38
CAO CH8 N . -26.18 28.91 -8.54
CAI CH8 N . -26.84 30.10 -8.88
CAH CH8 N . -26.53 30.79 -10.07
CAL CH8 N . -25.64 30.17 -10.95
CL1 CH8 N . -25.24 30.91 -12.43
CAJ CH8 N . -25.02 28.96 -10.64
CAM CH8 N . -25.30 28.32 -9.43
OAA CH8 N . -24.67 27.16 -9.06
PA NAP O . -26.03 1.26 -41.73
O1A NAP O . -27.26 0.51 -41.34
O2A NAP O . -24.96 0.65 -42.56
O5B NAP O . -26.39 2.77 -42.11
C5B NAP O . -25.51 3.58 -42.88
C4B NAP O . -26.39 4.38 -43.84
O4B NAP O . -25.67 5.39 -44.52
C3B NAP O . -26.97 3.48 -44.93
O3B NAP O . -28.37 3.55 -44.82
C2B NAP O . -26.49 4.07 -46.22
O2B NAP O . -27.41 4.07 -47.29
C1B NAP O . -26.25 5.49 -45.81
N9A NAP O . -25.35 6.11 -46.79
C8A NAP O . -24.02 5.89 -46.98
N7A NAP O . -23.59 6.75 -47.93
C5A NAP O . -24.64 7.52 -48.32
C6A NAP O . -24.75 8.54 -49.26
N6A NAP O . -23.68 8.91 -49.99
N1A NAP O . -25.96 9.18 -49.38
C2A NAP O . -27.09 8.76 -48.67
N3A NAP O . -26.96 7.75 -47.75
C4A NAP O . -25.76 7.15 -47.59
O3 NAP O . -25.18 1.51 -40.39
PN NAP O . -25.35 2.26 -39.00
O1N NAP O . -24.36 1.58 -38.12
O2N NAP O . -26.80 2.35 -38.66
O5D NAP O . -24.90 3.76 -39.35
C5D NAP O . -25.71 4.89 -39.13
C4D NAP O . -24.88 6.04 -38.55
O4D NAP O . -24.58 5.63 -37.24
C3D NAP O . -23.52 6.29 -39.18
O3D NAP O . -23.17 7.66 -39.06
C2D NAP O . -22.51 5.62 -38.28
O2D NAP O . -21.26 6.30 -38.37
C1D NAP O . -23.21 5.87 -36.97
N1N NAP O . -22.73 5.10 -35.83
C2N NAP O . -22.79 3.74 -35.88
C3N NAP O . -22.30 3.02 -34.80
C7N NAP O . -22.33 1.52 -34.80
O7N NAP O . -21.59 0.90 -33.80
N7N NAP O . -23.04 0.80 -35.64
C4N NAP O . -21.80 3.66 -33.67
C5N NAP O . -21.81 5.05 -33.62
C6N NAP O . -22.29 5.77 -34.71
P2B NAP O . -27.28 3.00 -48.49
O1X NAP O . -26.10 3.35 -49.37
O2X NAP O . -28.61 3.01 -49.19
O3X NAP O . -26.96 1.64 -47.94
N GLU P . -13.73 -7.33 -38.25
CA GLU P . -12.44 -7.90 -37.79
C GLU P . -11.38 -7.60 -38.84
O GLU P . -10.25 -7.28 -38.40
CB GLU P . -12.62 -9.42 -37.56
CG GLU P . -12.68 -9.76 -36.06
CD GLU P . -13.38 -8.69 -35.18
OE1 GLU P . -14.43 -8.12 -35.66
OE2 GLU P . -12.90 -8.50 -34.03
OXT GLU P . -11.72 -7.71 -40.04
CAF CH8 Q . -20.32 3.82 -40.97
CAD CH8 Q . -19.51 3.99 -42.08
CAC CH8 Q . -18.14 3.69 -42.01
CAE CH8 Q . -17.62 3.19 -40.81
CAG CH8 Q . -18.46 3.00 -39.71
CAN CH8 Q . -19.80 3.32 -39.77
OAK CH8 Q . -20.62 3.15 -38.68
CAO CH8 Q . -20.06 2.73 -37.51
CAI CH8 Q . -20.04 1.38 -37.19
CAH CH8 Q . -19.46 0.95 -36.01
CAL CH8 Q . -18.91 1.86 -35.16
CL1 CH8 Q . -18.16 1.32 -33.70
CAJ CH8 Q . -18.91 3.22 -35.46
CAM CH8 Q . -19.51 3.64 -36.63
OAA CH8 Q . -19.45 4.94 -36.97
PA NAP R . 0.06 32.87 -42.82
O1A NAP R . 1.25 33.63 -42.39
O2A NAP R . -0.82 33.38 -43.89
O5B NAP R . 0.51 31.35 -43.10
C5B NAP R . -0.42 30.54 -43.78
C4B NAP R . 0.44 29.64 -44.66
O4B NAP R . -0.29 28.57 -45.21
C3B NAP R . 0.99 30.46 -45.82
O3B NAP R . 2.39 30.40 -45.71
C2B NAP R . 0.49 29.70 -47.02
O2B NAP R . 1.41 29.76 -48.08
C1B NAP R . 0.30 28.30 -46.44
N9A NAP R . -0.56 27.50 -47.34
C8A NAP R . -1.89 27.66 -47.65
N7A NAP R . -2.26 26.73 -48.56
C5A NAP R . -1.14 25.98 -48.81
C6A NAP R . -0.91 24.93 -49.70
N6A NAP R . -1.88 24.41 -50.44
N1A NAP R . 0.36 24.41 -49.75
C2A NAP R . 1.40 24.90 -48.99
N3A NAP R . 1.18 25.97 -48.17
C4A NAP R . -0.09 26.45 -48.07
O3 NAP R . -0.99 32.81 -41.61
PN NAP R . -0.79 32.21 -40.15
O1N NAP R . -1.74 32.93 -39.27
O2N NAP R . 0.64 32.12 -39.81
O5D NAP R . -1.33 30.69 -40.34
C5D NAP R . -0.52 29.60 -39.93
C4D NAP R . -1.32 28.58 -39.13
O4D NAP R . -1.65 29.13 -37.86
C3D NAP R . -2.63 28.16 -39.79
O3D NAP R . -2.85 26.79 -39.63
C2D NAP R . -3.65 28.91 -38.99
O2D NAP R . -4.94 28.39 -39.14
C1D NAP R . -3.01 28.82 -37.59
N1N NAP R . -3.52 29.74 -36.57
C2N NAP R . -3.51 31.06 -36.85
C3N NAP R . -4.00 31.95 -35.89
C7N NAP R . -3.64 33.42 -36.06
O7N NAP R . -4.31 34.27 -35.18
N7N NAP R . -2.76 33.88 -36.96
C4N NAP R . -4.47 31.48 -34.67
C5N NAP R . -4.55 30.12 -34.41
C6N NAP R . -4.05 29.27 -35.39
P2B NAP R . 1.19 30.83 -49.28
O1X NAP R . -0.06 30.56 -50.09
O2X NAP R . 2.47 30.64 -50.07
O3X NAP R . 0.94 32.21 -48.71
CAF CH8 S . -5.78 30.44 -42.09
CAD CH8 S . -6.61 30.21 -43.18
CAC CH8 S . -7.95 30.57 -43.14
CAE CH8 S . -8.44 31.20 -41.99
CAG CH8 S . -7.61 31.48 -40.92
CAN CH8 S . -6.27 31.10 -40.97
OAK CH8 S . -5.43 31.32 -39.93
CAO CH8 S . -6.06 31.81 -38.83
CAI CH8 S . -5.99 33.18 -38.60
CAH CH8 S . -6.67 33.73 -37.52
CAL CH8 S . -7.28 32.89 -36.62
CL1 CH8 S . -7.99 33.57 -35.23
CAJ CH8 S . -7.31 31.51 -36.80
CAM CH8 S . -6.69 30.97 -37.91
OAA CH8 S . -6.70 29.62 -38.10
PA NAP T . -6.57 -3.82 9.45
O1A NAP T . -7.83 -4.47 9.04
O2A NAP T . -5.97 -2.79 8.61
O5B NAP T . -6.74 -3.37 10.98
C5B NAP T . -5.83 -2.52 11.62
C4B NAP T . -6.71 -1.70 12.54
O4B NAP T . -5.94 -0.85 13.36
C3B NAP T . -7.69 -0.82 11.78
O3B NAP T . -8.99 -1.21 12.19
C2B NAP T . -7.41 0.57 12.33
O2B NAP T . -8.62 1.31 12.46
C1B NAP T . -6.76 0.23 13.66
N9A NAP T . -5.95 1.34 14.13
C8A NAP T . -4.79 1.82 13.60
N7A NAP T . -4.42 2.91 14.31
C5A NAP T . -5.34 3.13 15.29
C6A NAP T . -5.43 4.13 16.25
N6A NAP T . -4.50 5.11 16.34
N1A NAP T . -6.49 4.02 17.11
C2A NAP T . -7.47 3.05 17.00
N3A NAP T . -7.38 2.10 15.99
C4A NAP T . -6.32 2.15 15.17
O3 NAP T . -5.38 -4.90 9.38
PN NAP T . -5.06 -6.27 10.11
O1N NAP T . -4.07 -6.91 9.24
O2N NAP T . -6.36 -6.90 10.46
O5D NAP T . -4.36 -5.72 11.46
C5D NAP T . -4.79 -6.01 12.77
C4D NAP T . -3.66 -6.46 13.67
O4D NAP T . -3.17 -7.70 13.22
C3D NAP T . -2.42 -5.56 13.74
O3D NAP T . -1.99 -5.59 15.08
C2D NAP T . -1.43 -6.24 12.81
O2D NAP T . -0.07 -5.84 12.92
C1D NAP T . -1.75 -7.67 13.22
N1N NAP T . -1.25 -8.69 12.28
C2N NAP T . -1.70 -8.68 10.96
C3N NAP T . -1.24 -9.66 10.08
C7N NAP T . -1.68 -9.74 8.63
O7N NAP T . -0.92 -10.61 7.88
N7N NAP T . -2.65 -9.09 8.02
C4N NAP T . -0.34 -10.63 10.55
C5N NAP T . 0.13 -10.62 11.86
C6N NAP T . -0.35 -9.63 12.72
P2B NAP T . -8.94 2.51 11.44
O1X NAP T . -7.76 3.49 11.50
O2X NAP T . -10.21 3.15 11.85
O3X NAP T . -9.06 1.95 10.02
N GLU U . -12.63 -14.50 30.17
CA GLU U . -13.01 -15.88 30.56
C GLU U . -14.07 -15.85 31.68
O GLU U . -13.67 -15.66 32.85
CB GLU U . -11.78 -16.65 31.04
CG GLU U . -10.82 -15.73 31.80
CD GLU U . -10.05 -16.46 32.90
OE1 GLU U . -10.00 -17.70 32.77
OE2 GLU U . -9.50 -15.73 33.78
OXT GLU U . -15.26 -15.98 31.32
N GLU V . 4.58 -4.06 -2.07
CA GLU V . 5.94 -4.25 -2.56
C GLU V . 6.24 -3.06 -3.43
O GLU V . 7.26 -2.40 -3.12
CB GLU V . 5.99 -5.48 -3.47
CG GLU V . 5.58 -6.67 -2.60
CD GLU V . 4.30 -7.42 -3.00
OE1 GLU V . 4.45 -8.27 -3.91
OE2 GLU V . 3.27 -7.24 -2.28
OXT GLU V . 5.39 -2.86 -4.35
CAF CH8 W . -0.44 -3.15 10.55
CAD CH8 W . 0.14 -1.89 10.58
CAC CH8 W . 1.33 -1.64 9.91
CAE CH8 W . 2.01 -2.68 9.29
CAG CH8 W . 1.48 -3.97 9.26
CAN CH8 W . 0.21 -4.17 9.85
OAK CH8 W . -0.37 -5.39 9.90
CAO CH8 W . 0.35 -6.43 9.39
CAI CH8 W . 0.00 -6.87 8.11
CAH CH8 W . 0.77 -7.88 7.55
CAL CH8 W . 1.71 -8.54 8.34
CL1 CH8 W . 2.57 -9.86 7.66
CAJ CH8 W . 1.98 -8.18 9.64
CAM CH8 W . 1.30 -7.09 10.17
OAA CH8 W . 1.59 -6.67 11.45
PA NAP X . 24.89 4.22 34.44
O1A NAP X . 26.25 4.14 34.99
O2A NAP X . 23.91 5.06 35.18
O5B NAP X . 25.03 4.65 32.89
C5B NAP X . 23.82 4.98 32.24
C4B NAP X . 24.16 5.98 31.18
O4B NAP X . 23.07 6.26 30.33
C3B NAP X . 24.57 7.29 31.83
O3B NAP X . 25.86 7.52 31.37
C2B NAP X . 23.69 8.34 31.19
O2B NAP X . 24.47 9.48 30.91
C1B NAP X . 23.25 7.61 29.93
N9A NAP X . 22.07 8.30 29.38
C8A NAP X . 20.79 8.30 29.87
N7A NAP X . 20.03 9.09 29.11
C5A NAP X . 20.81 9.58 28.10
C6A NAP X . 20.53 10.45 27.04
N6A NAP X . 19.32 10.99 26.84
N1A NAP X . 21.57 10.75 26.20
C2A NAP X . 22.84 10.26 26.38
N3A NAP X . 23.08 9.42 27.45
C4A NAP X . 22.08 9.11 28.29
O3 NAP X . 24.19 2.79 34.47
PN NAP X . 24.60 1.39 33.80
O1N NAP X . 23.97 0.36 34.69
O2N NAP X . 26.04 1.44 33.50
O5D NAP X . 23.80 1.51 32.42
C5D NAP X . 24.43 1.32 31.16
C4D NAP X . 23.61 0.31 30.37
O4D NAP X . 23.66 -0.95 31.03
C3D NAP X . 22.13 0.66 30.27
O3D NAP X . 21.71 0.46 28.93
C2D NAP X . 21.47 -0.34 31.21
O2D NAP X . 20.10 -0.47 30.86
C1D NAP X . 22.38 -1.54 30.96
N1N NAP X . 22.29 -2.65 31.90
C2N NAP X . 22.59 -2.40 33.20
C3N NAP X . 22.45 -3.38 34.16
C7N NAP X . 22.90 -3.09 35.58
O7N NAP X . 22.58 -4.03 36.55
N7N NAP X . 23.65 -2.03 35.88
C4N NAP X . 22.10 -4.65 33.73
C5N NAP X . 21.86 -4.92 32.38
C6N NAP X . 22.02 -3.92 31.46
P2B NAP X . 24.30 10.79 31.85
O1X NAP X . 22.86 11.25 31.99
O2X NAP X . 25.25 11.84 31.30
O3X NAP X . 24.71 10.32 33.22
N GLU Y . 15.42 -0.40 45.71
CA GLU Y . 14.58 -0.88 46.83
C GLU Y . 13.32 -0.04 46.79
O GLU Y . 12.23 -0.64 46.60
CB GLU Y . 15.33 -0.76 48.19
CG GLU Y . 15.82 -2.10 48.78
CD GLU Y . 16.52 -3.07 47.78
OE1 GLU Y . 17.29 -2.59 46.91
OE2 GLU Y . 16.27 -4.30 47.91
OXT GLU Y . 13.49 1.21 46.83
CAF CH8 Z . 18.93 2.19 33.28
CAD CH8 Z . 17.87 3.09 33.21
CAC CH8 Z . 16.65 2.78 33.81
CAE CH8 Z . 16.54 1.60 34.57
CAG CH8 Z . 17.60 0.71 34.64
CAN CH8 Z . 18.80 1.00 34.00
OAK CH8 Z . 19.90 0.16 34.04
CAO CH8 Z . 19.72 -1.05 34.65
CAI CH8 Z . 20.08 -1.23 35.99
CAH CH8 Z . 19.89 -2.44 36.63
CAL CH8 Z . 19.46 -3.52 35.87
CL1 CH8 Z . 19.18 -5.00 36.72
CAJ CH8 Z . 19.06 -3.34 34.53
CAM CH8 Z . 19.23 -2.10 33.89
OAA CH8 Z . 18.95 -1.88 32.57
N GLU AA . 35.87 -5.20 10.92
CA GLU AA . 35.55 -5.98 12.13
C GLU AA . 34.34 -6.88 11.84
O GLU AA . 34.38 -8.02 12.37
CB GLU AA . 35.28 -5.06 13.34
CG GLU AA . 36.56 -4.56 14.00
CD GLU AA . 37.61 -4.05 12.98
OE1 GLU AA . 37.29 -3.03 12.31
OE2 GLU AA . 38.68 -4.69 12.89
OXT GLU AA . 33.45 -6.43 11.07
PA NAP BA . 33.60 -34.11 10.69
O1A NAP BA . 34.76 -33.43 10.11
O2A NAP BA . 33.01 -35.24 9.93
O5B NAP BA . 33.87 -34.38 12.22
C5B NAP BA . 32.98 -35.19 12.96
C4B NAP BA . 33.79 -35.99 13.98
O4B NAP BA . 32.91 -36.83 14.72
C3B NAP BA . 34.84 -36.89 13.34
O3B NAP BA . 36.14 -36.52 13.73
C2B NAP BA . 34.48 -38.27 13.84
O2B NAP BA . 35.61 -39.05 14.14
C1B NAP BA . 33.69 -37.96 15.08
N9A NAP BA . 32.90 -39.10 15.56
C8A NAP BA . 31.76 -39.66 15.06
N7A NAP BA . 31.39 -40.66 15.90
C5A NAP BA . 32.29 -40.74 16.92
C6A NAP BA . 32.41 -41.59 18.01
N6A NAP BA . 31.50 -42.54 18.24
N1A NAP BA . 33.45 -41.35 18.89
C2A NAP BA . 34.39 -40.36 18.71
N3A NAP BA . 34.24 -39.54 17.62
C4A NAP BA . 33.23 -39.74 16.74
O3 NAP BA . 32.32 -33.14 10.71
PN NAP BA . 32.15 -31.63 11.20
O1N NAP BA . 31.26 -30.97 10.22
O2N NAP BA . 33.48 -31.06 11.48
O5D NAP BA . 31.47 -32.08 12.58
C5D NAP BA . 31.94 -31.59 13.82
C4D NAP BA . 30.78 -31.10 14.70
O4D NAP BA . 30.31 -29.94 14.04
C3D NAP BA . 29.60 -32.05 14.81
O3D NAP BA . 28.89 -31.92 16.04
C2D NAP BA . 28.63 -31.52 13.77
O2D NAP BA . 27.33 -31.99 14.11
C1D NAP BA . 28.90 -30.05 14.02
N1N NAP BA . 28.37 -29.12 13.04
C2N NAP BA . 28.84 -29.18 11.77
C3N NAP BA . 28.37 -28.24 10.89
C7N NAP BA . 28.79 -28.32 9.46
O7N NAP BA . 28.04 -27.56 8.59
N7N NAP BA . 29.82 -29.05 9.06
C4N NAP BA . 27.42 -27.30 11.24
C5N NAP BA . 27.03 -27.21 12.58
C6N NAP BA . 27.51 -28.15 13.47
P2B NAP BA . 35.94 -40.30 13.17
O1X NAP BA . 34.84 -41.35 13.20
O2X NAP BA . 37.21 -40.84 13.78
O3X NAP BA . 36.06 -39.81 11.76
N GLU CA . 22.75 -35.29 -2.50
CA GLU CA . 21.69 -34.53 -1.80
C GLU CA . 20.37 -35.35 -1.68
O GLU CA . 19.35 -34.64 -1.41
CB GLU CA . 21.41 -33.19 -2.53
CG GLU CA . 22.57 -32.41 -3.21
CD GLU CA . 22.83 -31.05 -2.48
OE1 GLU CA . 22.04 -30.09 -2.75
OE2 GLU CA . 23.74 -31.04 -1.60
OXT GLU CA . 20.34 -36.61 -1.83
CAF CH8 DA . 27.43 -34.68 11.67
CAD CH8 DA . 26.84 -35.94 11.69
CAC CH8 DA . 25.63 -36.17 11.03
CAE CH8 DA . 25.01 -35.13 10.33
CAG CH8 DA . 25.61 -33.87 10.30
CAN CH8 DA . 26.81 -33.65 10.96
OAK CH8 DA . 27.40 -32.42 10.97
CAO CH8 DA . 26.70 -31.45 10.30
CAI CH8 DA . 26.99 -31.10 8.98
CAH CH8 DA . 26.30 -30.10 8.33
CAL CH8 DA . 25.28 -29.44 9.00
CL1 CH8 DA . 24.39 -28.22 8.20
CAJ CH8 DA . 25.02 -29.71 10.36
CAM CH8 DA . 25.72 -30.74 10.98
OAA CH8 DA . 25.46 -31.10 12.28
PA NAP EA . 1.92 -40.47 35.56
O1A NAP EA . 0.50 -40.32 35.95
O2A NAP EA . 2.81 -41.33 36.36
O5B NAP EA . 1.86 -40.91 34.02
C5B NAP EA . 3.02 -41.38 33.39
C4B NAP EA . 2.61 -42.49 32.43
O4B NAP EA . 3.76 -42.87 31.71
C3B NAP EA . 2.09 -43.73 33.14
O3B NAP EA . 0.77 -44.03 32.69
C2B NAP EA . 3.06 -44.79 32.68
O2B NAP EA . 2.45 -46.03 32.47
C1B NAP EA . 3.51 -44.20 31.35
N9A NAP EA . 4.69 -44.89 30.87
C8A NAP EA . 5.96 -44.87 31.39
N7A NAP EA . 6.71 -45.72 30.66
C5A NAP EA . 5.93 -46.27 29.69
C6A NAP EA . 6.19 -47.21 28.68
N6A NAP EA . 7.42 -47.72 28.56
N1A NAP EA . 5.19 -47.54 27.82
C2A NAP EA . 3.92 -47.01 27.96
N3A NAP EA . 3.64 -46.15 29.00
C4A NAP EA . 4.65 -45.79 29.82
O3 NAP EA . 2.62 -39.01 35.57
PN NAP EA . 2.13 -37.66 34.84
O1N NAP EA . 2.68 -36.55 35.64
O2N NAP EA . 0.68 -37.69 34.50
O5D NAP EA . 2.91 -37.92 33.46
C5D NAP EA . 2.30 -37.66 32.19
C4D NAP EA . 3.19 -36.74 31.37
O4D NAP EA . 3.15 -35.38 31.79
C3D NAP EA . 4.66 -37.16 31.38
O3D NAP EA . 5.16 -37.06 30.07
C2D NAP EA . 5.31 -36.05 32.18
O2D NAP EA . 6.67 -35.97 31.85
C1D NAP EA . 4.45 -34.85 31.81
N1N NAP EA . 4.49 -33.70 32.72
C2N NAP EA . 4.21 -33.86 34.05
C3N NAP EA . 4.23 -32.75 34.89
C7N NAP EA . 3.69 -32.83 36.29
O7N NAP EA . 4.05 -31.77 37.15
N7N NAP EA . 2.92 -33.86 36.68
C4N NAP EA . 4.55 -31.50 34.38
C5N NAP EA . 4.82 -31.34 33.03
C6N NAP EA . 4.83 -32.47 32.23
P2B NAP EA . 2.59 -47.21 33.56
O1X NAP EA . 3.96 -47.86 33.43
O2X NAP EA . 1.47 -48.12 33.12
O3X NAP EA . 2.51 -46.63 34.97
CAF CH8 FA . 7.77 -38.44 34.38
CAD CH8 FA . 8.88 -39.26 34.36
CAC CH8 FA . 10.05 -38.86 35.00
CAE CH8 FA . 10.12 -37.64 35.68
CAG CH8 FA . 8.99 -36.84 35.73
CAN CH8 FA . 7.81 -37.24 35.09
OAK CH8 FA . 6.70 -36.44 35.09
CAO CH8 FA . 6.90 -35.19 35.59
CAI CH8 FA . 6.50 -34.89 36.88
CAH CH8 FA . 6.70 -33.63 37.44
CAL CH8 FA . 7.26 -32.64 36.66
CL1 CH8 FA . 7.58 -31.09 37.31
CAJ CH8 FA . 7.69 -32.94 35.36
CAM CH8 FA . 7.49 -34.19 34.81
OAA CH8 FA . 7.89 -34.45 33.53
#